data_6NWC
# 
_entry.id   6NWC 
# 
_audit_conform.dict_name       mmcif_pdbx.dic 
_audit_conform.dict_version    5.379 
_audit_conform.dict_location   http://mmcif.pdb.org/dictionaries/ascii/mmcif_pdbx.dic 
# 
loop_
_database_2.database_id 
_database_2.database_code 
_database_2.pdbx_database_accession 
_database_2.pdbx_DOI 
PDB   6NWC         pdb_00006nwc 10.2210/pdb6nwc/pdb 
WWPDB D_1000235564 ?            ?                   
# 
_pdbx_database_status.status_code                     REL 
_pdbx_database_status.status_code_sf                  REL 
_pdbx_database_status.status_code_mr                  ? 
_pdbx_database_status.entry_id                        6NWC 
_pdbx_database_status.recvd_initial_deposition_date   2019-02-06 
_pdbx_database_status.SG_entry                        N 
_pdbx_database_status.deposit_site                    RCSB 
_pdbx_database_status.process_site                    RCSB 
_pdbx_database_status.status_code_cs                  ? 
_pdbx_database_status.methods_development_category    ? 
_pdbx_database_status.pdb_format_compatible           Y 
_pdbx_database_status.status_code_nmr_data            ? 
# 
loop_
_audit_author.name 
_audit_author.pdbx_ordinal 
_audit_author.identifier_ORCID 
'Peterson, F.C.' 1 ? 
'Vaidya, A.'     2 ? 
'Jensen, D.R.'   3 ? 
'Volkman, B.F.'  4 ? 
'Cutler, S.R.'   5 ? 
# 
_citation.abstract                  ? 
_citation.abstract_id_CAS           ? 
_citation.book_id_ISBN              ? 
_citation.book_publisher            ? 
_citation.book_publisher_city       ? 
_citation.book_title                ? 
_citation.coordinate_linkage        ? 
_citation.country                   US 
_citation.database_id_Medline       ? 
_citation.details                   ? 
_citation.id                        primary 
_citation.journal_abbrev            Science 
_citation.journal_id_ASTM           SCIEAS 
_citation.journal_id_CSD            0038 
_citation.journal_id_ISSN           1095-9203 
_citation.journal_full              ? 
_citation.journal_issue             ? 
_citation.journal_volume            366 
_citation.language                  ? 
_citation.page_first                ? 
_citation.page_last                 ? 
_citation.title                     'Dynamic control of plant water use using designed ABA receptor agonists.' 
_citation.year                      2019 
_citation.database_id_CSD           ? 
_citation.pdbx_database_id_DOI      10.1126/science.aaw8848 
_citation.pdbx_database_id_PubMed   31649167 
_citation.unpublished_flag          ? 
# 
loop_
_citation_author.citation_id 
_citation_author.name 
_citation_author.ordinal 
_citation_author.identifier_ORCID 
primary 'Vaidya, A.S.'     1  0000-0002-4120-1744 
primary 'Helander, J.D.M.' 2  0000-0002-4942-9305 
primary 'Peterson, F.C.'   3  0000-0001-9890-4224 
primary 'Elzinga, D.'      4  ?                   
primary 'Dejonghe, W.'     5  0000-0003-3869-2228 
primary 'Kaundal, A.'      6  0000-0002-9154-1173 
primary 'Park, S.Y.'       7  0000-0002-9651-9792 
primary 'Xing, Z.'         8  0000-0001-6335-9772 
primary 'Mega, R.'         9  0000-0003-1844-2934 
primary 'Takeuchi, J.'     10 0000-0003-3049-8965 
primary 'Khanderahoo, B.'  11 0000-0002-3307-2225 
primary 'Bishay, S.'       12 0000-0003-0450-3257 
primary 'Volkman, B.F.'    13 0000-0002-6681-5179 
primary 'Todoroki, Y.'     14 0000-0003-4650-4477 
primary 'Okamoto, M.'      15 0000-0002-1743-0408 
primary 'Cutler, S.R.'     16 0000-0002-8593-0885 
# 
_cell.angle_alpha                  90.000 
_cell.angle_alpha_esd              ? 
_cell.angle_beta                   90.000 
_cell.angle_beta_esd               ? 
_cell.angle_gamma                  120.000 
_cell.angle_gamma_esd              ? 
_cell.entry_id                     6NWC 
_cell.details                      ? 
_cell.formula_units_Z              ? 
_cell.length_a                     67.630 
_cell.length_a_esd                 ? 
_cell.length_b                     67.630 
_cell.length_b_esd                 ? 
_cell.length_c                     63.776 
_cell.length_c_esd                 ? 
_cell.volume                       ? 
_cell.volume_esd                   ? 
_cell.Z_PDB                        6 
_cell.reciprocal_angle_alpha       ? 
_cell.reciprocal_angle_beta        ? 
_cell.reciprocal_angle_gamma       ? 
_cell.reciprocal_angle_alpha_esd   ? 
_cell.reciprocal_angle_beta_esd    ? 
_cell.reciprocal_angle_gamma_esd   ? 
_cell.reciprocal_length_a          ? 
_cell.reciprocal_length_b          ? 
_cell.reciprocal_length_c          ? 
_cell.reciprocal_length_a_esd      ? 
_cell.reciprocal_length_b_esd      ? 
_cell.reciprocal_length_c_esd      ? 
_cell.pdbx_unique_axis             ? 
# 
_symmetry.entry_id                         6NWC 
_symmetry.cell_setting                     ? 
_symmetry.Int_Tables_number                152 
_symmetry.space_group_name_Hall            ? 
_symmetry.space_group_name_H-M             'P 31 2 1' 
_symmetry.pdbx_full_space_group_name_H-M   ? 
# 
loop_
_entity.id 
_entity.type 
_entity.src_method 
_entity.pdbx_description 
_entity.formula_weight 
_entity.pdbx_number_of_molecules 
_entity.pdbx_ec 
_entity.pdbx_mutation 
_entity.pdbx_fragment 
_entity.details 
1 polymer     man 'Abscisic acid receptor PYL10'                                                17246.676 1  ? ? ? ? 
2 non-polymer syn '1-{[(4-cyano-3-cyclopropylphenyl)acetyl]amino}cyclohexane-1-carboxylic acid' 326.390   1  ? ? ? ? 
3 water       nat water                                                                         18.015    24 ? ? ? ? 
# 
_entity_name_com.entity_id   1 
_entity_name_com.name        'ABI1-binding protein 8,PYR1-like protein 10,Regulatory components of ABA receptor 4' 
# 
_entity_poly.entity_id                      1 
_entity_poly.type                           'polypeptide(L)' 
_entity_poly.nstd_linkage                   no 
_entity_poly.nstd_monomer                   no 
_entity_poly.pdbx_seq_one_letter_code       
;SQCSSTLVKHIKAPLHLVWSIVRRFDEPQKYKPFISRCVVQGKKLEVGSVREVDLKSGLPATKSTEVLEILDDNEHILGI
RIVGGDHRLKNYSSTISLHSETIDGKTGTLAIESFVVDVPEGNTKEETCFFVEALIQCNLNSLADVTERLQAESM
;
_entity_poly.pdbx_seq_one_letter_code_can   
;SQCSSTLVKHIKAPLHLVWSIVRRFDEPQKYKPFISRCVVQGKKLEVGSVREVDLKSGLPATKSTEVLEILDDNEHILGI
RIVGGDHRLKNYSSTISLHSETIDGKTGTLAIESFVVDVPEGNTKEETCFFVEALIQCNLNSLADVTERLQAESM
;
_entity_poly.pdbx_strand_id                 A 
_entity_poly.pdbx_target_identifier         ? 
# 
loop_
_entity_poly_seq.entity_id 
_entity_poly_seq.num 
_entity_poly_seq.mon_id 
_entity_poly_seq.hetero 
1 1   SER n 
1 2   GLN n 
1 3   CYS n 
1 4   SER n 
1 5   SER n 
1 6   THR n 
1 7   LEU n 
1 8   VAL n 
1 9   LYS n 
1 10  HIS n 
1 11  ILE n 
1 12  LYS n 
1 13  ALA n 
1 14  PRO n 
1 15  LEU n 
1 16  HIS n 
1 17  LEU n 
1 18  VAL n 
1 19  TRP n 
1 20  SER n 
1 21  ILE n 
1 22  VAL n 
1 23  ARG n 
1 24  ARG n 
1 25  PHE n 
1 26  ASP n 
1 27  GLU n 
1 28  PRO n 
1 29  GLN n 
1 30  LYS n 
1 31  TYR n 
1 32  LYS n 
1 33  PRO n 
1 34  PHE n 
1 35  ILE n 
1 36  SER n 
1 37  ARG n 
1 38  CYS n 
1 39  VAL n 
1 40  VAL n 
1 41  GLN n 
1 42  GLY n 
1 43  LYS n 
1 44  LYS n 
1 45  LEU n 
1 46  GLU n 
1 47  VAL n 
1 48  GLY n 
1 49  SER n 
1 50  VAL n 
1 51  ARG n 
1 52  GLU n 
1 53  VAL n 
1 54  ASP n 
1 55  LEU n 
1 56  LYS n 
1 57  SER n 
1 58  GLY n 
1 59  LEU n 
1 60  PRO n 
1 61  ALA n 
1 62  THR n 
1 63  LYS n 
1 64  SER n 
1 65  THR n 
1 66  GLU n 
1 67  VAL n 
1 68  LEU n 
1 69  GLU n 
1 70  ILE n 
1 71  LEU n 
1 72  ASP n 
1 73  ASP n 
1 74  ASN n 
1 75  GLU n 
1 76  HIS n 
1 77  ILE n 
1 78  LEU n 
1 79  GLY n 
1 80  ILE n 
1 81  ARG n 
1 82  ILE n 
1 83  VAL n 
1 84  GLY n 
1 85  GLY n 
1 86  ASP n 
1 87  HIS n 
1 88  ARG n 
1 89  LEU n 
1 90  LYS n 
1 91  ASN n 
1 92  TYR n 
1 93  SER n 
1 94  SER n 
1 95  THR n 
1 96  ILE n 
1 97  SER n 
1 98  LEU n 
1 99  HIS n 
1 100 SER n 
1 101 GLU n 
1 102 THR n 
1 103 ILE n 
1 104 ASP n 
1 105 GLY n 
1 106 LYS n 
1 107 THR n 
1 108 GLY n 
1 109 THR n 
1 110 LEU n 
1 111 ALA n 
1 112 ILE n 
1 113 GLU n 
1 114 SER n 
1 115 PHE n 
1 116 VAL n 
1 117 VAL n 
1 118 ASP n 
1 119 VAL n 
1 120 PRO n 
1 121 GLU n 
1 122 GLY n 
1 123 ASN n 
1 124 THR n 
1 125 LYS n 
1 126 GLU n 
1 127 GLU n 
1 128 THR n 
1 129 CYS n 
1 130 PHE n 
1 131 PHE n 
1 132 VAL n 
1 133 GLU n 
1 134 ALA n 
1 135 LEU n 
1 136 ILE n 
1 137 GLN n 
1 138 CYS n 
1 139 ASN n 
1 140 LEU n 
1 141 ASN n 
1 142 SER n 
1 143 LEU n 
1 144 ALA n 
1 145 ASP n 
1 146 VAL n 
1 147 THR n 
1 148 GLU n 
1 149 ARG n 
1 150 LEU n 
1 151 GLN n 
1 152 ALA n 
1 153 GLU n 
1 154 SER n 
1 155 MET n 
# 
_entity_src_gen.entity_id                          1 
_entity_src_gen.pdbx_src_id                        1 
_entity_src_gen.pdbx_alt_source_flag               sample 
_entity_src_gen.pdbx_seq_type                      'Biological sequence' 
_entity_src_gen.pdbx_beg_seq_num                   1 
_entity_src_gen.pdbx_end_seq_num                   155 
_entity_src_gen.gene_src_common_name               'Mouse-ear cress' 
_entity_src_gen.gene_src_genus                     ? 
_entity_src_gen.pdbx_gene_src_gene                 'PYL10, RCAR4, At4g27920, T13J8.30' 
_entity_src_gen.gene_src_species                   ? 
_entity_src_gen.gene_src_strain                    ? 
_entity_src_gen.gene_src_tissue                    ? 
_entity_src_gen.gene_src_tissue_fraction           ? 
_entity_src_gen.gene_src_details                   ? 
_entity_src_gen.pdbx_gene_src_fragment             ? 
_entity_src_gen.pdbx_gene_src_scientific_name      'Arabidopsis thaliana' 
_entity_src_gen.pdbx_gene_src_ncbi_taxonomy_id     3702 
_entity_src_gen.pdbx_gene_src_variant              ? 
_entity_src_gen.pdbx_gene_src_cell_line            ? 
_entity_src_gen.pdbx_gene_src_atcc                 ? 
_entity_src_gen.pdbx_gene_src_organ                ? 
_entity_src_gen.pdbx_gene_src_organelle            ? 
_entity_src_gen.pdbx_gene_src_cell                 ? 
_entity_src_gen.pdbx_gene_src_cellular_location    ? 
_entity_src_gen.host_org_common_name               ? 
_entity_src_gen.pdbx_host_org_scientific_name      'Escherichia coli BL21(DE3)' 
_entity_src_gen.pdbx_host_org_ncbi_taxonomy_id     469008 
_entity_src_gen.host_org_genus                     ? 
_entity_src_gen.pdbx_host_org_gene                 ? 
_entity_src_gen.pdbx_host_org_organ                ? 
_entity_src_gen.host_org_species                   ? 
_entity_src_gen.pdbx_host_org_tissue               ? 
_entity_src_gen.pdbx_host_org_tissue_fraction      ? 
_entity_src_gen.pdbx_host_org_strain               'BL21(DE3)' 
_entity_src_gen.pdbx_host_org_variant              ? 
_entity_src_gen.pdbx_host_org_cell_line            ? 
_entity_src_gen.pdbx_host_org_atcc                 ? 
_entity_src_gen.pdbx_host_org_culture_collection   ? 
_entity_src_gen.pdbx_host_org_cell                 ? 
_entity_src_gen.pdbx_host_org_organelle            ? 
_entity_src_gen.pdbx_host_org_cellular_location    ? 
_entity_src_gen.pdbx_host_org_vector_type          ? 
_entity_src_gen.pdbx_host_org_vector               ? 
_entity_src_gen.host_org_details                   ? 
_entity_src_gen.expression_system_id               ? 
_entity_src_gen.plasmid_name                       ? 
_entity_src_gen.plasmid_details                    ? 
_entity_src_gen.pdbx_description                   ? 
# 
_struct_ref.id                         1 
_struct_ref.db_name                    UNP 
_struct_ref.db_code                    PYL10_ARATH 
_struct_ref.pdbx_db_accession          Q8H1R0 
_struct_ref.pdbx_db_isoform            ? 
_struct_ref.entity_id                  1 
_struct_ref.pdbx_seq_one_letter_code   
;SQCSSTLVKHIKAPLHLVWSIVRRFDEPQKYKPFISRCVVQGKKLEVGSVREVDLKSGLPATKSTEVLEILDDNEHILGI
RIVGGDHRLKNYSSTISLHSETIDGKTGTLAIESFVVDVPEGNTKEETCFFVEALIQCNLNSLADVTERLQAESM
;
_struct_ref.pdbx_align_begin           25 
# 
_struct_ref_seq.align_id                      1 
_struct_ref_seq.ref_id                        1 
_struct_ref_seq.pdbx_PDB_id_code              6NWC 
_struct_ref_seq.pdbx_strand_id                A 
_struct_ref_seq.seq_align_beg                 1 
_struct_ref_seq.pdbx_seq_align_beg_ins_code   ? 
_struct_ref_seq.seq_align_end                 155 
_struct_ref_seq.pdbx_seq_align_end_ins_code   ? 
_struct_ref_seq.pdbx_db_accession             Q8H1R0 
_struct_ref_seq.db_align_beg                  25 
_struct_ref_seq.pdbx_db_align_beg_ins_code    ? 
_struct_ref_seq.db_align_end                  179 
_struct_ref_seq.pdbx_db_align_end_ins_code    ? 
_struct_ref_seq.pdbx_auth_seq_align_beg       25 
_struct_ref_seq.pdbx_auth_seq_align_end       179 
# 
loop_
_chem_comp.id 
_chem_comp.type 
_chem_comp.mon_nstd_flag 
_chem_comp.name 
_chem_comp.pdbx_synonyms 
_chem_comp.formula 
_chem_comp.formula_weight 
ALA 'L-peptide linking' y ALANINE                                                                       ? 'C3 H7 N O2'     89.093  
ARG 'L-peptide linking' y ARGININE                                                                      ? 'C6 H15 N4 O2 1' 175.209 
ASN 'L-peptide linking' y ASPARAGINE                                                                    ? 'C4 H8 N2 O3'    132.118 
ASP 'L-peptide linking' y 'ASPARTIC ACID'                                                               ? 'C4 H7 N O4'     133.103 
CYS 'L-peptide linking' y CYSTEINE                                                                      ? 'C3 H7 N O2 S'   121.158 
GLN 'L-peptide linking' y GLUTAMINE                                                                     ? 'C5 H10 N2 O3'   146.144 
GLU 'L-peptide linking' y 'GLUTAMIC ACID'                                                               ? 'C5 H9 N O4'     147.129 
GLY 'peptide linking'   y GLYCINE                                                                       ? 'C2 H5 N O2'     75.067  
HIS 'L-peptide linking' y HISTIDINE                                                                     ? 'C6 H10 N3 O2 1' 156.162 
HOH non-polymer         . WATER                                                                         ? 'H2 O'           18.015  
ILE 'L-peptide linking' y ISOLEUCINE                                                                    ? 'C6 H13 N O2'    131.173 
L6P non-polymer         . '1-{[(4-cyano-3-cyclopropylphenyl)acetyl]amino}cyclohexane-1-carboxylic acid' ? 'C19 H22 N2 O3'  326.390 
LEU 'L-peptide linking' y LEUCINE                                                                       ? 'C6 H13 N O2'    131.173 
LYS 'L-peptide linking' y LYSINE                                                                        ? 'C6 H15 N2 O2 1' 147.195 
MET 'L-peptide linking' y METHIONINE                                                                    ? 'C5 H11 N O2 S'  149.211 
PHE 'L-peptide linking' y PHENYLALANINE                                                                 ? 'C9 H11 N O2'    165.189 
PRO 'L-peptide linking' y PROLINE                                                                       ? 'C5 H9 N O2'     115.130 
SER 'L-peptide linking' y SERINE                                                                        ? 'C3 H7 N O3'     105.093 
THR 'L-peptide linking' y THREONINE                                                                     ? 'C4 H9 N O3'     119.119 
TRP 'L-peptide linking' y TRYPTOPHAN                                                                    ? 'C11 H12 N2 O2'  204.225 
TYR 'L-peptide linking' y TYROSINE                                                                      ? 'C9 H11 N O3'    181.189 
VAL 'L-peptide linking' y VALINE                                                                        ? 'C5 H11 N O2'    117.146 
# 
_exptl.absorpt_coefficient_mu     ? 
_exptl.absorpt_correction_T_max   ? 
_exptl.absorpt_correction_T_min   ? 
_exptl.absorpt_correction_type    ? 
_exptl.absorpt_process_details    ? 
_exptl.entry_id                   6NWC 
_exptl.crystals_number            1 
_exptl.details                    ? 
_exptl.method                     'X-RAY DIFFRACTION' 
_exptl.method_details             ? 
# 
_exptl_crystal.colour                      ? 
_exptl_crystal.density_diffrn              ? 
_exptl_crystal.density_Matthews            2.44 
_exptl_crystal.density_method              ? 
_exptl_crystal.density_percent_sol         49.62 
_exptl_crystal.description                 ? 
_exptl_crystal.F_000                       ? 
_exptl_crystal.id                          1 
_exptl_crystal.preparation                 ? 
_exptl_crystal.size_max                    ? 
_exptl_crystal.size_mid                    ? 
_exptl_crystal.size_min                    ? 
_exptl_crystal.size_rad                    ? 
_exptl_crystal.colour_lustre               ? 
_exptl_crystal.colour_modifier             ? 
_exptl_crystal.colour_primary              ? 
_exptl_crystal.density_meas                ? 
_exptl_crystal.density_meas_esd            ? 
_exptl_crystal.density_meas_gt             ? 
_exptl_crystal.density_meas_lt             ? 
_exptl_crystal.density_meas_temp           ? 
_exptl_crystal.density_meas_temp_esd       ? 
_exptl_crystal.density_meas_temp_gt        ? 
_exptl_crystal.density_meas_temp_lt        ? 
_exptl_crystal.pdbx_crystal_image_url      ? 
_exptl_crystal.pdbx_crystal_image_format   ? 
_exptl_crystal.pdbx_mosaicity              ? 
_exptl_crystal.pdbx_mosaicity_esd          ? 
# 
_exptl_crystal_grow.apparatus       ? 
_exptl_crystal_grow.atmosphere      ? 
_exptl_crystal_grow.crystal_id      1 
_exptl_crystal_grow.details         ? 
_exptl_crystal_grow.method          'VAPOR DIFFUSION' 
_exptl_crystal_grow.method_ref      ? 
_exptl_crystal_grow.pH              7.0 
_exptl_crystal_grow.pressure        ? 
_exptl_crystal_grow.pressure_esd    ? 
_exptl_crystal_grow.seeding         ? 
_exptl_crystal_grow.seeding_ref     ? 
_exptl_crystal_grow.temp            292 
_exptl_crystal_grow.temp_details    ? 
_exptl_crystal_grow.temp_esd        ? 
_exptl_crystal_grow.time            ? 
_exptl_crystal_grow.pdbx_details    '33% Tacsimate' 
_exptl_crystal_grow.pdbx_pH_range   ? 
# 
_diffrn.ambient_environment              ? 
_diffrn.ambient_temp                     100 
_diffrn.ambient_temp_details             ? 
_diffrn.ambient_temp_esd                 ? 
_diffrn.crystal_id                       1 
_diffrn.crystal_support                  ? 
_diffrn.crystal_treatment                ? 
_diffrn.details                          ? 
_diffrn.id                               1 
_diffrn.ambient_pressure                 ? 
_diffrn.ambient_pressure_esd             ? 
_diffrn.ambient_pressure_gt              ? 
_diffrn.ambient_pressure_lt              ? 
_diffrn.ambient_temp_gt                  ? 
_diffrn.ambient_temp_lt                  ? 
_diffrn.pdbx_serial_crystal_experiment   ? 
# 
_diffrn_detector.details                      VariMax-HF 
_diffrn_detector.detector                     'IMAGE PLATE' 
_diffrn_detector.diffrn_id                    1 
_diffrn_detector.type                         'RIGAKU RAXIS IV++' 
_diffrn_detector.area_resol_mean              ? 
_diffrn_detector.dtime                        ? 
_diffrn_detector.pdbx_frames_total            ? 
_diffrn_detector.pdbx_collection_time_total   ? 
_diffrn_detector.pdbx_collection_date         2017-11-20 
_diffrn_detector.pdbx_frequency               ? 
# 
_diffrn_radiation.collimation                      ? 
_diffrn_radiation.diffrn_id                        1 
_diffrn_radiation.filter_edge                      ? 
_diffrn_radiation.inhomogeneity                    ? 
_diffrn_radiation.monochromator                    ? 
_diffrn_radiation.polarisn_norm                    ? 
_diffrn_radiation.polarisn_ratio                   ? 
_diffrn_radiation.probe                            ? 
_diffrn_radiation.type                             ? 
_diffrn_radiation.xray_symbol                      ? 
_diffrn_radiation.wavelength_id                    1 
_diffrn_radiation.pdbx_monochromatic_or_laue_m_l   M 
_diffrn_radiation.pdbx_wavelength_list             ? 
_diffrn_radiation.pdbx_wavelength                  ? 
_diffrn_radiation.pdbx_diffrn_protocol             'SINGLE WAVELENGTH' 
_diffrn_radiation.pdbx_analyzer                    ? 
_diffrn_radiation.pdbx_scattering_type             x-ray 
# 
_diffrn_radiation_wavelength.id           1 
_diffrn_radiation_wavelength.wavelength   1.54178 
_diffrn_radiation_wavelength.wt           1.0 
# 
_diffrn_source.current                     ? 
_diffrn_source.details                     ? 
_diffrn_source.diffrn_id                   1 
_diffrn_source.power                       ? 
_diffrn_source.size                        ? 
_diffrn_source.source                      'ROTATING ANODE' 
_diffrn_source.target                      ? 
_diffrn_source.type                        'RIGAKU MICROMAX-007' 
_diffrn_source.voltage                     ? 
_diffrn_source.take-off_angle              ? 
_diffrn_source.pdbx_wavelength_list        1.54178 
_diffrn_source.pdbx_wavelength             ? 
_diffrn_source.pdbx_synchrotron_beamline   ? 
_diffrn_source.pdbx_synchrotron_site       ? 
# 
_reflns.B_iso_Wilson_estimate            53.850 
_reflns.entry_id                         6NWC 
_reflns.data_reduction_details           ? 
_reflns.data_reduction_method            ? 
_reflns.d_resolution_high                2.35 
_reflns.d_resolution_low                 50 
_reflns.details                          ? 
_reflns.limit_h_max                      ? 
_reflns.limit_h_min                      ? 
_reflns.limit_k_max                      ? 
_reflns.limit_k_min                      ? 
_reflns.limit_l_max                      ? 
_reflns.limit_l_min                      ? 
_reflns.number_all                       ? 
_reflns.number_obs                       7327 
_reflns.observed_criterion               ? 
_reflns.observed_criterion_F_max         ? 
_reflns.observed_criterion_F_min         ? 
_reflns.observed_criterion_I_max         ? 
_reflns.observed_criterion_I_min         ? 
_reflns.observed_criterion_sigma_F       ? 
_reflns.observed_criterion_sigma_I       ? 
_reflns.percent_possible_obs             100 
_reflns.R_free_details                   ? 
_reflns.Rmerge_F_all                     ? 
_reflns.Rmerge_F_obs                     ? 
_reflns.Friedel_coverage                 ? 
_reflns.number_gt                        ? 
_reflns.threshold_expression             ? 
_reflns.pdbx_redundancy                  12.2 
_reflns.pdbx_Rmerge_I_obs                0.092 
_reflns.pdbx_Rmerge_I_all                ? 
_reflns.pdbx_Rsym_value                  ? 
_reflns.pdbx_netI_over_av_sigmaI         ? 
_reflns.pdbx_netI_over_sigmaI            32 
_reflns.pdbx_res_netI_over_av_sigmaI_2   ? 
_reflns.pdbx_res_netI_over_sigmaI_2      ? 
_reflns.pdbx_chi_squared                 ? 
_reflns.pdbx_scaling_rejects             ? 
_reflns.pdbx_d_res_high_opt              ? 
_reflns.pdbx_d_res_low_opt               ? 
_reflns.pdbx_d_res_opt_method            ? 
_reflns.phase_calculation_details        ? 
_reflns.pdbx_Rrim_I_all                  0.096 
_reflns.pdbx_Rpim_I_all                  0.028 
_reflns.pdbx_d_opt                       ? 
_reflns.pdbx_number_measured_all         ? 
_reflns.pdbx_diffrn_id                   1 
_reflns.pdbx_ordinal                     1 
_reflns.pdbx_CC_half                     0.998 
_reflns.pdbx_R_split                     ? 
# 
_reflns_shell.d_res_high                  2.35 
_reflns_shell.d_res_low                   2.43 
_reflns_shell.meanI_over_sigI_all         ? 
_reflns_shell.meanI_over_sigI_obs         2.4 
_reflns_shell.number_measured_all         ? 
_reflns_shell.number_measured_obs         ? 
_reflns_shell.number_possible             ? 
_reflns_shell.number_unique_all           ? 
_reflns_shell.number_unique_obs           359 
_reflns_shell.percent_possible_all        100 
_reflns_shell.percent_possible_obs        ? 
_reflns_shell.Rmerge_F_all                ? 
_reflns_shell.Rmerge_F_obs                ? 
_reflns_shell.Rmerge_I_all                ? 
_reflns_shell.Rmerge_I_obs                1.017 
_reflns_shell.meanI_over_sigI_gt          ? 
_reflns_shell.meanI_over_uI_all           ? 
_reflns_shell.meanI_over_uI_gt            ? 
_reflns_shell.number_measured_gt          ? 
_reflns_shell.number_unique_gt            ? 
_reflns_shell.percent_possible_gt         ? 
_reflns_shell.Rmerge_F_gt                 ? 
_reflns_shell.Rmerge_I_gt                 ? 
_reflns_shell.pdbx_redundancy             9.2 
_reflns_shell.pdbx_Rsym_value             ? 
_reflns_shell.pdbx_chi_squared            ? 
_reflns_shell.pdbx_netI_over_sigmaI_all   ? 
_reflns_shell.pdbx_netI_over_sigmaI_obs   ? 
_reflns_shell.pdbx_Rrim_I_all             1.076 
_reflns_shell.pdbx_Rpim_I_all             0.348 
_reflns_shell.pdbx_rejects                ? 
_reflns_shell.pdbx_ordinal                1 
_reflns_shell.pdbx_diffrn_id              1 
_reflns_shell.pdbx_CC_half                0.818 
_reflns_shell.pdbx_R_split                ? 
# 
_refine.aniso_B[1][1]                            ? 
_refine.aniso_B[1][2]                            ? 
_refine.aniso_B[1][3]                            ? 
_refine.aniso_B[2][2]                            ? 
_refine.aniso_B[2][3]                            ? 
_refine.aniso_B[3][3]                            ? 
_refine.B_iso_max                                102.880 
_refine.B_iso_mean                               56.1686 
_refine.B_iso_min                                34.980 
_refine.correlation_coeff_Fo_to_Fc               ? 
_refine.correlation_coeff_Fo_to_Fc_free          ? 
_refine.details                                  ? 
_refine.diff_density_max                         ? 
_refine.diff_density_max_esd                     ? 
_refine.diff_density_min                         ? 
_refine.diff_density_min_esd                     ? 
_refine.diff_density_rms                         ? 
_refine.diff_density_rms_esd                     ? 
_refine.entry_id                                 6NWC 
_refine.pdbx_refine_id                           'X-RAY DIFFRACTION' 
_refine.ls_abs_structure_details                 ? 
_refine.ls_abs_structure_Flack                   ? 
_refine.ls_abs_structure_Flack_esd               ? 
_refine.ls_abs_structure_Rogers                  ? 
_refine.ls_abs_structure_Rogers_esd              ? 
_refine.ls_d_res_high                            2.3500 
_refine.ls_d_res_low                             43.1380 
_refine.ls_extinction_coef                       ? 
_refine.ls_extinction_coef_esd                   ? 
_refine.ls_extinction_expression                 ? 
_refine.ls_extinction_method                     ? 
_refine.ls_goodness_of_fit_all                   ? 
_refine.ls_goodness_of_fit_all_esd               ? 
_refine.ls_goodness_of_fit_obs                   ? 
_refine.ls_goodness_of_fit_obs_esd               ? 
_refine.ls_hydrogen_treatment                    ? 
_refine.ls_matrix_type                           ? 
_refine.ls_number_constraints                    ? 
_refine.ls_number_parameters                     ? 
_refine.ls_number_reflns_all                     ? 
_refine.ls_number_reflns_obs                     7073 
_refine.ls_number_reflns_R_free                  703 
_refine.ls_number_reflns_R_work                  ? 
_refine.ls_number_restraints                     ? 
_refine.ls_percent_reflns_obs                    96.4800 
_refine.ls_percent_reflns_R_free                 9.9400 
_refine.ls_R_factor_all                          ? 
_refine.ls_R_factor_obs                          0.2039 
_refine.ls_R_factor_R_free                       0.2581 
_refine.ls_R_factor_R_free_error                 ? 
_refine.ls_R_factor_R_free_error_details         ? 
_refine.ls_R_factor_R_work                       0.1979 
_refine.ls_R_Fsqd_factor_obs                     ? 
_refine.ls_R_I_factor_obs                        ? 
_refine.ls_redundancy_reflns_all                 ? 
_refine.ls_redundancy_reflns_obs                 ? 
_refine.ls_restrained_S_all                      ? 
_refine.ls_restrained_S_obs                      ? 
_refine.ls_shift_over_esd_max                    ? 
_refine.ls_shift_over_esd_mean                   ? 
_refine.ls_structure_factor_coef                 ? 
_refine.ls_weighting_details                     ? 
_refine.ls_weighting_scheme                      ? 
_refine.ls_wR_factor_all                         ? 
_refine.ls_wR_factor_obs                         ? 
_refine.ls_wR_factor_R_free                      ? 
_refine.ls_wR_factor_R_work                      ? 
_refine.occupancy_max                            ? 
_refine.occupancy_min                            ? 
_refine.solvent_model_details                    ? 
_refine.solvent_model_param_bsol                 ? 
_refine.solvent_model_param_ksol                 ? 
_refine.ls_R_factor_gt                           ? 
_refine.ls_goodness_of_fit_gt                    ? 
_refine.ls_goodness_of_fit_ref                   ? 
_refine.ls_shift_over_su_max                     ? 
_refine.ls_shift_over_su_max_lt                  ? 
_refine.ls_shift_over_su_mean                    ? 
_refine.ls_shift_over_su_mean_lt                 ? 
_refine.pdbx_ls_sigma_I                          ? 
_refine.pdbx_ls_sigma_F                          0.000 
_refine.pdbx_ls_sigma_Fsqd                       ? 
_refine.pdbx_data_cutoff_high_absF               ? 
_refine.pdbx_data_cutoff_high_rms_absF           ? 
_refine.pdbx_data_cutoff_low_absF                ? 
_refine.pdbx_isotropic_thermal_model             ? 
_refine.pdbx_ls_cross_valid_method               THROUGHOUT 
_refine.pdbx_method_to_determine_struct          'MOLECULAR REPLACEMENT' 
_refine.pdbx_starting_model                      6NWB 
_refine.pdbx_stereochemistry_target_values       ? 
_refine.pdbx_R_Free_selection_details            ? 
_refine.pdbx_stereochem_target_val_spec_case     ? 
_refine.pdbx_overall_ESU_R                       ? 
_refine.pdbx_overall_ESU_R_Free                  ? 
_refine.pdbx_solvent_vdw_probe_radii             1.1100 
_refine.pdbx_solvent_ion_probe_radii             ? 
_refine.pdbx_solvent_shrinkage_radii             0.9000 
_refine.pdbx_real_space_R                        ? 
_refine.pdbx_density_correlation                 ? 
_refine.pdbx_pd_number_of_powder_patterns        ? 
_refine.pdbx_pd_number_of_points                 ? 
_refine.pdbx_pd_meas_number_of_points            ? 
_refine.pdbx_pd_proc_ls_prof_R_factor            ? 
_refine.pdbx_pd_proc_ls_prof_wR_factor           ? 
_refine.pdbx_pd_Marquardt_correlation_coeff      ? 
_refine.pdbx_pd_Fsqrd_R_factor                   ? 
_refine.pdbx_pd_ls_matrix_band_width             ? 
_refine.pdbx_overall_phase_error                 27.8700 
_refine.pdbx_overall_SU_R_free_Cruickshank_DPI   ? 
_refine.pdbx_overall_SU_R_free_Blow_DPI          ? 
_refine.pdbx_overall_SU_R_Blow_DPI               ? 
_refine.pdbx_TLS_residual_ADP_flag               ? 
_refine.pdbx_diffrn_id                           1 
_refine.overall_SU_B                             ? 
_refine.overall_SU_ML                            0.3000 
_refine.overall_SU_R_Cruickshank_DPI             ? 
_refine.overall_SU_R_free                        ? 
_refine.overall_FOM_free_R_set                   ? 
_refine.overall_FOM_work_R_set                   ? 
_refine.pdbx_average_fsc_overall                 ? 
_refine.pdbx_average_fsc_work                    ? 
_refine.pdbx_average_fsc_free                    ? 
# 
_refine_hist.cycle_id                         final 
_refine_hist.pdbx_refine_id                   'X-RAY DIFFRACTION' 
_refine_hist.d_res_high                       2.3500 
_refine_hist.d_res_low                        43.1380 
_refine_hist.pdbx_number_atoms_ligand         24 
_refine_hist.number_atoms_solvent             24 
_refine_hist.number_atoms_total               1256 
_refine_hist.pdbx_number_residues_total       155 
_refine_hist.pdbx_B_iso_mean_ligand           56.13 
_refine_hist.pdbx_B_iso_mean_solvent          52.26 
_refine_hist.pdbx_number_atoms_protein        1208 
_refine_hist.pdbx_number_atoms_nucleic_acid   0 
# 
loop_
_refine_ls_restr.pdbx_refine_id 
_refine_ls_restr.criterion 
_refine_ls_restr.dev_ideal 
_refine_ls_restr.dev_ideal_target 
_refine_ls_restr.number 
_refine_ls_restr.rejects 
_refine_ls_restr.type 
_refine_ls_restr.weight 
_refine_ls_restr.pdbx_restraint_function 
'X-RAY DIFFRACTION' ? 0.006  ? 1252 ? f_bond_d           ? ? 
'X-RAY DIFFRACTION' ? 0.825  ? 1694 ? f_angle_d          ? ? 
'X-RAY DIFFRACTION' ? 0.054  ? 200  ? f_chiral_restr     ? ? 
'X-RAY DIFFRACTION' ? 0.006  ? 214  ? f_plane_restr      ? ? 
'X-RAY DIFFRACTION' ? 16.214 ? 781  ? f_dihedral_angle_d ? ? 
# 
loop_
_refine_ls_shell.pdbx_refine_id 
_refine_ls_shell.d_res_high 
_refine_ls_shell.d_res_low 
_refine_ls_shell.number_reflns_all 
_refine_ls_shell.number_reflns_obs 
_refine_ls_shell.number_reflns_R_free 
_refine_ls_shell.number_reflns_R_work 
_refine_ls_shell.percent_reflns_obs 
_refine_ls_shell.percent_reflns_R_free 
_refine_ls_shell.R_factor_all 
_refine_ls_shell.R_factor_obs 
_refine_ls_shell.R_factor_R_free 
_refine_ls_shell.R_factor_R_free_error 
_refine_ls_shell.R_factor_R_work 
_refine_ls_shell.redundancy_reflns_all 
_refine_ls_shell.redundancy_reflns_obs 
_refine_ls_shell.wR_factor_all 
_refine_ls_shell.wR_factor_obs 
_refine_ls_shell.wR_factor_R_free 
_refine_ls_shell.wR_factor_R_work 
_refine_ls_shell.pdbx_total_number_of_bins_used 
_refine_ls_shell.pdbx_phase_error 
_refine_ls_shell.pdbx_fsc_work 
_refine_ls_shell.pdbx_fsc_free 
'X-RAY DIFFRACTION' 2.3500 2.5314  1288 . 129 1159 90.0000  . . . 0.3159 0.0000 0.2598 . . . . . . 5 . . . 
'X-RAY DIFFRACTION' 2.5314 2.7862  1375 . 140 1235 95.0000  . . . 0.3301 0.0000 0.2528 . . . . . . 5 . . . 
'X-RAY DIFFRACTION' 2.7862 3.1892  1418 . 138 1280 98.0000  . . . 0.3082 0.0000 0.2410 . . . . . . 5 . . . 
'X-RAY DIFFRACTION' 3.1892 4.0176  1455 . 151 1304 100.0000 . . . 0.2726 0.0000 0.1894 . . . . . . 5 . . . 
'X-RAY DIFFRACTION' 4.0176 43.1455 1537 . 145 1392 100.0000 . . . 0.2137 0.0000 0.1742 . . . . . . 5 . . . 
# 
_struct.entry_id                     6NWC 
_struct.title                        'PYL10 bound to the ABA pan-agonist 3CB' 
_struct.pdbx_model_details           ? 
_struct.pdbx_formula_weight          ? 
_struct.pdbx_formula_weight_method   ? 
_struct.pdbx_model_type_details      ? 
_struct.pdbx_CASP_flag               N 
# 
_struct_keywords.entry_id        6NWC 
_struct_keywords.text            'PYR/PYL/RCAR, PYL10, HORMONE RECEPTOR, PLANT PROTEIN' 
_struct_keywords.pdbx_keywords   'PLANT PROTEIN' 
# 
loop_
_struct_asym.id 
_struct_asym.pdbx_blank_PDB_chainid_flag 
_struct_asym.pdbx_modified 
_struct_asym.entity_id 
_struct_asym.details 
A N N 1 ? 
B N N 2 ? 
C N N 3 ? 
# 
loop_
_struct_conf.conf_type_id 
_struct_conf.id 
_struct_conf.pdbx_PDB_helix_id 
_struct_conf.beg_label_comp_id 
_struct_conf.beg_label_asym_id 
_struct_conf.beg_label_seq_id 
_struct_conf.pdbx_beg_PDB_ins_code 
_struct_conf.end_label_comp_id 
_struct_conf.end_label_asym_id 
_struct_conf.end_label_seq_id 
_struct_conf.pdbx_end_PDB_ins_code 
_struct_conf.beg_auth_comp_id 
_struct_conf.beg_auth_asym_id 
_struct_conf.beg_auth_seq_id 
_struct_conf.end_auth_comp_id 
_struct_conf.end_auth_asym_id 
_struct_conf.end_auth_seq_id 
_struct_conf.pdbx_PDB_helix_class 
_struct_conf.details 
_struct_conf.pdbx_PDB_helix_length 
HELX_P HELX_P1 AA1 PRO A 14  ? ARG A 23  ? PRO A 38  ARG A 47  1 ? 10 
HELX_P HELX_P2 AA2 GLU A 27  ? TYR A 31  ? GLU A 51  TYR A 55  5 ? 5  
HELX_P HELX_P3 AA3 THR A 124 ? SER A 154 ? THR A 148 SER A 178 1 ? 31 
# 
_struct_conf_type.id          HELX_P 
_struct_conf_type.criteria    ? 
_struct_conf_type.reference   ? 
# 
_struct_sheet.id               AA1 
_struct_sheet.type             ? 
_struct_sheet.number_strands   7 
_struct_sheet.details          ? 
# 
loop_
_struct_sheet_order.sheet_id 
_struct_sheet_order.range_id_1 
_struct_sheet_order.range_id_2 
_struct_sheet_order.offset 
_struct_sheet_order.sense 
AA1 1 2 ? anti-parallel 
AA1 2 3 ? anti-parallel 
AA1 3 4 ? anti-parallel 
AA1 4 5 ? anti-parallel 
AA1 5 6 ? anti-parallel 
AA1 6 7 ? anti-parallel 
# 
loop_
_struct_sheet_range.sheet_id 
_struct_sheet_range.id 
_struct_sheet_range.beg_label_comp_id 
_struct_sheet_range.beg_label_asym_id 
_struct_sheet_range.beg_label_seq_id 
_struct_sheet_range.pdbx_beg_PDB_ins_code 
_struct_sheet_range.end_label_comp_id 
_struct_sheet_range.end_label_asym_id 
_struct_sheet_range.end_label_seq_id 
_struct_sheet_range.pdbx_end_PDB_ins_code 
_struct_sheet_range.beg_auth_comp_id 
_struct_sheet_range.beg_auth_asym_id 
_struct_sheet_range.beg_auth_seq_id 
_struct_sheet_range.end_auth_comp_id 
_struct_sheet_range.end_auth_asym_id 
_struct_sheet_range.end_auth_seq_id 
AA1 1 GLN A 2   ? ILE A 11  ? GLN A 26  ILE A 35  
AA1 2 LYS A 106 ? ASP A 118 ? LYS A 130 ASP A 142 
AA1 3 SER A 93  ? ILE A 103 ? SER A 117 ILE A 127 
AA1 4 ILE A 77  ? GLY A 85  ? ILE A 101 GLY A 109 
AA1 5 LYS A 63  ? ASP A 72  ? LYS A 87  ASP A 96  
AA1 6 VAL A 50  ? LEU A 55  ? VAL A 74  LEU A 79  
AA1 7 ILE A 35  ? VAL A 40  ? ILE A 59  VAL A 64  
# 
loop_
_pdbx_struct_sheet_hbond.sheet_id 
_pdbx_struct_sheet_hbond.range_id_1 
_pdbx_struct_sheet_hbond.range_id_2 
_pdbx_struct_sheet_hbond.range_1_label_atom_id 
_pdbx_struct_sheet_hbond.range_1_label_comp_id 
_pdbx_struct_sheet_hbond.range_1_label_asym_id 
_pdbx_struct_sheet_hbond.range_1_label_seq_id 
_pdbx_struct_sheet_hbond.range_1_PDB_ins_code 
_pdbx_struct_sheet_hbond.range_1_auth_atom_id 
_pdbx_struct_sheet_hbond.range_1_auth_comp_id 
_pdbx_struct_sheet_hbond.range_1_auth_asym_id 
_pdbx_struct_sheet_hbond.range_1_auth_seq_id 
_pdbx_struct_sheet_hbond.range_2_label_atom_id 
_pdbx_struct_sheet_hbond.range_2_label_comp_id 
_pdbx_struct_sheet_hbond.range_2_label_asym_id 
_pdbx_struct_sheet_hbond.range_2_label_seq_id 
_pdbx_struct_sheet_hbond.range_2_PDB_ins_code 
_pdbx_struct_sheet_hbond.range_2_auth_atom_id 
_pdbx_struct_sheet_hbond.range_2_auth_comp_id 
_pdbx_struct_sheet_hbond.range_2_auth_asym_id 
_pdbx_struct_sheet_hbond.range_2_auth_seq_id 
AA1 1 2 N ILE A 11  ? N ILE A 35  O THR A 109 ? O THR A 133 
AA1 2 3 O LEU A 110 ? O LEU A 134 N HIS A 99  ? N HIS A 123 
AA1 3 4 O ILE A 96  ? O ILE A 120 N LEU A 78  ? N LEU A 102 
AA1 4 5 O GLY A 79  ? O GLY A 103 N ILE A 70  ? N ILE A 94  
AA1 5 6 O SER A 64  ? O SER A 88  N VAL A 53  ? N VAL A 77  
AA1 6 7 O ASP A 54  ? O ASP A 78  N ARG A 37  ? N ARG A 61  
# 
_struct_site.id                   AC1 
_struct_site.pdbx_evidence_code   Software 
_struct_site.pdbx_auth_asym_id    A 
_struct_site.pdbx_auth_comp_id    L6P 
_struct_site.pdbx_auth_seq_id     201 
_struct_site.pdbx_auth_ins_code   ? 
_struct_site.pdbx_num_residues    8 
_struct_site.details              'binding site for residue L6P A 201' 
# 
loop_
_struct_site_gen.id 
_struct_site_gen.site_id 
_struct_site_gen.pdbx_num_res 
_struct_site_gen.label_comp_id 
_struct_site_gen.label_asym_id 
_struct_site_gen.label_seq_id 
_struct_site_gen.pdbx_auth_ins_code 
_struct_site_gen.auth_comp_id 
_struct_site_gen.auth_asym_id 
_struct_site_gen.auth_seq_id 
_struct_site_gen.label_atom_id 
_struct_site_gen.label_alt_id 
_struct_site_gen.symmetry 
_struct_site_gen.details 
1 AC1 8 LYS A 32  ? LYS A 56  . ? 1_555 ? 
2 AC1 8 LEU A 55  ? LEU A 79  . ? 1_555 ? 
3 AC1 8 LEU A 59  ? LEU A 83  . ? 1_555 ? 
4 AC1 8 HIS A 87  ? HIS A 111 . ? 1_555 ? 
5 AC1 8 LEU A 89  ? LEU A 113 . ? 1_555 ? 
6 AC1 8 TYR A 92  ? TYR A 116 . ? 1_555 ? 
7 AC1 8 ASN A 139 ? ASN A 163 . ? 1_555 ? 
8 AC1 8 HOH C .   ? HOH A 304 . ? 1_555 ? 
# 
_atom_sites.entry_id                    6NWC 
_atom_sites.fract_transf_matrix[1][1]   0.01279142 
_atom_sites.fract_transf_matrix[1][2]   0.00039706 
_atom_sites.fract_transf_matrix[1][3]   0.01130169 
_atom_sites.fract_transf_matrix[2][1]   0.00645972 
_atom_sites.fract_transf_matrix[2][2]   -0.01458095 
_atom_sites.fract_transf_matrix[2][3]   0.00609831 
_atom_sites.fract_transf_matrix[3][1]   0.01038542 
_atom_sites.fract_transf_matrix[3][2]   -0.00031057 
_atom_sites.fract_transf_matrix[3][3]   -0.01174346 
_atom_sites.fract_transf_vector[1]      0.501234 
_atom_sites.fract_transf_vector[2]      0.359565 
_atom_sites.fract_transf_vector[3]      -0.157705 
# 
loop_
_atom_type.symbol 
C 
N 
O 
S 
# 
loop_
_atom_site.group_PDB 
_atom_site.id 
_atom_site.type_symbol 
_atom_site.label_atom_id 
_atom_site.label_alt_id 
_atom_site.label_comp_id 
_atom_site.label_asym_id 
_atom_site.label_entity_id 
_atom_site.label_seq_id 
_atom_site.pdbx_PDB_ins_code 
_atom_site.Cartn_x 
_atom_site.Cartn_y 
_atom_site.Cartn_z 
_atom_site.occupancy 
_atom_site.B_iso_or_equiv 
_atom_site.pdbx_formal_charge 
_atom_site.auth_seq_id 
_atom_site.auth_comp_id 
_atom_site.auth_asym_id 
_atom_site.auth_atom_id 
_atom_site.pdbx_PDB_model_num 
ATOM   1    N N   . SER A 1 1   ? 22.786  -2.744  5.288   1.00 76.11  ? 25  SER A N   1 
ATOM   2    C CA  . SER A 1 1   ? 21.776  -3.446  6.075   1.00 72.44  ? 25  SER A CA  1 
ATOM   3    C C   . SER A 1 1   ? 20.439  -2.698  6.050   1.00 70.16  ? 25  SER A C   1 
ATOM   4    O O   . SER A 1 1   ? 19.666  -2.751  7.003   1.00 65.24  ? 25  SER A O   1 
ATOM   5    C CB  . SER A 1 1   ? 22.252  -3.630  7.519   1.00 76.32  ? 25  SER A CB  1 
ATOM   6    O OG  . SER A 1 1   ? 22.332  -2.383  8.185   1.00 74.59  ? 25  SER A OG  1 
ATOM   7    N N   . GLN A 1 2   ? 20.174  -2.005  4.944   1.00 73.60  ? 26  GLN A N   1 
ATOM   8    C CA  . GLN A 1 2   ? 18.900  -1.325  4.749   1.00 65.95  ? 26  GLN A CA  1 
ATOM   9    C C   . GLN A 1 2   ? 18.716  -0.904  3.300   1.00 69.64  ? 26  GLN A C   1 
ATOM   10   O O   . GLN A 1 2   ? 19.619  -0.312  2.702   1.00 70.18  ? 26  GLN A O   1 
ATOM   11   C CB  . GLN A 1 2   ? 18.798  -0.105  5.648   1.00 65.59  ? 26  GLN A CB  1 
ATOM   12   C CG  . GLN A 1 2   ? 17.408  0.456   5.707   1.00 66.58  ? 26  GLN A CG  1 
ATOM   13   C CD  . GLN A 1 2   ? 17.289  1.514   6.764   1.00 73.20  ? 26  GLN A CD  1 
ATOM   14   O OE1 . GLN A 1 2   ? 18.008  2.515   6.733   1.00 77.03  ? 26  GLN A OE1 1 
ATOM   15   N NE2 . GLN A 1 2   ? 16.389  1.300   7.728   1.00 71.51  ? 26  GLN A NE2 1 
ATOM   16   N N   . CYS A 1 3   ? 17.553  -1.191  2.726   1.00 66.79  ? 27  CYS A N   1 
ATOM   17   C CA  . CYS A 1 3   ? 17.271  -0.824  1.347   1.00 66.63  ? 27  CYS A CA  1 
ATOM   18   C C   . CYS A 1 3   ? 15.987  -0.009  1.290   1.00 60.50  ? 27  CYS A C   1 
ATOM   19   O O   . CYS A 1 3   ? 15.124  -0.117  2.165   1.00 54.73  ? 27  CYS A O   1 
ATOM   20   C CB  . CYS A 1 3   ? 17.143  -2.052  0.455   1.00 68.00  ? 27  CYS A CB  1 
ATOM   21   S SG  . CYS A 1 3   ? 15.745  -3.066  0.918   1.00 71.07  ? 27  CYS A SG  1 
ATOM   22   N N   . SER A 1 4   ? 15.877  0.809   0.246   1.00 58.27  ? 28  SER A N   1 
ATOM   23   C CA  . SER A 1 4   ? 14.749  1.710   0.067   1.00 54.32  ? 28  SER A CA  1 
ATOM   24   C C   . SER A 1 4   ? 14.547  1.968   -1.418  1.00 57.38  ? 28  SER A C   1 
ATOM   25   O O   . SER A 1 4   ? 15.519  2.091   -2.173  1.00 54.32  ? 28  SER A O   1 
ATOM   26   C CB  . SER A 1 4   ? 14.971  3.030   0.804   1.00 52.25  ? 28  SER A CB  1 
ATOM   27   O OG  . SER A 1 4   ? 16.201  3.615   0.429   1.00 52.31  ? 28  SER A OG  1 
ATOM   28   N N   . SER A 1 5   ? 13.282  2.052   -1.829  1.00 48.65  ? 29  SER A N   1 
ATOM   29   C CA  . SER A 1 5   ? 12.948  2.237   -3.235  1.00 50.41  ? 29  SER A CA  1 
ATOM   30   C C   . SER A 1 5   ? 11.579  2.883   -3.346  1.00 49.13  ? 29  SER A C   1 
ATOM   31   O O   . SER A 1 5   ? 10.821  2.973   -2.376  1.00 51.07  ? 29  SER A O   1 
ATOM   32   C CB  . SER A 1 5   ? 12.946  0.915   -4.023  1.00 49.73  ? 29  SER A CB  1 
ATOM   33   O OG  . SER A 1 5   ? 14.215  0.293   -4.009  1.00 64.26  ? 29  SER A OG  1 
ATOM   34   N N   . THR A 1 6   ? 11.258  3.294   -4.565  1.00 43.40  ? 30  THR A N   1 
ATOM   35   C CA  . THR A 1 6   ? 10.031  4.004   -4.864  1.00 46.53  ? 30  THR A CA  1 
ATOM   36   C C   . THR A 1 6   ? 9.409   3.392   -6.101  1.00 46.06  ? 30  THR A C   1 
ATOM   37   O O   . THR A 1 6   ? 10.091  3.212   -7.108  1.00 53.95  ? 30  THR A O   1 
ATOM   38   C CB  . THR A 1 6   ? 10.316  5.488   -5.098  1.00 49.21  ? 30  THR A CB  1 
ATOM   39   O OG1 . THR A 1 6   ? 10.771  6.092   -3.875  1.00 49.59  ? 30  THR A OG1 1 
ATOM   40   C CG2 . THR A 1 6   ? 9.068   6.188   -5.595  1.00 46.33  ? 30  THR A CG2 1 
ATOM   41   N N   . LEU A 1 7   ? 8.120   3.097   -6.038  1.00 47.61  ? 31  LEU A N   1 
ATOM   42   C CA  . LEU A 1 7   ? 7.394   2.551   -7.176  1.00 47.56  ? 31  LEU A CA  1 
ATOM   43   C C   . LEU A 1 7   ? 6.250   3.484   -7.546  1.00 48.80  ? 31  LEU A C   1 
ATOM   44   O O   . LEU A 1 7   ? 5.666   4.141   -6.678  1.00 46.13  ? 31  LEU A O   1 
ATOM   45   C CB  . LEU A 1 7   ? 6.866   1.162   -6.851  1.00 50.61  ? 31  LEU A CB  1 
ATOM   46   C CG  . LEU A 1 7   ? 8.032   0.267   -6.445  1.00 49.49  ? 31  LEU A CG  1 
ATOM   47   C CD1 . LEU A 1 7   ? 8.102   0.117   -4.928  1.00 45.54  ? 31  LEU A CD1 1 
ATOM   48   C CD2 . LEU A 1 7   ? 7.896   -1.064  -7.113  1.00 55.37  ? 31  LEU A CD2 1 
ATOM   49   N N   . VAL A 1 8   ? 5.945   3.568   -8.847  1.00 43.77  ? 32  VAL A N   1 
ATOM   50   C CA  . VAL A 1 8   ? 4.955   4.519   -9.333  1.00 41.90  ? 32  VAL A CA  1 
ATOM   51   C C   . VAL A 1 8   ? 4.000   3.845   -10.306 1.00 46.21  ? 32  VAL A C   1 
ATOM   52   O O   . VAL A 1 8   ? 4.320   2.838   -10.937 1.00 39.88  ? 32  VAL A O   1 
ATOM   53   C CB  . VAL A 1 8   ? 5.585   5.746   -10.009 1.00 45.40  ? 32  VAL A CB  1 
ATOM   54   C CG1 . VAL A 1 8   ? 6.536   6.438   -9.054  1.00 48.00  ? 32  VAL A CG1 1 
ATOM   55   C CG2 . VAL A 1 8   ? 6.278   5.349   -11.299 1.00 44.66  ? 32  VAL A CG2 1 
ATOM   56   N N   . LYS A 1 9   ? 2.805   4.425   -10.424 1.00 42.27  ? 33  LYS A N   1 
ATOM   57   C CA  . LYS A 1 9   ? 1.793   3.865   -11.301 1.00 41.69  ? 33  LYS A CA  1 
ATOM   58   C C   . LYS A 1 9   ? 0.898   4.997   -11.758 1.00 44.85  ? 33  LYS A C   1 
ATOM   59   O O   . LYS A 1 9   ? 0.394   5.757   -10.926 1.00 44.00  ? 33  LYS A O   1 
ATOM   60   C CB  . LYS A 1 9   ? 0.980   2.780   -10.585 1.00 44.86  ? 33  LYS A CB  1 
ATOM   61   C CG  . LYS A 1 9   ? -0.082  2.113   -11.441 1.00 45.12  ? 33  LYS A CG  1 
ATOM   62   C CD  . LYS A 1 9   ? 0.547   1.257   -12.548 1.00 48.19  ? 33  LYS A CD  1 
ATOM   63   C CE  . LYS A 1 9   ? -0.516  0.610   -13.434 1.00 47.01  ? 33  LYS A CE  1 
ATOM   64   N NZ  . LYS A 1 9   ? 0.053   -0.298  -14.458 1.00 52.14  ? 33  LYS A NZ  1 
ATOM   65   N N   . HIS A 1 10  ? 0.741   5.131   -13.072 1.00 44.84  ? 34  HIS A N   1 
ATOM   66   C CA  . HIS A 1 10  ? -0.213  6.069   -13.649 1.00 51.08  ? 34  HIS A CA  1 
ATOM   67   C C   . HIS A 1 10  ? -1.570  5.395   -13.731 1.00 49.64  ? 34  HIS A C   1 
ATOM   68   O O   . HIS A 1 10  ? -1.679  4.283   -14.270 1.00 45.02  ? 34  HIS A O   1 
ATOM   69   C CB  . HIS A 1 10  ? 0.238   6.530   -15.033 1.00 48.53  ? 34  HIS A CB  1 
ATOM   70   C CG  . HIS A 1 10  ? 1.469   7.374   -15.001 1.00 50.01  ? 34  HIS A CG  1 
ATOM   71   N ND1 . HIS A 1 10  ? 1.423   8.751   -14.956 1.00 54.42  ? 34  HIS A ND1 1 
ATOM   72   C CD2 . HIS A 1 10  ? 2.781   7.036   -14.969 1.00 48.38  ? 34  HIS A CD2 1 
ATOM   73   C CE1 . HIS A 1 10  ? 2.657   9.226   -14.914 1.00 56.34  ? 34  HIS A CE1 1 
ATOM   74   N NE2 . HIS A 1 10  ? 3.500   8.207   -14.925 1.00 49.36  ? 34  HIS A NE2 1 
ATOM   75   N N   . ILE A 1 11  ? -2.598  6.065   -13.196 1.00 43.94  ? 35  ILE A N   1 
ATOM   76   C CA  . ILE A 1 11  ? -3.932  5.481   -13.058 1.00 48.57  ? 35  ILE A CA  1 
ATOM   77   C C   . ILE A 1 11  ? -4.950  6.358   -13.777 1.00 52.07  ? 35  ILE A C   1 
ATOM   78   O O   . ILE A 1 11  ? -5.010  7.571   -13.541 1.00 50.71  ? 35  ILE A O   1 
ATOM   79   C CB  . ILE A 1 11  ? -4.323  5.314   -11.578 1.00 45.50  ? 35  ILE A CB  1 
ATOM   80   C CG1 . ILE A 1 11  ? -3.249  4.546   -10.818 1.00 43.37  ? 35  ILE A CG1 1 
ATOM   81   C CG2 . ILE A 1 11  ? -5.668  4.636   -11.466 1.00 42.47  ? 35  ILE A CG2 1 
ATOM   82   C CD1 . ILE A 1 11  ? -3.510  4.503   -9.323  1.00 41.47  ? 35  ILE A CD1 1 
ATOM   83   N N   . LYS A 1 12  ? -5.782  5.735   -14.617 1.00 57.31  ? 36  LYS A N   1 
ATOM   84   C CA  . LYS A 1 12  ? -6.785  6.458   -15.410 1.00 55.19  ? 36  LYS A CA  1 
ATOM   85   C C   . LYS A 1 12  ? -8.101  6.597   -14.637 1.00 55.06  ? 36  LYS A C   1 
ATOM   86   O O   . LYS A 1 12  ? -9.149  6.097   -15.035 1.00 57.72  ? 36  LYS A O   1 
ATOM   87   C CB  . LYS A 1 12  ? -7.002  5.755   -16.746 1.00 53.86  ? 36  LYS A CB  1 
ATOM   88   C CG  . LYS A 1 12  ? -5.842  5.875   -17.722 1.00 55.80  ? 36  LYS A CG  1 
ATOM   89   C CD  . LYS A 1 12  ? -5.775  4.652   -18.627 1.00 57.05  ? 36  LYS A CD  1 
ATOM   90   C CE  . LYS A 1 12  ? -4.597  4.740   -19.569 1.00 65.23  ? 36  LYS A CE  1 
ATOM   91   N NZ  . LYS A 1 12  ? -3.973  3.401   -19.776 1.00 69.52  ? 36  LYS A NZ  1 
ATOM   92   N N   . ALA A 1 13  ? -8.022  7.294   -13.509 1.00 50.26  ? 37  ALA A N   1 
ATOM   93   C CA  . ALA A 1 13  ? -9.170  7.564   -12.658 1.00 49.16  ? 37  ALA A CA  1 
ATOM   94   C C   . ALA A 1 13  ? -8.922  8.878   -11.935 1.00 50.52  ? 37  ALA A C   1 
ATOM   95   O O   . ALA A 1 13  ? -7.770  9.302   -11.792 1.00 54.60  ? 37  ALA A O   1 
ATOM   96   C CB  . ALA A 1 13  ? -9.399  6.434   -11.647 1.00 52.26  ? 37  ALA A CB  1 
ATOM   97   N N   . PRO A 1 14  ? -9.976  9.554   -11.486 1.00 50.63  ? 38  PRO A N   1 
ATOM   98   C CA  . PRO A 1 14  ? -9.766  10.825  -10.776 1.00 54.50  ? 38  PRO A CA  1 
ATOM   99   C C   . PRO A 1 14  ? -9.139  10.610  -9.401  1.00 50.56  ? 38  PRO A C   1 
ATOM   100  O O   . PRO A 1 14  ? -9.441  9.638   -8.704  1.00 51.90  ? 38  PRO A O   1 
ATOM   101  C CB  . PRO A 1 14  ? -11.181 11.412  -10.668 1.00 48.84  ? 38  PRO A CB  1 
ATOM   102  C CG  . PRO A 1 14  ? -12.001 10.670  -11.680 1.00 51.04  ? 38  PRO A CG  1 
ATOM   103  C CD  . PRO A 1 14  ? -11.403 9.305   -11.765 1.00 51.14  ? 38  PRO A CD  1 
ATOM   104  N N   . LEU A 1 15  ? -8.271  11.546  -9.009  1.00 49.34  ? 39  LEU A N   1 
ATOM   105  C CA  . LEU A 1 15  ? -7.567  11.418  -7.734  1.00 51.59  ? 39  LEU A CA  1 
ATOM   106  C C   . LEU A 1 15  ? -8.534  11.245  -6.567  1.00 50.56  ? 39  LEU A C   1 
ATOM   107  O O   . LEU A 1 15  ? -8.277  10.443  -5.659  1.00 45.58  ? 39  LEU A O   1 
ATOM   108  C CB  . LEU A 1 15  ? -6.654  12.625  -7.503  1.00 50.88  ? 39  LEU A CB  1 
ATOM   109  C CG  . LEU A 1 15  ? -5.816  12.630  -6.217  1.00 47.29  ? 39  LEU A CG  1 
ATOM   110  C CD1 . LEU A 1 15  ? -4.395  13.083  -6.468  1.00 50.50  ? 39  LEU A CD1 1 
ATOM   111  C CD2 . LEU A 1 15  ? -6.439  13.537  -5.211  1.00 49.15  ? 39  LEU A CD2 1 
ATOM   112  N N   . HIS A 1 16  ? -9.654  11.971  -6.569  1.00 55.18  ? 40  HIS A N   1 
ATOM   113  C CA  . HIS A 1 16  ? -10.585 11.819  -5.454  1.00 54.40  ? 40  HIS A CA  1 
ATOM   114  C C   . HIS A 1 16  ? -11.103 10.390  -5.379  1.00 50.78  ? 40  HIS A C   1 
ATOM   115  O O   . HIS A 1 16  ? -11.332 9.869   -4.279  1.00 50.14  ? 40  HIS A O   1 
ATOM   116  C CB  . HIS A 1 16  ? -11.734 12.838  -5.545  1.00 54.89  ? 40  HIS A CB  1 
ATOM   117  C CG  . HIS A 1 16  ? -12.462 12.836  -6.855  1.00 66.60  ? 40  HIS A CG  1 
ATOM   118  N ND1 . HIS A 1 16  ? -13.516 11.983  -7.123  1.00 65.27  ? 40  HIS A ND1 1 
ATOM   119  C CD2 . HIS A 1 16  ? -12.298 13.594  -7.970  1.00 70.19  ? 40  HIS A CD2 1 
ATOM   120  C CE1 . HIS A 1 16  ? -13.960 12.211  -8.348  1.00 64.07  ? 40  HIS A CE1 1 
ATOM   121  N NE2 . HIS A 1 16  ? -13.241 13.183  -8.883  1.00 69.06  ? 40  HIS A NE2 1 
ATOM   122  N N   . LEU A 1 17  ? -11.198 9.717   -6.528  1.00 49.96  ? 41  LEU A N   1 
ATOM   123  C CA  . LEU A 1 17  ? -11.663 8.337   -6.575  1.00 51.17  ? 41  LEU A CA  1 
ATOM   124  C C   . LEU A 1 17  ? -10.583 7.355   -6.125  1.00 48.79  ? 41  LEU A C   1 
ATOM   125  O O   . LEU A 1 17  ? -10.880 6.373   -5.436  1.00 46.83  ? 41  LEU A O   1 
ATOM   126  C CB  . LEU A 1 17  ? -12.139 8.003   -7.989  1.00 44.68  ? 41  LEU A CB  1 
ATOM   127  C CG  . LEU A 1 17  ? -12.612 6.566   -8.203  1.00 51.14  ? 41  LEU A CG  1 
ATOM   128  C CD1 . LEU A 1 17  ? -13.843 6.260   -7.360  1.00 49.14  ? 41  LEU A CD1 1 
ATOM   129  C CD2 . LEU A 1 17  ? -12.885 6.284   -9.666  1.00 53.99  ? 41  LEU A CD2 1 
ATOM   130  N N   . VAL A 1 18  ? -9.330  7.578   -6.516  1.00 50.49  ? 42  VAL A N   1 
ATOM   131  C CA  . VAL A 1 18  ? -8.266  6.700   -6.041  1.00 47.54  ? 42  VAL A CA  1 
ATOM   132  C C   . VAL A 1 18  ? -8.045  6.906   -4.549  1.00 49.01  ? 42  VAL A C   1 
ATOM   133  O O   . VAL A 1 18  ? -7.823  5.948   -3.799  1.00 50.41  ? 42  VAL A O   1 
ATOM   134  C CB  . VAL A 1 18  ? -6.977  6.937   -6.847  1.00 47.90  ? 42  VAL A CB  1 
ATOM   135  C CG1 . VAL A 1 18  ? -5.842  6.066   -6.321  1.00 44.02  ? 42  VAL A CG1 1 
ATOM   136  C CG2 . VAL A 1 18  ? -7.225  6.665   -8.312  1.00 48.14  ? 42  VAL A CG2 1 
ATOM   137  N N   . TRP A 1 19  ? -8.123  8.155   -4.089  1.00 48.12  ? 43  TRP A N   1 
ATOM   138  C CA  . TRP A 1 19  ? -7.898  8.422   -2.676  1.00 46.49  ? 43  TRP A CA  1 
ATOM   139  C C   . TRP A 1 19  ? -8.949  7.739   -1.806  1.00 51.83  ? 43  TRP A C   1 
ATOM   140  O O   . TRP A 1 19  ? -8.630  7.213   -0.726  1.00 46.16  ? 43  TRP A O   1 
ATOM   141  C CB  . TRP A 1 19  ? -7.876  9.925   -2.416  1.00 46.79  ? 43  TRP A CB  1 
ATOM   142  C CG  . TRP A 1 19  ? -7.619  10.226  -0.978  1.00 48.43  ? 43  TRP A CG  1 
ATOM   143  C CD1 . TRP A 1 19  ? -8.457  10.864  -0.117  1.00 49.43  ? 43  TRP A CD1 1 
ATOM   144  C CD2 . TRP A 1 19  ? -6.456  9.854   -0.213  1.00 50.84  ? 43  TRP A CD2 1 
ATOM   145  N NE1 . TRP A 1 19  ? -7.885  10.933  1.135   1.00 49.87  ? 43  TRP A NE1 1 
ATOM   146  C CE2 . TRP A 1 19  ? -6.660  10.315  1.105   1.00 48.21  ? 43  TRP A CE2 1 
ATOM   147  C CE3 . TRP A 1 19  ? -5.264  9.172   -0.515  1.00 44.81  ? 43  TRP A CE3 1 
ATOM   148  C CZ2 . TRP A 1 19  ? -5.714  10.130  2.121   1.00 49.07  ? 43  TRP A CZ2 1 
ATOM   149  C CZ3 . TRP A 1 19  ? -4.319  8.986   0.496   1.00 44.23  ? 43  TRP A CZ3 1 
ATOM   150  C CH2 . TRP A 1 19  ? -4.548  9.472   1.798   1.00 46.87  ? 43  TRP A CH2 1 
ATOM   151  N N   . SER A 1 20  ? -10.202 7.713   -2.267  1.00 48.03  ? 44  SER A N   1 
ATOM   152  C CA  . SER A 1 20  ? -11.245 7.050   -1.499  1.00 48.72  ? 44  SER A CA  1 
ATOM   153  C C   . SER A 1 20  ? -10.937 5.574   -1.288  1.00 49.99  ? 44  SER A C   1 
ATOM   154  O O   . SER A 1 20  ? -11.415 4.986   -0.311  1.00 52.26  ? 44  SER A O   1 
ATOM   155  C CB  . SER A 1 20  ? -12.618 7.225   -2.182  1.00 48.53  ? 44  SER A CB  1 
ATOM   156  O OG  . SER A 1 20  ? -12.685 6.567   -3.449  1.00 50.53  ? 44  SER A OG  1 
ATOM   157  N N   . ILE A 1 21  ? -10.146 4.960   -2.163  1.00 46.41  ? 45  ILE A N   1 
ATOM   158  C CA  . ILE A 1 21  ? -9.745  3.577   -1.932  1.00 43.22  ? 45  ILE A CA  1 
ATOM   159  C C   . ILE A 1 21  ? -8.474  3.505   -1.093  1.00 46.74  ? 45  ILE A C   1 
ATOM   160  O O   . ILE A 1 21  ? -8.401  2.727   -0.137  1.00 45.77  ? 45  ILE A O   1 
ATOM   161  C CB  . ILE A 1 21  ? -9.583  2.845   -3.276  1.00 46.46  ? 45  ILE A CB  1 
ATOM   162  C CG1 . ILE A 1 21  ? -10.930 2.726   -3.983  1.00 50.91  ? 45  ILE A CG1 1 
ATOM   163  C CG2 . ILE A 1 21  ? -8.976  1.461   -3.072  1.00 50.99  ? 45  ILE A CG2 1 
ATOM   164  C CD1 . ILE A 1 21  ? -11.959 1.881   -3.220  1.00 50.48  ? 45  ILE A CD1 1 
ATOM   165  N N   . VAL A 1 22  ? -7.481  4.342   -1.412  1.00 45.01  ? 46  VAL A N   1 
ATOM   166  C CA  . VAL A 1 22  ? -6.170  4.247   -0.776  1.00 41.68  ? 46  VAL A CA  1 
ATOM   167  C C   . VAL A 1 22  ? -6.231  4.586   0.712   1.00 46.63  ? 46  VAL A C   1 
ATOM   168  O O   . VAL A 1 22  ? -5.478  4.017   1.516   1.00 47.89  ? 46  VAL A O   1 
ATOM   169  C CB  . VAL A 1 22  ? -5.169  5.152   -1.516  1.00 43.89  ? 46  VAL A CB  1 
ATOM   170  C CG1 . VAL A 1 22  ? -3.884  5.302   -0.706  1.00 37.32  ? 46  VAL A CG1 1 
ATOM   171  C CG2 . VAL A 1 22  ? -4.863  4.582   -2.907  1.00 46.38  ? 46  VAL A CG2 1 
ATOM   172  N N   . ARG A 1 23  ? -7.118  5.498   1.119   1.00 43.63  ? 47  ARG A N   1 
ATOM   173  C CA  . ARG A 1 23  ? -7.116  5.918   2.518   1.00 44.97  ? 47  ARG A CA  1 
ATOM   174  C C   . ARG A 1 23  ? -7.735  4.885   3.452   1.00 45.29  ? 47  ARG A C   1 
ATOM   175  O O   . ARG A 1 23  ? -7.639  5.044   4.669   1.00 46.91  ? 47  ARG A O   1 
ATOM   176  C CB  . ARG A 1 23  ? -7.858  7.250   2.677   1.00 45.68  ? 47  ARG A CB  1 
ATOM   177  C CG  . ARG A 1 23  ? -9.380  7.141   2.519   1.00 41.55  ? 47  ARG A CG  1 
ATOM   178  C CD  . ARG A 1 23  ? -10.044 8.513   2.374   1.00 50.42  ? 47  ARG A CD  1 
ATOM   179  N NE  . ARG A 1 23  ? -9.983  9.323   3.595   1.00 53.33  ? 47  ARG A NE  1 
ATOM   180  C CZ  . ARG A 1 23  ? -10.777 9.140   4.647   1.00 52.76  ? 47  ARG A CZ  1 
ATOM   181  N NH1 . ARG A 1 23  ? -11.675 8.169   4.618   1.00 50.60  ? 47  ARG A NH1 1 
ATOM   182  N NH2 . ARG A 1 23  ? -10.665 9.913   5.729   1.00 50.52  ? 47  ARG A NH2 1 
ATOM   183  N N   . ARG A 1 24  ? -8.381  3.850   2.928   1.00 45.95  ? 48  ARG A N   1 
ATOM   184  C CA  . ARG A 1 24  ? -9.095  2.902   3.777   1.00 44.32  ? 48  ARG A CA  1 
ATOM   185  C C   . ARG A 1 24  ? -8.069  2.020   4.474   1.00 47.20  ? 48  ARG A C   1 
ATOM   186  O O   . ARG A 1 24  ? -7.794  0.886   4.078   1.00 45.85  ? 48  ARG A O   1 
ATOM   187  C CB  . ARG A 1 24  ? -10.094 2.080   2.970   1.00 50.11  ? 48  ARG A CB  1 
ATOM   188  C CG  . ARG A 1 24  ? -11.306 2.881   2.454   1.00 52.09  ? 48  ARG A CG  1 
ATOM   189  C CD  . ARG A 1 24  ? -11.960 3.699   3.562   1.00 48.74  ? 48  ARG A CD  1 
ATOM   190  N NE  . ARG A 1 24  ? -12.464 2.844   4.629   1.00 55.51  ? 48  ARG A NE  1 
ATOM   191  C CZ  . ARG A 1 24  ? -13.680 2.295   4.653   1.00 62.70  ? 48  ARG A CZ  1 
ATOM   192  N NH1 . ARG A 1 24  ? -14.540 2.512   3.661   1.00 60.47  ? 48  ARG A NH1 1 
ATOM   193  N NH2 . ARG A 1 24  ? -14.037 1.518   5.676   1.00 58.26  ? 48  ARG A NH2 1 
ATOM   194  N N   . PHE A 1 25  ? -7.495  2.559   5.552   1.00 51.73  ? 49  PHE A N   1 
ATOM   195  C CA  . PHE A 1 25  ? -6.498  1.810   6.307   1.00 49.95  ? 49  PHE A CA  1 
ATOM   196  C C   . PHE A 1 25  ? -7.053  0.471   6.769   1.00 51.12  ? 49  PHE A C   1 
ATOM   197  O O   . PHE A 1 25  ? -6.302  -0.503  6.909   1.00 53.69  ? 49  PHE A O   1 
ATOM   198  C CB  . PHE A 1 25  ? -6.017  2.656   7.490   1.00 47.67  ? 49  PHE A CB  1 
ATOM   199  C CG  . PHE A 1 25  ? -5.093  1.939   8.426   1.00 44.78  ? 49  PHE A CG  1 
ATOM   200  C CD1 . PHE A 1 25  ? -5.524  1.559   9.680   1.00 44.59  ? 49  PHE A CD1 1 
ATOM   201  C CD2 . PHE A 1 25  ? -3.791  1.647   8.055   1.00 47.06  ? 49  PHE A CD2 1 
ATOM   202  C CE1 . PHE A 1 25  ? -4.674  0.897   10.555  1.00 46.16  ? 49  PHE A CE1 1 
ATOM   203  C CE2 . PHE A 1 25  ? -2.930  0.993   8.920   1.00 43.49  ? 49  PHE A CE2 1 
ATOM   204  C CZ  . PHE A 1 25  ? -3.373  0.621   10.172  1.00 47.47  ? 49  PHE A CZ  1 
ATOM   205  N N   . ASP A 1 26  ? -8.367  0.391   6.953   1.00 49.03  ? 50  ASP A N   1 
ATOM   206  C CA  . ASP A 1 26  ? -9.028  -0.789  7.482   1.00 51.12  ? 50  ASP A CA  1 
ATOM   207  C C   . ASP A 1 26  ? -9.457  -1.781  6.411   1.00 51.78  ? 50  ASP A C   1 
ATOM   208  O O   . ASP A 1 26  ? -9.891  -2.880  6.754   1.00 56.13  ? 50  ASP A O   1 
ATOM   209  C CB  . ASP A 1 26  ? -10.252 -0.362  8.284   1.00 60.02  ? 50  ASP A CB  1 
ATOM   210  C CG  . ASP A 1 26  ? -11.222 0.463   7.458   1.00 58.97  ? 50  ASP A CG  1 
ATOM   211  O OD1 . ASP A 1 26  ? -10.752 1.218   6.570   1.00 53.33  ? 50  ASP A OD1 1 
ATOM   212  O OD2 . ASP A 1 26  ? -12.445 0.347   7.693   1.00 58.12  ? 50  ASP A OD2 1 
ATOM   213  N N   . GLU A 1 27  ? -9.355  -1.435  5.129   1.00 56.37  ? 51  GLU A N   1 
ATOM   214  C CA  . GLU A 1 27  ? -9.746  -2.335  4.041   1.00 55.18  ? 51  GLU A CA  1 
ATOM   215  C C   . GLU A 1 27  ? -8.676  -2.374  2.959   1.00 55.73  ? 51  GLU A C   1 
ATOM   216  O O   . GLU A 1 27  ? -8.931  -2.042  1.798   1.00 55.13  ? 51  GLU A O   1 
ATOM   217  C CB  . GLU A 1 27  ? -11.090 -1.913  3.450   1.00 56.38  ? 51  GLU A CB  1 
ATOM   218  C CG  . GLU A 1 27  ? -12.237 -2.002  4.443   1.00 63.64  ? 51  GLU A CG  1 
ATOM   219  C CD  . GLU A 1 27  ? -13.583 -1.720  3.807   1.00 65.86  ? 51  GLU A CD  1 
ATOM   220  O OE1 . GLU A 1 27  ? -13.599 -1.220  2.666   1.00 61.54  ? 51  GLU A OE1 1 
ATOM   221  O OE2 . GLU A 1 27  ? -14.621 -2.008  4.448   1.00 68.14  ? 51  GLU A OE2 1 
ATOM   222  N N   . PRO A 1 28  ? -7.457  -2.787  3.300   1.00 53.41  ? 52  PRO A N   1 
ATOM   223  C CA  . PRO A 1 28  ? -6.436  -2.901  2.252   1.00 50.84  ? 52  PRO A CA  1 
ATOM   224  C C   . PRO A 1 28  ? -6.776  -3.979  1.242   1.00 53.98  ? 52  PRO A C   1 
ATOM   225  O O   . PRO A 1 28  ? -6.438  -3.833  0.060   1.00 54.68  ? 52  PRO A O   1 
ATOM   226  C CB  . PRO A 1 28  ? -5.166  -3.232  3.041   1.00 52.38  ? 52  PRO A CB  1 
ATOM   227  C CG  . PRO A 1 28  ? -5.683  -3.972  4.253   1.00 50.18  ? 52  PRO A CG  1 
ATOM   228  C CD  . PRO A 1 28  ? -6.974  -3.290  4.599   1.00 50.27  ? 52  PRO A CD  1 
ATOM   229  N N   . GLN A 1 29  ? -7.465  -5.043  1.668   1.00 52.94  ? 53  GLN A N   1 
ATOM   230  C CA  . GLN A 1 29  ? -7.845  -6.130  0.778   1.00 50.12  ? 53  GLN A CA  1 
ATOM   231  C C   . GLN A 1 29  ? -8.749  -5.668  -0.357  1.00 53.79  ? 53  GLN A C   1 
ATOM   232  O O   . GLN A 1 29  ? -8.893  -6.400  -1.341  1.00 57.22  ? 53  GLN A O   1 
ATOM   233  C CB  . GLN A 1 29  ? -8.519  -7.255  1.578   1.00 56.75  ? 53  GLN A CB  1 
ATOM   234  C CG  . GLN A 1 29  ? -9.986  -7.017  1.997   1.00 47.10  ? 53  GLN A CG  1 
ATOM   235  C CD  . GLN A 1 29  ? -10.155 -6.226  3.303   1.00 57.98  ? 53  GLN A CD  1 
ATOM   236  O OE1 . GLN A 1 29  ? -9.189  -5.712  3.879   1.00 54.32  ? 53  GLN A OE1 1 
ATOM   237  N NE2 . GLN A 1 29  ? -11.397 -6.135  3.774   1.00 55.92  ? 53  GLN A NE2 1 
ATOM   238  N N   . LYS A 1 30  ? -9.341  -4.472  -0.252  1.00 51.67  ? 54  LYS A N   1 
ATOM   239  C CA  . LYS A 1 30  ? -10.093 -3.897  -1.362  1.00 52.87  ? 54  LYS A CA  1 
ATOM   240  C C   . LYS A 1 30  ? -9.313  -3.892  -2.668  1.00 57.64  ? 54  LYS A C   1 
ATOM   241  O O   . LYS A 1 30  ? -9.930  -3.797  -3.734  1.00 61.17  ? 54  LYS A O   1 
ATOM   242  C CB  . LYS A 1 30  ? -10.487 -2.451  -1.056  1.00 56.69  ? 54  LYS A CB  1 
ATOM   243  C CG  . LYS A 1 30  ? -11.862 -2.248  -0.458  1.00 64.99  ? 54  LYS A CG  1 
ATOM   244  C CD  . LYS A 1 30  ? -12.048 -0.785  -0.040  1.00 62.43  ? 54  LYS A CD  1 
ATOM   245  C CE  . LYS A 1 30  ? -13.454 -0.313  -0.350  1.00 68.51  ? 54  LYS A CE  1 
ATOM   246  N NZ  . LYS A 1 30  ? -14.479 -1.337  0.047   1.00 71.66  ? 54  LYS A NZ  1 
ATOM   247  N N   . TYR A 1 31  ? -7.976  -3.957  -2.622  1.00 52.51  ? 55  TYR A N   1 
ATOM   248  C CA  . TYR A 1 31  ? -7.216  -3.946  -3.866  1.00 51.91  ? 55  TYR A CA  1 
ATOM   249  C C   . TYR A 1 31  ? -5.865  -4.627  -3.753  1.00 56.02  ? 55  TYR A C   1 
ATOM   250  O O   . TYR A 1 31  ? -5.183  -4.805  -4.766  1.00 53.06  ? 55  TYR A O   1 
ATOM   251  C CB  . TYR A 1 31  ? -6.997  -2.520  -4.357  1.00 51.41  ? 55  TYR A CB  1 
ATOM   252  C CG  . TYR A 1 31  ? -6.004  -1.720  -3.550  1.00 49.22  ? 55  TYR A CG  1 
ATOM   253  C CD1 . TYR A 1 31  ? -4.645  -1.766  -3.827  1.00 51.66  ? 55  TYR A CD1 1 
ATOM   254  C CD2 . TYR A 1 31  ? -6.432  -0.896  -2.533  1.00 49.98  ? 55  TYR A CD2 1 
ATOM   255  C CE1 . TYR A 1 31  ? -3.746  -1.025  -3.098  1.00 48.83  ? 55  TYR A CE1 1 
ATOM   256  C CE2 . TYR A 1 31  ? -5.544  -0.145  -1.811  1.00 51.27  ? 55  TYR A CE2 1 
ATOM   257  C CZ  . TYR A 1 31  ? -4.204  -0.207  -2.096  1.00 45.56  ? 55  TYR A CZ  1 
ATOM   258  O OH  . TYR A 1 31  ? -3.327  0.555   -1.356  1.00 47.63  ? 55  TYR A OH  1 
ATOM   259  N N   . LYS A 1 32  ? -5.440  -4.967  -2.540  1.00 55.59  ? 56  LYS A N   1 
ATOM   260  C CA  . LYS A 1 32  ? -4.153  -5.622  -2.370  1.00 54.39  ? 56  LYS A CA  1 
ATOM   261  C C   . LYS A 1 32  ? -4.354  -7.123  -2.520  1.00 55.73  ? 56  LYS A C   1 
ATOM   262  O O   . LYS A 1 32  ? -4.979  -7.743  -1.649  1.00 58.19  ? 56  LYS A O   1 
ATOM   263  C CB  . LYS A 1 32  ? -3.548  -5.282  -1.021  1.00 53.86  ? 56  LYS A CB  1 
ATOM   264  C CG  . LYS A 1 32  ? -3.083  -3.838  -0.917  1.00 53.60  ? 56  LYS A CG  1 
ATOM   265  C CD  . LYS A 1 32  ? -2.327  -3.605  0.380   1.00 55.09  ? 56  LYS A CD  1 
ATOM   266  C CE  . LYS A 1 32  ? -1.740  -2.191  0.459   1.00 60.39  ? 56  LYS A CE  1 
ATOM   267  N NZ  . LYS A 1 32  ? -0.895  -2.052  1.693   1.00 60.86  ? 56  LYS A NZ  1 
ATOM   268  N N   . PRO A 1 33  ? -3.853  -7.745  -3.589  1.00 58.33  ? 57  PRO A N   1 
ATOM   269  C CA  . PRO A 1 33  ? -4.277  -9.121  -3.914  1.00 58.40  ? 57  PRO A CA  1 
ATOM   270  C C   . PRO A 1 33  ? -3.840  -10.179 -2.915  1.00 58.95  ? 57  PRO A C   1 
ATOM   271  O O   . PRO A 1 33  ? -4.427  -11.266 -2.906  1.00 62.17  ? 57  PRO A O   1 
ATOM   272  C CB  . PRO A 1 33  ? -3.641  -9.370  -5.284  1.00 59.26  ? 57  PRO A CB  1 
ATOM   273  C CG  . PRO A 1 33  ? -3.350  -7.988  -5.841  1.00 56.64  ? 57  PRO A CG  1 
ATOM   274  C CD  . PRO A 1 33  ? -3.050  -7.131  -4.662  1.00 56.42  ? 57  PRO A CD  1 
ATOM   275  N N   . PHE A 1 34  ? -2.847  -9.912  -2.073  1.00 59.61  ? 58  PHE A N   1 
ATOM   276  C CA  . PHE A 1 34  ? -2.281  -10.938 -1.208  1.00 56.29  ? 58  PHE A CA  1 
ATOM   277  C C   . PHE A 1 34  ? -2.806  -10.865 0.208   1.00 58.11  ? 58  PHE A C   1 
ATOM   278  O O   . PHE A 1 34  ? -2.299  -11.573 1.085   1.00 60.45  ? 58  PHE A O   1 
ATOM   279  C CB  . PHE A 1 34  ? -0.760  -10.838 -1.186  1.00 56.52  ? 58  PHE A CB  1 
ATOM   280  C CG  . PHE A 1 34  ? -0.132  -10.911 -2.546  1.00 62.50  ? 58  PHE A CG  1 
ATOM   281  C CD1 . PHE A 1 34  ? -0.319  -12.026 -3.350  1.00 59.47  ? 58  PHE A CD1 1 
ATOM   282  C CD2 . PHE A 1 34  ? 0.657   -9.872  -3.014  1.00 58.68  ? 58  PHE A CD2 1 
ATOM   283  C CE1 . PHE A 1 34  ? 0.260   -12.102 -4.596  1.00 61.41  ? 58  PHE A CE1 1 
ATOM   284  C CE2 . PHE A 1 34  ? 1.245   -9.946  -4.259  1.00 64.72  ? 58  PHE A CE2 1 
ATOM   285  C CZ  . PHE A 1 34  ? 1.042   -11.064 -5.053  1.00 60.69  ? 58  PHE A CZ  1 
ATOM   286  N N   . ILE A 1 35  ? -3.791  -10.015 0.460   1.00 57.44  ? 59  ILE A N   1 
ATOM   287  C CA  . ILE A 1 35  ? -4.361  -9.848  1.786   1.00 58.74  ? 59  ILE A CA  1 
ATOM   288  C C   . ILE A 1 35  ? -5.781  -10.371 1.750   1.00 59.30  ? 59  ILE A C   1 
ATOM   289  O O   . ILE A 1 35  ? -6.577  -9.964  0.895   1.00 60.73  ? 59  ILE A O   1 
ATOM   290  C CB  . ILE A 1 35  ? -4.327  -8.381  2.240   1.00 57.89  ? 59  ILE A CB  1 
ATOM   291  C CG1 . ILE A 1 35  ? -2.885  -7.968  2.544   1.00 58.02  ? 59  ILE A CG1 1 
ATOM   292  C CG2 . ILE A 1 35  ? -5.260  -8.181  3.428   1.00 56.22  ? 59  ILE A CG2 1 
ATOM   293  C CD1 . ILE A 1 35  ? -2.704  -6.489  2.738   1.00 54.70  ? 59  ILE A CD1 1 
ATOM   294  N N   . SER A 1 36  ? -6.095  -11.276 2.671   1.00 57.47  ? 60  SER A N   1 
ATOM   295  C CA  . SER A 1 36  ? -7.430  -11.847 2.696   1.00 63.94  ? 60  SER A CA  1 
ATOM   296  C C   . SER A 1 36  ? -8.359  -11.057 3.610   1.00 66.89  ? 60  SER A C   1 
ATOM   297  O O   . SER A 1 36  ? -9.469  -10.709 3.201   1.00 64.42  ? 60  SER A O   1 
ATOM   298  C CB  . SER A 1 36  ? -7.370  -13.314 3.122   1.00 67.87  ? 60  SER A CB  1 
ATOM   299  O OG  . SER A 1 36  ? -8.544  -13.985 2.699   1.00 81.05  ? 60  SER A OG  1 
ATOM   300  N N   . ARG A 1 37  ? -7.915  -10.739 4.830   1.00 60.35  ? 61  ARG A N   1 
ATOM   301  C CA  . ARG A 1 37  ? -8.788  -10.088 5.801   1.00 63.50  ? 61  ARG A CA  1 
ATOM   302  C C   . ARG A 1 37  ? -8.017  -9.058  6.632   1.00 59.91  ? 61  ARG A C   1 
ATOM   303  O O   . ARG A 1 37  ? -6.788  -9.113  6.763   1.00 56.98  ? 61  ARG A O   1 
ATOM   304  C CB  . ARG A 1 37  ? -9.486  -11.151 6.682   1.00 62.07  ? 61  ARG A CB  1 
ATOM   305  C CG  . ARG A 1 37  ? -10.728 -11.767 5.975   1.00 69.63  ? 61  ARG A CG  1 
ATOM   306  C CD  . ARG A 1 37  ? -10.924 -13.302 6.121   1.00 77.64  ? 61  ARG A CD  1 
ATOM   307  N NE  . ARG A 1 37  ? -11.844 -13.835 5.090   1.00 86.85  ? 61  ARG A NE  1 
ATOM   308  C CZ  . ARG A 1 37  ? -12.465 -15.022 5.126   1.00 85.45  ? 61  ARG A CZ  1 
ATOM   309  N NH1 . ARG A 1 37  ? -12.301 -15.860 6.147   1.00 83.74  ? 61  ARG A NH1 1 
ATOM   310  N NH2 . ARG A 1 37  ? -13.267 -15.379 4.126   1.00 84.48  ? 61  ARG A NH2 1 
ATOM   311  N N   . CYS A 1 38  ? -8.763  -8.101  7.192   1.00 58.05  ? 62  CYS A N   1 
ATOM   312  C CA  . CYS A 1 38  ? -8.176  -7.007  7.958   1.00 55.73  ? 62  CYS A CA  1 
ATOM   313  C C   . CYS A 1 38  ? -9.132  -6.563  9.054   1.00 53.60  ? 62  CYS A C   1 
ATOM   314  O O   . CYS A 1 38  ? -10.304 -6.312  8.769   1.00 61.55  ? 62  CYS A O   1 
ATOM   315  C CB  . CYS A 1 38  ? -7.850  -5.817  7.050   1.00 54.63  ? 62  CYS A CB  1 
ATOM   316  S SG  . CYS A 1 38  ? -6.932  -4.509  7.887   1.00 51.58  ? 62  CYS A SG  1 
ATOM   317  N N   . VAL A 1 39  ? -8.624  -6.429  10.287  1.00 53.59  ? 63  VAL A N   1 
ATOM   318  C CA  . VAL A 1 39  ? -9.419  -6.029  11.455  1.00 55.57  ? 63  VAL A CA  1 
ATOM   319  C C   . VAL A 1 39  ? -8.771  -4.811  12.108  1.00 52.44  ? 63  VAL A C   1 
ATOM   320  O O   . VAL A 1 39  ? -7.553  -4.798  12.325  1.00 53.52  ? 63  VAL A O   1 
ATOM   321  C CB  . VAL A 1 39  ? -9.539  -7.175  12.489  1.00 56.31  ? 63  VAL A CB  1 
ATOM   322  C CG1 . VAL A 1 39  ? -10.614 -6.856  13.530  1.00 48.83  ? 63  VAL A CG1 1 
ATOM   323  C CG2 . VAL A 1 39  ? -9.805  -8.520  11.805  1.00 46.62  ? 63  VAL A CG2 1 
ATOM   324  N N   . VAL A 1 40  ? -9.581  -3.808  12.451  1.00 51.22  ? 64  VAL A N   1 
ATOM   325  C CA  . VAL A 1 40  ? -9.104  -2.593  13.116  1.00 52.09  ? 64  VAL A CA  1 
ATOM   326  C C   . VAL A 1 40  ? -10.021 -2.267  14.287  1.00 57.44  ? 64  VAL A C   1 
ATOM   327  O O   . VAL A 1 40  ? -11.249 -2.279  14.144  1.00 59.92  ? 64  VAL A O   1 
ATOM   328  C CB  . VAL A 1 40  ? -9.055  -1.378  12.163  1.00 59.62  ? 64  VAL A CB  1 
ATOM   329  C CG1 . VAL A 1 40  ? -8.661  -0.098  12.934  1.00 54.91  ? 64  VAL A CG1 1 
ATOM   330  C CG2 . VAL A 1 40  ? -8.120  -1.631  10.980  1.00 54.70  ? 64  VAL A CG2 1 
ATOM   331  N N   . GLN A 1 41  ? -9.429  -1.936  15.429  1.00 55.90  ? 65  GLN A N   1 
ATOM   332  C CA  . GLN A 1 41  ? -10.185 -1.495  16.592  1.00 56.32  ? 65  GLN A CA  1 
ATOM   333  C C   . GLN A 1 41  ? -10.150 0.029   16.738  1.00 59.39  ? 65  GLN A C   1 
ATOM   334  O O   . GLN A 1 41  ? -9.265  0.718   16.217  1.00 58.71  ? 65  GLN A O   1 
ATOM   335  C CB  . GLN A 1 41  ? -9.649  -2.155  17.868  1.00 52.72  ? 65  GLN A CB  1 
ATOM   336  C CG  . GLN A 1 41  ? -9.671  -3.684  17.865  1.00 39.66  ? 65  GLN A CG  1 
ATOM   337  C CD  . GLN A 1 41  ? -11.064 -4.245  17.664  1.00 53.11  ? 65  GLN A CD  1 
ATOM   338  O OE1 . GLN A 1 41  ? -12.065 -3.596  17.993  1.00 55.40  ? 65  GLN A OE1 1 
ATOM   339  N NE2 . GLN A 1 41  ? -11.141 -5.454  17.100  1.00 49.58  ? 65  GLN A NE2 1 
ATOM   340  N N   . GLY A 1 42  ? -11.142 0.552   17.454  1.00 57.96  ? 66  GLY A N   1 
ATOM   341  C CA  . GLY A 1 42  ? -11.162 1.965   17.775  1.00 54.39  ? 66  GLY A CA  1 
ATOM   342  C C   . GLY A 1 42  ? -11.730 2.819   16.653  1.00 65.04  ? 66  GLY A C   1 
ATOM   343  O O   . GLY A 1 42  ? -12.479 2.355   15.785  1.00 67.68  ? 66  GLY A O   1 
ATOM   344  N N   . LYS A 1 43  ? -11.390 4.108   16.708  1.00 66.34  ? 67  LYS A N   1 
ATOM   345  C CA  . LYS A 1 43  ? -11.631 5.017   15.593  1.00 66.46  ? 67  LYS A CA  1 
ATOM   346  C C   . LYS A 1 43  ? -10.706 4.608   14.454  1.00 69.77  ? 67  LYS A C   1 
ATOM   347  O O   . LYS A 1 43  ? -9.487  4.810   14.533  1.00 69.28  ? 67  LYS A O   1 
ATOM   348  C CB  . LYS A 1 43  ? -11.380 6.464   16.013  1.00 75.65  ? 67  LYS A CB  1 
ATOM   349  C CG  . LYS A 1 43  ? -12.016 6.889   17.347  1.00 73.33  ? 67  LYS A CG  1 
ATOM   350  C CD  . LYS A 1 43  ? -11.638 8.333   17.690  1.00 73.61  ? 67  LYS A CD  1 
ATOM   351  C CE  . LYS A 1 43  ? -11.972 8.697   19.133  1.00 74.61  ? 67  LYS A CE  1 
ATOM   352  N NZ  . LYS A 1 43  ? -11.378 10.020  19.508  1.00 80.12  ? 67  LYS A NZ  1 
ATOM   353  N N   . LYS A 1 44  ? -11.281 4.034   13.393  1.00 66.65  ? 68  LYS A N   1 
ATOM   354  C CA  . LYS A 1 44  ? -10.501 3.170   12.510  1.00 62.76  ? 68  LYS A CA  1 
ATOM   355  C C   . LYS A 1 44  ? -9.482  3.942   11.669  1.00 66.32  ? 68  LYS A C   1 
ATOM   356  O O   . LYS A 1 44  ? -8.388  3.423   11.397  1.00 56.14  ? 68  LYS A O   1 
ATOM   357  C CB  . LYS A 1 44  ? -11.451 2.355   11.627  1.00 63.69  ? 68  LYS A CB  1 
ATOM   358  C CG  . LYS A 1 44  ? -12.244 1.311   12.418  1.00 66.92  ? 68  LYS A CG  1 
ATOM   359  C CD  . LYS A 1 44  ? -13.184 0.505   11.540  1.00 69.26  ? 68  LYS A CD  1 
ATOM   360  C CE  . LYS A 1 44  ? -13.845 -0.604  12.356  1.00 68.48  ? 68  LYS A CE  1 
ATOM   361  N NZ  . LYS A 1 44  ? -14.221 -0.104  13.716  1.00 74.60  ? 68  LYS A NZ  1 
ATOM   362  N N   . LEU A 1 45  ? -9.801  5.171   11.261  1.00 60.36  ? 69  LEU A N   1 
ATOM   363  C CA  . LEU A 1 45  ? -8.888  5.897   10.387  1.00 55.28  ? 69  LEU A CA  1 
ATOM   364  C C   . LEU A 1 45  ? -8.285  7.112   11.079  1.00 59.73  ? 69  LEU A C   1 
ATOM   365  O O   . LEU A 1 45  ? -8.444  8.242   10.606  1.00 59.75  ? 69  LEU A O   1 
ATOM   366  C CB  . LEU A 1 45  ? -9.600  6.320   9.104   1.00 56.64  ? 69  LEU A CB  1 
ATOM   367  C CG  . LEU A 1 45  ? -10.325 5.246   8.281   1.00 58.69  ? 69  LEU A CG  1 
ATOM   368  C CD1 . LEU A 1 45  ? -11.103 5.912   7.149   1.00 60.43  ? 69  LEU A CD1 1 
ATOM   369  C CD2 . LEU A 1 45  ? -9.378  4.205   7.724   1.00 54.30  ? 69  LEU A CD2 1 
ATOM   370  N N   . GLU A 1 46  ? -7.592  6.895   12.195  1.00 57.18  ? 70  GLU A N   1 
ATOM   371  C CA  . GLU A 1 46  ? -6.875  7.959   12.882  1.00 53.71  ? 70  GLU A CA  1 
ATOM   372  C C   . GLU A 1 46  ? -5.435  7.531   13.124  1.00 51.40  ? 70  GLU A C   1 
ATOM   373  O O   . GLU A 1 46  ? -5.159  6.347   13.355  1.00 51.04  ? 70  GLU A O   1 
ATOM   374  C CB  . GLU A 1 46  ? -7.539  8.319   14.213  1.00 59.36  ? 70  GLU A CB  1 
ATOM   375  C CG  . GLU A 1 46  ? -7.391  7.270   15.308  1.00 64.49  ? 70  GLU A CG  1 
ATOM   376  C CD  . GLU A 1 46  ? -7.691  7.831   16.695  1.00 75.06  ? 70  GLU A CD  1 
ATOM   377  O OE1 . GLU A 1 46  ? -8.553  8.737   16.797  1.00 77.31  ? 70  GLU A OE1 1 
ATOM   378  O OE2 . GLU A 1 46  ? -7.052  7.372   17.676  1.00 77.70  ? 70  GLU A OE2 1 
ATOM   379  N N   . VAL A 1 47  ? -4.519  8.499   13.055  1.00 51.82  ? 71  VAL A N   1 
ATOM   380  C CA  . VAL A 1 47  ? -3.111  8.257   13.349  1.00 49.55  ? 71  VAL A CA  1 
ATOM   381  C C   . VAL A 1 47  ? -3.008  7.479   14.655  1.00 50.97  ? 71  VAL A C   1 
ATOM   382  O O   . VAL A 1 47  ? -3.559  7.887   15.683  1.00 49.43  ? 71  VAL A O   1 
ATOM   383  C CB  . VAL A 1 47  ? -2.315  9.574   13.415  1.00 45.46  ? 71  VAL A CB  1 
ATOM   384  C CG1 . VAL A 1 47  ? -1.010  9.355   14.155  1.00 47.26  ? 71  VAL A CG1 1 
ATOM   385  C CG2 . VAL A 1 47  ? -2.023  10.092  12.000  1.00 46.19  ? 71  VAL A CG2 1 
ATOM   386  N N   . GLY A 1 48  ? -2.346  6.327   14.610  1.00 49.29  ? 72  GLY A N   1 
ATOM   387  C CA  . GLY A 1 48  ? -2.207  5.453   15.753  1.00 46.89  ? 72  GLY A CA  1 
ATOM   388  C C   . GLY A 1 48  ? -3.014  4.181   15.659  1.00 42.95  ? 72  GLY A C   1 
ATOM   389  O O   . GLY A 1 48  ? -2.660  3.199   16.315  1.00 48.75  ? 72  GLY A O   1 
ATOM   390  N N   . SER A 1 49  ? -4.088  4.165   14.865  1.00 51.46  ? 73  SER A N   1 
ATOM   391  C CA  . SER A 1 49  ? -4.860  2.942   14.678  1.00 44.77  ? 73  SER A CA  1 
ATOM   392  C C   . SER A 1 49  ? -3.950  1.790   14.278  1.00 45.47  ? 73  SER A C   1 
ATOM   393  O O   . SER A 1 49  ? -2.886  1.973   13.676  1.00 46.40  ? 73  SER A O   1 
ATOM   394  C CB  . SER A 1 49  ? -5.938  3.128   13.613  1.00 48.42  ? 73  SER A CB  1 
ATOM   395  O OG  . SER A 1 49  ? -6.826  4.160   13.963  1.00 61.48  ? 73  SER A OG  1 
ATOM   396  N N   . VAL A 1 50  ? -4.388  0.589   14.615  1.00 47.25  ? 74  VAL A N   1 
ATOM   397  C CA  . VAL A 1 50  ? -3.615  -0.621  14.408  1.00 46.18  ? 74  VAL A CA  1 
ATOM   398  C C   . VAL A 1 50  ? -4.489  -1.588  13.637  1.00 46.65  ? 74  VAL A C   1 
ATOM   399  O O   . VAL A 1 50  ? -5.694  -1.680  13.885  1.00 46.63  ? 74  VAL A O   1 
ATOM   400  C CB  . VAL A 1 50  ? -3.156  -1.220  15.754  1.00 48.10  ? 74  VAL A CB  1 
ATOM   401  C CG1 . VAL A 1 50  ? -2.518  -2.587  15.552  1.00 42.98  ? 74  VAL A CG1 1 
ATOM   402  C CG2 . VAL A 1 50  ? -2.190  -0.252  16.431  1.00 43.71  ? 74  VAL A CG2 1 
ATOM   403  N N   . ARG A 1 51  ? -3.905  -2.270  12.663  1.00 47.22  ? 75  ARG A N   1 
ATOM   404  C CA  . ARG A 1 51  ? -4.641  -3.281  11.929  1.00 51.16  ? 75  ARG A CA  1 
ATOM   405  C C   . ARG A 1 51  ? -3.906  -4.603  12.032  1.00 51.20  ? 75  ARG A C   1 
ATOM   406  O O   . ARG A 1 51  ? -2.669  -4.645  12.014  1.00 47.77  ? 75  ARG A O   1 
ATOM   407  C CB  . ARG A 1 51  ? -4.841  -2.895  10.458  1.00 48.93  ? 75  ARG A CB  1 
ATOM   408  C CG  . ARG A 1 51  ? -3.585  -2.773  9.630   1.00 45.80  ? 75  ARG A CG  1 
ATOM   409  C CD  . ARG A 1 51  ? -3.942  -2.228  8.251   1.00 47.06  ? 75  ARG A CD  1 
ATOM   410  N NE  . ARG A 1 51  ? -2.776  -2.046  7.399   1.00 46.27  ? 75  ARG A NE  1 
ATOM   411  C CZ  . ARG A 1 51  ? -2.821  -1.542  6.170   1.00 51.10  ? 75  ARG A CZ  1 
ATOM   412  N NH1 . ARG A 1 51  ? -1.705  -1.405  5.461   1.00 46.34  ? 75  ARG A NH1 1 
ATOM   413  N NH2 . ARG A 1 51  ? -3.984  -1.171  5.654   1.00 47.37  ? 75  ARG A NH2 1 
ATOM   414  N N   . GLU A 1 52  ? -4.689  -5.666  12.174  1.00 48.65  ? 76  GLU A N   1 
ATOM   415  C CA  . GLU A 1 52  ? -4.219  -7.038  12.087  1.00 51.08  ? 76  GLU A CA  1 
ATOM   416  C C   . GLU A 1 52  ? -4.616  -7.546  10.713  1.00 49.10  ? 76  GLU A C   1 
ATOM   417  O O   . GLU A 1 52  ? -5.807  -7.595  10.386  1.00 53.09  ? 76  GLU A O   1 
ATOM   418  C CB  . GLU A 1 52  ? -4.824  -7.907  13.191  1.00 51.70  ? 76  GLU A CB  1 
ATOM   419  C CG  . GLU A 1 52  ? -4.105  -7.777  14.524  1.00 56.42  ? 76  GLU A CG  1 
ATOM   420  C CD  . GLU A 1 52  ? -4.931  -8.248  15.709  1.00 55.36  ? 76  GLU A CD  1 
ATOM   421  O OE1 . GLU A 1 52  ? -4.653  -7.775  16.831  1.00 54.49  ? 76  GLU A OE1 1 
ATOM   422  O OE2 . GLU A 1 52  ? -5.860  -9.073  15.531  1.00 54.93  ? 76  GLU A OE2 1 
ATOM   423  N N   . VAL A 1 53  ? -3.625  -7.881  9.904   1.00 46.85  ? 77  VAL A N   1 
ATOM   424  C CA  . VAL A 1 53  ? -3.848  -8.306  8.531   1.00 51.59  ? 77  VAL A CA  1 
ATOM   425  C C   . VAL A 1 53  ? -3.653  -9.815  8.472   1.00 50.94  ? 77  VAL A C   1 
ATOM   426  O O   . VAL A 1 53  ? -2.672  -10.344 9.017   1.00 48.72  ? 77  VAL A O   1 
ATOM   427  C CB  . VAL A 1 53  ? -2.895  -7.573  7.564   1.00 55.30  ? 77  VAL A CB  1 
ATOM   428  C CG1 . VAL A 1 53  ? -3.082  -8.057  6.152   1.00 55.87  ? 77  VAL A CG1 1 
ATOM   429  C CG2 . VAL A 1 53  ? -3.101  -6.057  7.621   1.00 48.89  ? 77  VAL A CG2 1 
ATOM   430  N N   . ASP A 1 54  ? -4.597  -10.512 7.845   1.00 50.71  ? 78  ASP A N   1 
ATOM   431  C CA  . ASP A 1 54  ? -4.439  -11.925 7.526   1.00 51.96  ? 78  ASP A CA  1 
ATOM   432  C C   . ASP A 1 54  ? -4.092  -12.045 6.044   1.00 54.56  ? 78  ASP A C   1 
ATOM   433  O O   . ASP A 1 54  ? -4.803  -11.510 5.186   1.00 56.49  ? 78  ASP A O   1 
ATOM   434  C CB  . ASP A 1 54  ? -5.701  -12.718 7.858   1.00 56.51  ? 78  ASP A CB  1 
ATOM   435  C CG  . ASP A 1 54  ? -5.930  -12.873 9.357   1.00 58.74  ? 78  ASP A CG  1 
ATOM   436  O OD1 . ASP A 1 54  ? -6.752  -12.117 9.910   1.00 62.23  ? 78  ASP A OD1 1 
ATOM   437  O OD2 . ASP A 1 54  ? -5.293  -13.748 9.983   1.00 62.53  ? 78  ASP A OD2 1 
ATOM   438  N N   . LEU A 1 55  ? -2.992  -12.722 5.747   1.00 54.46  ? 79  LEU A N   1 
ATOM   439  C CA  . LEU A 1 55  ? -2.588  -12.855 4.355   1.00 61.20  ? 79  LEU A CA  1 
ATOM   440  C C   . LEU A 1 55  ? -3.273  -14.061 3.719   1.00 63.68  ? 79  LEU A C   1 
ATOM   441  O O   . LEU A 1 55  ? -3.852  -14.911 4.401   1.00 59.77  ? 79  LEU A O   1 
ATOM   442  C CB  . LEU A 1 55  ? -1.073  -12.990 4.241   1.00 52.83  ? 79  LEU A CB  1 
ATOM   443  C CG  . LEU A 1 55  ? -0.258  -11.862 4.873   1.00 53.46  ? 79  LEU A CG  1 
ATOM   444  C CD1 . LEU A 1 55  ? 1.231   -12.214 4.888   1.00 52.42  ? 79  LEU A CD1 1 
ATOM   445  C CD2 . LEU A 1 55  ? -0.506  -10.568 4.121   1.00 52.82  ? 79  LEU A CD2 1 
ATOM   446  N N   . LYS A 1 56  ? -3.216  -14.118 2.387   1.00 63.02  ? 80  LYS A N   1 
ATOM   447  C CA  . LYS A 1 56  ? -3.746  -15.269 1.671   1.00 61.02  ? 80  LYS A CA  1 
ATOM   448  C C   . LYS A 1 56  ? -2.925  -16.515 1.987   1.00 63.31  ? 80  LYS A C   1 
ATOM   449  O O   . LYS A 1 56  ? -1.736  -16.443 2.311   1.00 65.01  ? 80  LYS A O   1 
ATOM   450  C CB  . LYS A 1 56  ? -3.754  -15.011 0.163   1.00 60.92  ? 80  LYS A CB  1 
ATOM   451  C CG  . LYS A 1 56  ? -4.589  -13.796 -0.232  1.00 67.94  ? 80  LYS A CG  1 
ATOM   452  C CD  . LYS A 1 56  ? -5.621  -14.112 -1.317  1.00 66.92  ? 80  LYS A CD  1 
ATOM   453  C CE  . LYS A 1 56  ? -6.902  -13.310 -1.104  1.00 62.74  ? 80  LYS A CE  1 
ATOM   454  N NZ  . LYS A 1 56  ? -7.783  -13.350 -2.303  1.00 68.24  ? 80  LYS A NZ  1 
ATOM   455  N N   . SER A 1 57  ? -3.576  -17.669 1.899   1.00 64.44  ? 81  SER A N   1 
ATOM   456  C CA  . SER A 1 57  ? -2.885  -18.930 2.115   1.00 65.71  ? 81  SER A CA  1 
ATOM   457  C C   . SER A 1 57  ? -1.881  -19.178 0.999   1.00 69.97  ? 81  SER A C   1 
ATOM   458  O O   . SER A 1 57  ? -2.023  -18.673 -0.120  1.00 71.13  ? 81  SER A O   1 
ATOM   459  C CB  . SER A 1 57  ? -3.885  -20.081 2.175   1.00 71.02  ? 81  SER A CB  1 
ATOM   460  O OG  . SER A 1 57  ? -4.524  -20.231 0.919   1.00 72.19  ? 81  SER A OG  1 
ATOM   461  N N   . GLY A 1 58  ? -0.858  -19.965 1.313   1.00 67.72  ? 82  GLY A N   1 
ATOM   462  C CA  . GLY A 1 58  ? 0.139   -20.299 0.320   1.00 68.96  ? 82  GLY A CA  1 
ATOM   463  C C   . GLY A 1 58  ? 1.225   -19.266 0.155   1.00 76.78  ? 82  GLY A C   1 
ATOM   464  O O   . GLY A 1 58  ? 1.819   -19.167 -0.926  1.00 77.38  ? 82  GLY A O   1 
ATOM   465  N N   . LEU A 1 59  ? 1.501   -18.487 1.195   1.00 73.91  ? 83  LEU A N   1 
ATOM   466  C CA  . LEU A 1 59  ? 2.513   -17.448 1.181   1.00 69.15  ? 83  LEU A CA  1 
ATOM   467  C C   . LEU A 1 59  ? 3.529   -17.711 2.281   1.00 68.79  ? 83  LEU A C   1 
ATOM   468  O O   . LEU A 1 59  ? 3.246   -18.451 3.230   1.00 69.09  ? 83  LEU A O   1 
ATOM   469  C CB  . LEU A 1 59  ? 1.882   -16.062 1.378   1.00 67.24  ? 83  LEU A CB  1 
ATOM   470  C CG  . LEU A 1 59  ? 1.721   -15.186 0.135   1.00 66.46  ? 83  LEU A CG  1 
ATOM   471  C CD1 . LEU A 1 59  ? 0.532   -15.645 -0.700  1.00 66.58  ? 83  LEU A CD1 1 
ATOM   472  C CD2 . LEU A 1 59  ? 1.582   -13.721 0.517   1.00 60.51  ? 83  LEU A CD2 1 
ATOM   473  N N   . PRO A 1 60  ? 4.726   -17.127 2.180   1.00 66.51  ? 84  PRO A N   1 
ATOM   474  C CA  . PRO A 1 60  ? 5.727   -17.295 3.252   1.00 66.49  ? 84  PRO A CA  1 
ATOM   475  C C   . PRO A 1 60  ? 5.255   -16.894 4.639   1.00 64.54  ? 84  PRO A C   1 
ATOM   476  O O   . PRO A 1 60  ? 5.863   -17.333 5.624   1.00 69.95  ? 84  PRO A O   1 
ATOM   477  C CB  . PRO A 1 60  ? 6.884   -16.401 2.786   1.00 69.40  ? 84  PRO A CB  1 
ATOM   478  C CG  . PRO A 1 60  ? 6.785   -16.431 1.283   1.00 71.01  ? 84  PRO A CG  1 
ATOM   479  C CD  . PRO A 1 60  ? 5.314   -16.552 0.955   1.00 67.86  ? 84  PRO A CD  1 
ATOM   480  N N   . ALA A 1 61  ? 4.214   -16.072 4.764   1.00 61.90  ? 85  ALA A N   1 
ATOM   481  C CA  . ALA A 1 61  ? 3.745   -15.628 6.069   1.00 57.82  ? 85  ALA A CA  1 
ATOM   482  C C   . ALA A 1 61  ? 2.228   -15.562 6.052   1.00 56.08  ? 85  ALA A C   1 
ATOM   483  O O   . ALA A 1 61  ? 1.595   -15.624 4.995   1.00 61.07  ? 85  ALA A O   1 
ATOM   484  C CB  . ALA A 1 61  ? 4.349   -14.275 6.454   1.00 59.36  ? 85  ALA A CB  1 
ATOM   485  N N   . THR A 1 62  ? 1.644   -15.423 7.234   1.00 53.38  ? 86  THR A N   1 
ATOM   486  C CA  . THR A 1 62  ? 0.190   -15.426 7.354   1.00 58.30  ? 86  THR A CA  1 
ATOM   487  C C   . THR A 1 62  ? -0.386  -14.176 7.994   1.00 55.33  ? 86  THR A C   1 
ATOM   488  O O   . THR A 1 62  ? -1.479  -13.748 7.612   1.00 55.21  ? 86  THR A O   1 
ATOM   489  C CB  . THR A 1 62  ? -0.268  -16.639 8.165   1.00 58.84  ? 86  THR A CB  1 
ATOM   490  O OG1 . THR A 1 62  ? 0.436   -16.661 9.414   1.00 56.29  ? 86  THR A OG1 1 
ATOM   491  C CG2 . THR A 1 62  ? -0.008  -17.922 7.377   1.00 53.22  ? 86  THR A CG2 1 
ATOM   492  N N   . LYS A 1 63  ? 0.305   -13.589 8.964   1.00 54.39  ? 87  LYS A N   1 
ATOM   493  C CA  . LYS A 1 63  ? -0.208  -12.471 9.740   1.00 52.39  ? 87  LYS A CA  1 
ATOM   494  C C   . LYS A 1 63  ? 0.702   -11.262 9.586   1.00 49.60  ? 87  LYS A C   1 
ATOM   495  O O   . LYS A 1 63  ? 1.909   -11.398 9.378   1.00 52.27  ? 87  LYS A O   1 
ATOM   496  C CB  . LYS A 1 63  ? -0.322  -12.836 11.240  1.00 55.87  ? 87  LYS A CB  1 
ATOM   497  C CG  . LYS A 1 63  ? -1.494  -13.753 11.562  1.00 65.08  ? 87  LYS A CG  1 
ATOM   498  C CD  . LYS A 1 63  ? -1.583  -14.114 13.036  1.00 60.83  ? 87  LYS A CD  1 
ATOM   499  C CE  . LYS A 1 63  ? -2.892  -14.859 13.343  1.00 62.75  ? 87  LYS A CE  1 
ATOM   500  N NZ  . LYS A 1 63  ? -4.133  -14.059 13.024  1.00 69.89  ? 87  LYS A NZ  1 
ATOM   501  N N   . SER A 1 64  ? 0.114   -10.077 9.724   1.00 51.49  ? 88  SER A N   1 
ATOM   502  C CA  . SER A 1 64  ? 0.875   -8.838  9.820   1.00 51.01  ? 88  SER A CA  1 
ATOM   503  C C   . SER A 1 64  ? 0.108   -7.869  10.718  1.00 48.53  ? 88  SER A C   1 
ATOM   504  O O   . SER A 1 64  ? -1.121  -7.793  10.649  1.00 51.60  ? 88  SER A O   1 
ATOM   505  C CB  . SER A 1 64  ? 1.124   -8.230  8.428   1.00 49.80  ? 88  SER A CB  1 
ATOM   506  O OG  . SER A 1 64  ? 1.913   -7.054  8.469   1.00 46.88  ? 88  SER A OG  1 
ATOM   507  N N   . THR A 1 65  ? 0.836   -7.148  11.569  1.00 43.03  ? 89  THR A N   1 
ATOM   508  C CA  . THR A 1 65  ? 0.260   -6.110  12.417  1.00 48.32  ? 89  THR A CA  1 
ATOM   509  C C   . THR A 1 65  ? 0.921   -4.779  12.081  1.00 42.95  ? 89  THR A C   1 
ATOM   510  O O   . THR A 1 65  ? 2.148   -4.652  12.154  1.00 49.04  ? 89  THR A O   1 
ATOM   511  C CB  . THR A 1 65  ? 0.438   -6.438  13.905  1.00 52.63  ? 89  THR A CB  1 
ATOM   512  O OG1 . THR A 1 65  ? -0.152  -7.715  14.195  1.00 52.16  ? 89  THR A OG1 1 
ATOM   513  C CG2 . THR A 1 65  ? -0.235  -5.367  14.759  1.00 46.00  ? 89  THR A CG2 1 
ATOM   514  N N   . GLU A 1 66  ? 0.114   -3.793  11.715  1.00 45.22  ? 90  GLU A N   1 
ATOM   515  C CA  . GLU A 1 66  ? 0.607   -2.552  11.142  1.00 46.17  ? 90  GLU A CA  1 
ATOM   516  C C   . GLU A 1 66  ? -0.050  -1.348  11.816  1.00 43.86  ? 90  GLU A C   1 
ATOM   517  O O   . GLU A 1 66  ? -1.202  -1.408  12.248  1.00 49.34  ? 90  GLU A O   1 
ATOM   518  C CB  . GLU A 1 66  ? 0.357   -2.544  9.619   1.00 42.78  ? 90  GLU A CB  1 
ATOM   519  C CG  . GLU A 1 66  ? 0.321   -3.958  9.042   1.00 48.16  ? 90  GLU A CG  1 
ATOM   520  C CD  . GLU A 1 66  ? 0.246   -4.033  7.527   1.00 52.55  ? 90  GLU A CD  1 
ATOM   521  O OE1 . GLU A 1 66  ? -0.406  -3.166  6.902   1.00 55.04  ? 90  GLU A OE1 1 
ATOM   522  O OE2 . GLU A 1 66  ? 0.842   -4.983  6.964   1.00 50.87  ? 90  GLU A OE2 1 
ATOM   523  N N   . VAL A 1 67  ? 0.688   -0.240  11.872  1.00 44.07  ? 91  VAL A N   1 
ATOM   524  C CA  . VAL A 1 67  ? 0.216   0.991   12.486  1.00 43.83  ? 91  VAL A CA  1 
ATOM   525  C C   . VAL A 1 67  ? 0.090   2.075   11.427  1.00 44.09  ? 91  VAL A C   1 
ATOM   526  O O   . VAL A 1 67  ? 0.884   2.151   10.488  1.00 44.16  ? 91  VAL A O   1 
ATOM   527  C CB  . VAL A 1 67  ? 1.160   1.467   13.608  1.00 43.75  ? 91  VAL A CB  1 
ATOM   528  C CG1 . VAL A 1 67  ? 0.580   2.713   14.307  1.00 42.54  ? 91  VAL A CG1 1 
ATOM   529  C CG2 . VAL A 1 67  ? 1.413   0.348   14.587  1.00 41.73  ? 91  VAL A CG2 1 
ATOM   530  N N   . LEU A 1 68  ? -0.899  2.937   11.612  1.00 45.64  ? 92  LEU A N   1 
ATOM   531  C CA  . LEU A 1 68  ? -1.161  4.070   10.742  1.00 41.53  ? 92  LEU A CA  1 
ATOM   532  C C   . LEU A 1 68  ? -0.387  5.268   11.273  1.00 46.28  ? 92  LEU A C   1 
ATOM   533  O O   . LEU A 1 68  ? -0.757  5.845   12.299  1.00 45.00  ? 92  LEU A O   1 
ATOM   534  C CB  . LEU A 1 68  ? -2.657  4.357   10.711  1.00 45.46  ? 92  LEU A CB  1 
ATOM   535  C CG  . LEU A 1 68  ? -3.044  5.521   9.829   1.00 44.29  ? 92  LEU A CG  1 
ATOM   536  C CD1 . LEU A 1 68  ? -2.689  5.138   8.431   1.00 39.40  ? 92  LEU A CD1 1 
ATOM   537  C CD2 . LEU A 1 68  ? -4.536  5.785   9.971   1.00 48.88  ? 92  LEU A CD2 1 
ATOM   538  N N   . GLU A 1 69  ? 0.691   5.637   10.578  1.00 46.55  ? 93  GLU A N   1 
ATOM   539  C CA  . GLU A 1 69  ? 1.573   6.717   10.997  1.00 43.57  ? 93  GLU A CA  1 
ATOM   540  C C   . GLU A 1 69  ? 1.146   8.055   10.426  1.00 44.17  ? 93  GLU A C   1 
ATOM   541  O O   . GLU A 1 69  ? 1.229   9.078   11.109  1.00 48.87  ? 93  GLU A O   1 
ATOM   542  C CB  . GLU A 1 69  ? 3.011   6.438   10.551  1.00 45.89  ? 93  GLU A CB  1 
ATOM   543  C CG  . GLU A 1 69  ? 3.661   5.248   11.187  1.00 45.52  ? 93  GLU A CG  1 
ATOM   544  C CD  . GLU A 1 69  ? 5.188   5.334   11.152  1.00 55.22  ? 93  GLU A CD  1 
ATOM   545  O OE1 . GLU A 1 69  ? 5.767   5.683   10.081  1.00 55.76  ? 93  GLU A OE1 1 
ATOM   546  O OE2 . GLU A 1 69  ? 5.804   5.048   12.209  1.00 58.56  ? 93  GLU A OE2 1 
ATOM   547  N N   . ILE A 1 70  ? 0.717   8.071   9.169   1.00 47.37  ? 94  ILE A N   1 
ATOM   548  C CA  . ILE A 1 70  ? 0.300   9.292   8.492   1.00 47.23  ? 94  ILE A CA  1 
ATOM   549  C C   . ILE A 1 70  ? -0.980  9.001   7.731   1.00 45.89  ? 94  ILE A C   1 
ATOM   550  O O   . ILE A 1 70  ? -1.061  8.007   6.996   1.00 47.72  ? 94  ILE A O   1 
ATOM   551  C CB  . ILE A 1 70  ? 1.371   9.808   7.512   1.00 45.49  ? 94  ILE A CB  1 
ATOM   552  C CG1 . ILE A 1 70  ? 2.711   10.005  8.216   1.00 44.51  ? 94  ILE A CG1 1 
ATOM   553  C CG2 . ILE A 1 70  ? 0.893   11.082  6.829   1.00 40.65  ? 94  ILE A CG2 1 
ATOM   554  C CD1 . ILE A 1 70  ? 3.866   10.185  7.259   1.00 50.37  ? 94  ILE A CD1 1 
ATOM   555  N N   . LEU A 1 71  ? -1.964  9.878   7.882   1.00 40.00  ? 95  LEU A N   1 
ATOM   556  C CA  . LEU A 1 71  ? -3.144  9.880   7.021   1.00 41.86  ? 95  LEU A CA  1 
ATOM   557  C C   . LEU A 1 71  ? -3.491  11.343  6.770   1.00 46.70  ? 95  LEU A C   1 
ATOM   558  O O   . LEU A 1 71  ? -4.089  11.997  7.627   1.00 49.64  ? 95  LEU A O   1 
ATOM   559  C CB  . LEU A 1 71  ? -4.298  9.119   7.653   1.00 49.30  ? 95  LEU A CB  1 
ATOM   560  C CG  . LEU A 1 71  ? -5.607  9.123   6.872   1.00 51.02  ? 95  LEU A CG  1 
ATOM   561  C CD1 . LEU A 1 71  ? -5.447  8.349   5.587   1.00 49.50  ? 95  LEU A CD1 1 
ATOM   562  C CD2 . LEU A 1 71  ? -6.694  8.521   7.726   1.00 56.16  ? 95  LEU A CD2 1 
ATOM   563  N N   . ASP A 1 72  ? -3.079  11.860  5.618   1.00 48.11  ? 96  ASP A N   1 
ATOM   564  C CA  . ASP A 1 72  ? -3.276  13.260  5.253   1.00 46.96  ? 96  ASP A CA  1 
ATOM   565  C C   . ASP A 1 72  ? -4.344  13.332  4.161   1.00 49.78  ? 96  ASP A C   1 
ATOM   566  O O   . ASP A 1 72  ? -4.082  13.025  2.990   1.00 46.94  ? 96  ASP A O   1 
ATOM   567  C CB  . ASP A 1 72  ? -1.961  13.873  4.794   1.00 47.88  ? 96  ASP A CB  1 
ATOM   568  C CG  . ASP A 1 72  ? -2.061  15.367  4.566   1.00 50.99  ? 96  ASP A CG  1 
ATOM   569  O OD1 . ASP A 1 72  ? -3.172  15.935  4.694   1.00 55.95  ? 96  ASP A OD1 1 
ATOM   570  O OD2 . ASP A 1 72  ? -1.016  15.977  4.255   1.00 55.53  ? 96  ASP A OD2 1 
ATOM   571  N N   . ASP A 1 73  ? -5.551  13.735  4.550   1.00 48.56  ? 97  ASP A N   1 
ATOM   572  C CA  . ASP A 1 73  ? -6.672  13.816  3.622   1.00 48.34  ? 97  ASP A CA  1 
ATOM   573  C C   . ASP A 1 73  ? -6.620  15.053  2.731   1.00 52.26  ? 97  ASP A C   1 
ATOM   574  O O   . ASP A 1 73  ? -7.336  15.103  1.727   1.00 54.63  ? 97  ASP A O   1 
ATOM   575  C CB  . ASP A 1 73  ? -7.992  13.791  4.392   1.00 49.31  ? 97  ASP A CB  1 
ATOM   576  C CG  . ASP A 1 73  ? -8.505  12.373  4.645   1.00 58.04  ? 97  ASP A CG  1 
ATOM   577  O OD1 . ASP A 1 73  ? -8.478  11.541  3.712   1.00 58.12  ? 97  ASP A OD1 1 
ATOM   578  O OD2 . ASP A 1 73  ? -8.948  12.083  5.778   1.00 59.48  ? 97  ASP A OD2 1 
ATOM   579  N N   . ASN A 1 74  ? -5.798  16.048  3.059   1.00 54.25  ? 98  ASN A N   1 
ATOM   580  C CA  . ASN A 1 74  ? -5.649  17.194  2.171   1.00 55.02  ? 98  ASN A CA  1 
ATOM   581  C C   . ASN A 1 74  ? -4.598  16.978  1.101   1.00 53.99  ? 98  ASN A C   1 
ATOM   582  O O   . ASN A 1 74  ? -4.760  17.485  -0.013  1.00 52.43  ? 98  ASN A O   1 
ATOM   583  C CB  . ASN A 1 74  ? -5.296  18.455  2.960   1.00 54.76  ? 98  ASN A CB  1 
ATOM   584  C CG  . ASN A 1 74  ? -6.514  19.138  3.515   1.00 60.12  ? 98  ASN A CG  1 
ATOM   585  O OD1 . ASN A 1 74  ? -7.174  19.899  2.815   1.00 65.21  ? 98  ASN A OD1 1 
ATOM   586  N ND2 . ASN A 1 74  ? -6.836  18.856  4.774   1.00 66.79  ? 98  ASN A ND2 1 
ATOM   587  N N   . GLU A 1 75  ? -3.525  16.244  1.408   1.00 52.43  ? 99  GLU A N   1 
ATOM   588  C CA  . GLU A 1 75  ? -2.460  16.002  0.439   1.00 50.27  ? 99  GLU A CA  1 
ATOM   589  C C   . GLU A 1 75  ? -2.431  14.573  -0.080  1.00 47.71  ? 99  GLU A C   1 
ATOM   590  O O   . GLU A 1 75  ? -1.654  14.281  -0.996  1.00 48.59  ? 99  GLU A O   1 
ATOM   591  C CB  . GLU A 1 75  ? -1.100  16.360  1.045   1.00 46.75  ? 99  GLU A CB  1 
ATOM   592  C CG  . GLU A 1 75  ? -0.996  17.821  1.430   1.00 50.65  ? 99  GLU A CG  1 
ATOM   593  C CD  . GLU A 1 75  ? -1.527  18.742  0.342   1.00 54.99  ? 99  GLU A CD  1 
ATOM   594  O OE1 . GLU A 1 75  ? -1.202  18.530  -0.853  1.00 57.41  ? 99  GLU A OE1 1 
ATOM   595  O OE2 . GLU A 1 75  ? -2.288  19.674  0.684   1.00 62.04  ? 99  GLU A OE2 1 
ATOM   596  N N   . HIS A 1 76  ? -3.261  13.680  0.473   1.00 45.64  ? 100 HIS A N   1 
ATOM   597  C CA  . HIS A 1 76  ? -3.410  12.318  -0.030  1.00 41.83  ? 100 HIS A CA  1 
ATOM   598  C C   . HIS A 1 76  ? -2.107  11.539  0.177   1.00 47.06  ? 100 HIS A C   1 
ATOM   599  O O   . HIS A 1 76  ? -1.524  10.968  -0.755  1.00 47.10  ? 100 HIS A O   1 
ATOM   600  C CB  . HIS A 1 76  ? -3.869  12.328  -1.494  1.00 44.53  ? 100 HIS A CB  1 
ATOM   601  C CG  . HIS A 1 76  ? -4.871  13.404  -1.798  1.00 47.72  ? 100 HIS A CG  1 
ATOM   602  N ND1 . HIS A 1 76  ? -4.514  14.623  -2.338  1.00 47.62  ? 100 HIS A ND1 1 
ATOM   603  C CD2 . HIS A 1 76  ? -6.212  13.463  -1.598  1.00 45.91  ? 100 HIS A CD2 1 
ATOM   604  C CE1 . HIS A 1 76  ? -5.592  15.377  -2.476  1.00 45.34  ? 100 HIS A CE1 1 
ATOM   605  N NE2 . HIS A 1 76  ? -6.634  14.697  -2.034  1.00 48.04  ? 100 HIS A NE2 1 
ATOM   606  N N   . ILE A 1 77  ? -1.639  11.562  1.418   1.00 43.86  ? 101 ILE A N   1 
ATOM   607  C CA  . ILE A 1 77  ? -0.512  10.772  1.887   1.00 44.02  ? 101 ILE A CA  1 
ATOM   608  C C   . ILE A 1 77  ? -1.027  9.797   2.930   1.00 40.90  ? 101 ILE A C   1 
ATOM   609  O O   . ILE A 1 77  ? -1.641  10.209  3.922   1.00 45.05  ? 101 ILE A O   1 
ATOM   610  C CB  . ILE A 1 77  ? 0.585   11.669  2.488   1.00 48.41  ? 101 ILE A CB  1 
ATOM   611  C CG1 . ILE A 1 77  ? 0.926   12.800  1.512   1.00 50.10  ? 101 ILE A CG1 1 
ATOM   612  C CG2 . ILE A 1 77  ? 1.826   10.833  2.841   1.00 42.53  ? 101 ILE A CG2 1 
ATOM   613  C CD1 . ILE A 1 77  ? 1.893   13.823  2.069   1.00 43.53  ? 101 ILE A CD1 1 
ATOM   614  N N   . LEU A 1 78  ? -0.766  8.512   2.723   1.00 41.53  ? 102 LEU A N   1 
ATOM   615  C CA  . LEU A 1 78  ? -1.023  7.478   3.721   1.00 43.76  ? 102 LEU A CA  1 
ATOM   616  C C   . LEU A 1 78  ? 0.306   6.838   4.100   1.00 44.20  ? 102 LEU A C   1 
ATOM   617  O O   . LEU A 1 78  ? 1.013   6.313   3.233   1.00 46.23  ? 102 LEU A O   1 
ATOM   618  C CB  . LEU A 1 78  ? -1.988  6.418   3.186   1.00 39.32  ? 102 LEU A CB  1 
ATOM   619  C CG  . LEU A 1 78  ? -2.159  5.201   4.097   1.00 45.10  ? 102 LEU A CG  1 
ATOM   620  C CD1 . LEU A 1 78  ? -3.269  5.484   5.078   1.00 50.72  ? 102 LEU A CD1 1 
ATOM   621  C CD2 . LEU A 1 78  ? -2.459  3.926   3.309   1.00 45.80  ? 102 LEU A CD2 1 
ATOM   622  N N   . GLY A 1 79  ? 0.631   6.863   5.390   1.00 43.80  ? 103 GLY A N   1 
ATOM   623  C CA  . GLY A 1 79  ? 1.858   6.268   5.879   1.00 40.16  ? 103 GLY A CA  1 
ATOM   624  C C   . GLY A 1 79  ? 1.592   5.178   6.895   1.00 44.84  ? 103 GLY A C   1 
ATOM   625  O O   . GLY A 1 79  ? 0.800   5.370   7.831   1.00 47.14  ? 103 GLY A O   1 
ATOM   626  N N   . ILE A 1 80  ? 2.223   4.020   6.714   1.00 38.05  ? 104 ILE A N   1 
ATOM   627  C CA  . ILE A 1 80  ? 2.026   2.885   7.604   1.00 43.61  ? 104 ILE A CA  1 
ATOM   628  C C   . ILE A 1 80  ? 3.392   2.364   8.013   1.00 48.43  ? 104 ILE A C   1 
ATOM   629  O O   . ILE A 1 80  ? 4.414   2.647   7.379   1.00 47.15  ? 104 ILE A O   1 
ATOM   630  C CB  . ILE A 1 80  ? 1.187   1.739   6.973   1.00 48.04  ? 104 ILE A CB  1 
ATOM   631  C CG1 . ILE A 1 80  ? 1.929   1.094   5.797   1.00 47.51  ? 104 ILE A CG1 1 
ATOM   632  C CG2 . ILE A 1 80  ? -0.173  2.248   6.473   1.00 47.09  ? 104 ILE A CG2 1 
ATOM   633  C CD1 . ILE A 1 80  ? 2.565   -0.234  6.107   1.00 53.97  ? 104 ILE A CD1 1 
ATOM   634  N N   . ARG A 1 81  ? 3.389   1.584   9.089   1.00 43.59  ? 105 ARG A N   1 
ATOM   635  C CA  . ARG A 1 81  ? 4.564   0.886   9.569   1.00 41.87  ? 105 ARG A CA  1 
ATOM   636  C C   . ARG A 1 81  ? 4.132   -0.493  10.033  1.00 43.75  ? 105 ARG A C   1 
ATOM   637  O O   . ARG A 1 81  ? 3.090   -0.645  10.675  1.00 47.44  ? 105 ARG A O   1 
ATOM   638  C CB  . ARG A 1 81  ? 5.244   1.650   10.708  1.00 46.60  ? 105 ARG A CB  1 
ATOM   639  C CG  . ARG A 1 81  ? 6.290   0.837   11.460  1.00 50.92  ? 105 ARG A CG  1 
ATOM   640  C CD  . ARG A 1 81  ? 6.960   1.649   12.579  1.00 45.27  ? 105 ARG A CD  1 
ATOM   641  N NE  . ARG A 1 81  ? 7.829   2.698   12.042  1.00 58.68  ? 105 ARG A NE  1 
ATOM   642  C CZ  . ARG A 1 81  ? 9.049   2.495   11.529  1.00 57.57  ? 105 ARG A CZ  1 
ATOM   643  N NH1 . ARG A 1 81  ? 9.563   1.270   11.473  1.00 58.36  ? 105 ARG A NH1 1 
ATOM   644  N NH2 . ARG A 1 81  ? 9.761   3.518   11.065  1.00 53.73  ? 105 ARG A NH2 1 
ATOM   645  N N   . ILE A 1 82  ? 4.926   -1.494  9.705   1.00 44.49  ? 106 ILE A N   1 
ATOM   646  C CA  . ILE A 1 82  ? 4.660   -2.870  10.107  1.00 48.44  ? 106 ILE A CA  1 
ATOM   647  C C   . ILE A 1 82  ? 5.467   -3.173  11.365  1.00 46.35  ? 106 ILE A C   1 
ATOM   648  O O   . ILE A 1 82  ? 6.672   -2.877  11.422  1.00 47.03  ? 106 ILE A O   1 
ATOM   649  C CB  . ILE A 1 82  ? 5.006   -3.842  8.971   1.00 41.18  ? 106 ILE A CB  1 
ATOM   650  C CG1 . ILE A 1 82  ? 4.020   -3.660  7.819   1.00 48.07  ? 106 ILE A CG1 1 
ATOM   651  C CG2 . ILE A 1 82  ? 5.016   -5.244  9.477   1.00 43.13  ? 106 ILE A CG2 1 
ATOM   652  C CD1 . ILE A 1 82  ? 4.486   -4.307  6.494   1.00 43.42  ? 106 ILE A CD1 1 
ATOM   653  N N   . VAL A 1 83  ? 4.813   -3.754  12.369  1.00 45.60  ? 107 VAL A N   1 
ATOM   654  C CA  . VAL A 1 83  ? 5.438   -3.923  13.683  1.00 42.27  ? 107 VAL A CA  1 
ATOM   655  C C   . VAL A 1 83  ? 5.331   -5.340  14.234  1.00 42.84  ? 107 VAL A C   1 
ATOM   656  O O   . VAL A 1 83  ? 6.031   -5.670  15.206  1.00 45.43  ? 107 VAL A O   1 
ATOM   657  C CB  . VAL A 1 83  ? 4.856   -2.901  14.688  1.00 48.95  ? 107 VAL A CB  1 
ATOM   658  C CG1 . VAL A 1 83  ? 5.263   -1.479  14.290  1.00 47.67  ? 107 VAL A CG1 1 
ATOM   659  C CG2 . VAL A 1 83  ? 3.323   -3.004  14.766  1.00 43.32  ? 107 VAL A CG2 1 
ATOM   660  N N   . GLY A 1 84  ? 4.518   -6.226  13.670  1.00 48.50  ? 108 GLY A N   1 
ATOM   661  C CA  . GLY A 1 84  ? 4.521   -7.622  14.061  1.00 51.34  ? 108 GLY A CA  1 
ATOM   662  C C   . GLY A 1 84  ? 4.001   -8.529  12.961  1.00 48.57  ? 108 GLY A C   1 
ATOM   663  O O   . GLY A 1 84  ? 3.609   -8.077  11.883  1.00 50.20  ? 108 GLY A O   1 
ATOM   664  N N   . GLY A 1 85  ? 3.971   -9.832  13.258  1.00 52.68  ? 109 GLY A N   1 
ATOM   665  C CA  . GLY A 1 85  ? 3.542   -10.859 12.329  1.00 54.80  ? 109 GLY A CA  1 
ATOM   666  C C   . GLY A 1 85  ? 4.548   -12.002 12.246  1.00 55.53  ? 109 GLY A C   1 
ATOM   667  O O   . GLY A 1 85  ? 5.534   -12.060 12.987  1.00 58.27  ? 109 GLY A O   1 
ATOM   668  N N   . ASP A 1 86  ? 4.299   -12.945 11.338  1.00 59.04  ? 110 ASP A N   1 
ATOM   669  C CA  . ASP A 1 86  ? 5.172   -14.104 11.175  1.00 62.09  ? 110 ASP A CA  1 
ATOM   670  C C   . ASP A 1 86  ? 5.935   -14.048 9.853   1.00 65.21  ? 110 ASP A C   1 
ATOM   671  O O   . ASP A 1 86  ? 6.168   -15.069 9.201   1.00 67.02  ? 110 ASP A O   1 
ATOM   672  C CB  . ASP A 1 86  ? 4.390   -15.409 11.307  1.00 57.28  ? 110 ASP A CB  1 
ATOM   673  C CG  . ASP A 1 86  ? 3.354   -15.587 10.227  1.00 60.03  ? 110 ASP A CG  1 
ATOM   674  O OD1 . ASP A 1 86  ? 2.938   -14.582 9.618   1.00 58.22  ? 110 ASP A OD1 1 
ATOM   675  O OD2 . ASP A 1 86  ? 2.947   -16.744 9.997   1.00 65.08  ? 110 ASP A OD2 1 
ATOM   676  N N   . HIS A 1 87  ? 6.350   -12.843 9.469   1.00 62.11  ? 111 HIS A N   1 
ATOM   677  C CA  . HIS A 1 87  ? 7.089   -12.552 8.249   1.00 59.65  ? 111 HIS A CA  1 
ATOM   678  C C   . HIS A 1 87  ? 8.508   -12.136 8.614   1.00 59.59  ? 111 HIS A C   1 
ATOM   679  O O   . HIS A 1 87  ? 8.854   -11.975 9.780   1.00 60.50  ? 111 HIS A O   1 
ATOM   680  C CB  . HIS A 1 87  ? 6.393   -11.448 7.457   1.00 60.62  ? 111 HIS A CB  1 
ATOM   681  C CG  . HIS A 1 87  ? 6.127   -10.225 8.278   1.00 61.29  ? 111 HIS A CG  1 
ATOM   682  N ND1 . HIS A 1 87  ? 7.078   -9.247  8.483   1.00 57.29  ? 111 HIS A ND1 1 
ATOM   683  C CD2 . HIS A 1 87  ? 5.044   -9.858  9.006   1.00 54.92  ? 111 HIS A CD2 1 
ATOM   684  C CE1 . HIS A 1 87  ? 6.581   -8.317  9.278   1.00 56.77  ? 111 HIS A CE1 1 
ATOM   685  N NE2 . HIS A 1 87  ? 5.348   -8.663  9.610   1.00 54.70  ? 111 HIS A NE2 1 
ATOM   686  N N   . ARG A 1 88  ? 9.320   -11.914 7.592   1.00 67.42  ? 112 ARG A N   1 
ATOM   687  C CA  . ARG A 1 88  ? 10.750  -11.706 7.762   1.00 69.91  ? 112 ARG A CA  1 
ATOM   688  C C   . ARG A 1 88  ? 11.157  -10.230 7.772   1.00 64.63  ? 112 ARG A C   1 
ATOM   689  O O   . ARG A 1 88  ? 12.354  -9.934  7.820   1.00 67.22  ? 112 ARG A O   1 
ATOM   690  C CB  . ARG A 1 88  ? 11.499  -12.453 6.651   1.00 71.78  ? 112 ARG A CB  1 
ATOM   691  C CG  . ARG A 1 88  ? 11.069  -13.926 6.507   1.00 77.79  ? 112 ARG A CG  1 
ATOM   692  C CD  . ARG A 1 88  ? 11.757  -14.657 5.339   1.00 82.19  ? 112 ARG A CD  1 
ATOM   693  N NE  . ARG A 1 88  ? 13.152  -14.253 5.159   1.00 87.90  ? 112 ARG A NE  1 
ATOM   694  C CZ  . ARG A 1 88  ? 14.137  -14.528 6.013   1.00 88.20  ? 112 ARG A CZ  1 
ATOM   695  N NH1 . ARG A 1 88  ? 15.373  -14.116 5.758   1.00 86.27  ? 112 ARG A NH1 1 
ATOM   696  N NH2 . ARG A 1 88  ? 13.886  -15.200 7.131   1.00 89.88  ? 112 ARG A NH2 1 
ATOM   697  N N   . LEU A 1 89  ? 10.207  -9.298  7.720   1.00 61.92  ? 113 LEU A N   1 
ATOM   698  C CA  . LEU A 1 89  ? 10.526  -7.888  7.516   1.00 57.74  ? 113 LEU A CA  1 
ATOM   699  C C   . LEU A 1 89  ? 10.625  -7.155  8.847   1.00 54.73  ? 113 LEU A C   1 
ATOM   700  O O   . LEU A 1 89  ? 9.712   -7.231  9.674   1.00 56.23  ? 113 LEU A O   1 
ATOM   701  C CB  . LEU A 1 89  ? 9.480   -7.218  6.635   1.00 52.72  ? 113 LEU A CB  1 
ATOM   702  C CG  . LEU A 1 89  ? 9.406   -7.813  5.242   1.00 56.63  ? 113 LEU A CG  1 
ATOM   703  C CD1 . LEU A 1 89  ? 8.256   -7.215  4.492   1.00 51.92  ? 113 LEU A CD1 1 
ATOM   704  C CD2 . LEU A 1 89  ? 10.696  -7.500  4.543   1.00 57.19  ? 113 LEU A CD2 1 
ATOM   705  N N   . LYS A 1 90  ? 11.713  -6.419  9.037   1.00 52.53  ? 114 LYS A N   1 
ATOM   706  C CA  . LYS A 1 90  ? 11.913  -5.630  10.243  1.00 56.65  ? 114 LYS A CA  1 
ATOM   707  C C   . LYS A 1 90  ? 12.005  -4.156  9.885   1.00 54.14  ? 114 LYS A C   1 
ATOM   708  O O   . LYS A 1 90  ? 12.710  -3.786  8.937   1.00 56.17  ? 114 LYS A O   1 
ATOM   709  C CB  . LYS A 1 90  ? 13.170  -6.080  10.988  1.00 53.87  ? 114 LYS A CB  1 
ATOM   710  C CG  . LYS A 1 90  ? 13.067  -7.496  11.529  1.00 57.81  ? 114 LYS A CG  1 
ATOM   711  C CD  . LYS A 1 90  ? 11.864  -7.643  12.449  1.00 60.21  ? 114 LYS A CD  1 
ATOM   712  C CE  . LYS A 1 90  ? 11.782  -9.066  13.012  1.00 64.60  ? 114 LYS A CE  1 
ATOM   713  N NZ  . LYS A 1 90  ? 11.335  -10.045 11.976  1.00 67.69  ? 114 LYS A NZ  1 
ATOM   714  N N   . ASN A 1 91  ? 11.287  -3.324  10.648  1.00 51.48  ? 115 ASN A N   1 
ATOM   715  C CA  . ASN A 1 91  ? 11.333  -1.859  10.518  1.00 52.81  ? 115 ASN A CA  1 
ATOM   716  C C   . ASN A 1 91  ? 10.906  -1.396  9.127   1.00 50.10  ? 115 ASN A C   1 
ATOM   717  O O   . ASN A 1 91  ? 11.422  -0.416  8.589   1.00 48.15  ? 115 ASN A O   1 
ATOM   718  C CB  . ASN A 1 91  ? 12.714  -1.308  10.876  1.00 50.17  ? 115 ASN A CB  1 
ATOM   719  C CG  . ASN A 1 91  ? 13.058  -1.525  12.350  1.00 64.38  ? 115 ASN A CG  1 
ATOM   720  O OD1 . ASN A 1 91  ? 12.205  -1.362  13.236  1.00 57.63  ? 115 ASN A OD1 1 
ATOM   721  N ND2 . ASN A 1 91  ? 14.305  -1.918  12.615  1.00 65.06  ? 115 ASN A ND2 1 
ATOM   722  N N   . TYR A 1 92  ? 9.956   -2.118  8.544   1.00 48.98  ? 116 TYR A N   1 
ATOM   723  C CA  . TYR A 1 92  ? 9.314   -1.680  7.319   1.00 46.47  ? 116 TYR A CA  1 
ATOM   724  C C   . TYR A 1 92  ? 8.386   -0.512  7.629   1.00 44.82  ? 116 TYR A C   1 
ATOM   725  O O   . TYR A 1 92  ? 7.491   -0.629  8.467   1.00 45.77  ? 116 TYR A O   1 
ATOM   726  C CB  . TYR A 1 92  ? 8.533   -2.841  6.699   1.00 43.69  ? 116 TYR A CB  1 
ATOM   727  C CG  . TYR A 1 92  ? 7.838   -2.525  5.384   1.00 46.51  ? 116 TYR A CG  1 
ATOM   728  C CD1 . TYR A 1 92  ? 6.575   -1.945  5.358   1.00 42.12  ? 116 TYR A CD1 1 
ATOM   729  C CD2 . TYR A 1 92  ? 8.444   -2.828  4.166   1.00 45.37  ? 116 TYR A CD2 1 
ATOM   730  C CE1 . TYR A 1 92  ? 5.932   -1.671  4.154   1.00 41.18  ? 116 TYR A CE1 1 
ATOM   731  C CE2 . TYR A 1 92  ? 7.820   -2.546  2.967   1.00 42.76  ? 116 TYR A CE2 1 
ATOM   732  C CZ  . TYR A 1 92  ? 6.558   -1.966  2.966   1.00 49.27  ? 116 TYR A CZ  1 
ATOM   733  O OH  . TYR A 1 92  ? 5.919   -1.685  1.769   1.00 52.95  ? 116 TYR A OH  1 
ATOM   734  N N   . SER A 1 93  ? 8.608   0.612   6.972   1.00 40.14  ? 117 SER A N   1 
ATOM   735  C CA  . SER A 1 93  ? 7.612   1.665   6.874   1.00 46.02  ? 117 SER A CA  1 
ATOM   736  C C   . SER A 1 93  ? 7.456   2.015   5.407   1.00 43.59  ? 117 SER A C   1 
ATOM   737  O O   . SER A 1 93  ? 8.371   1.819   4.609   1.00 44.76  ? 117 SER A O   1 
ATOM   738  C CB  . SER A 1 93  ? 7.997   2.922   7.675   1.00 44.83  ? 117 SER A CB  1 
ATOM   739  O OG  . SER A 1 93  ? 9.219   3.456   7.219   1.00 47.05  ? 117 SER A OG  1 
ATOM   740  N N   . SER A 1 94  ? 6.286   2.519   5.047   1.00 45.36  ? 118 SER A N   1 
ATOM   741  C CA  . SER A 1 94  ? 6.095   2.976   3.684   1.00 47.06  ? 118 SER A CA  1 
ATOM   742  C C   . SER A 1 94  ? 5.152   4.165   3.684   1.00 43.04  ? 118 SER A C   1 
ATOM   743  O O   . SER A 1 94  ? 4.458   4.436   4.660   1.00 44.10  ? 118 SER A O   1 
ATOM   744  C CB  . SER A 1 94  ? 5.557   1.864   2.783   1.00 43.85  ? 118 SER A CB  1 
ATOM   745  O OG  . SER A 1 94  ? 4.185   1.674   3.001   1.00 49.89  ? 118 SER A OG  1 
ATOM   746  N N   . THR A 1 95  ? 5.117   4.850   2.548   1.00 44.15  ? 119 THR A N   1 
ATOM   747  C CA  . THR A 1 95  ? 4.321   6.055   2.377   1.00 42.64  ? 119 THR A CA  1 
ATOM   748  C C   . THR A 1 95  ? 3.810   6.042   0.951   1.00 41.52  ? 119 THR A C   1 
ATOM   749  O O   . THR A 1 95  ? 4.614   6.056   0.018   1.00 41.04  ? 119 THR A O   1 
ATOM   750  C CB  . THR A 1 95  ? 5.170   7.309   2.636   1.00 41.56  ? 119 THR A CB  1 
ATOM   751  O OG1 . THR A 1 95  ? 5.396   7.456   4.036   1.00 52.93  ? 119 THR A OG1 1 
ATOM   752  C CG2 . THR A 1 95  ? 4.495   8.542   2.122   1.00 34.98  ? 119 THR A CG2 1 
ATOM   753  N N   . ILE A 1 96  ? 2.496   6.022   0.761   1.00 38.72  ? 120 ILE A N   1 
ATOM   754  C CA  . ILE A 1 96  ? 1.921   6.173   -0.571  1.00 39.49  ? 120 ILE A CA  1 
ATOM   755  C C   . ILE A 1 96  ? 1.312   7.563   -0.655  1.00 44.32  ? 120 ILE A C   1 
ATOM   756  O O   . ILE A 1 96  ? 0.690   8.043   0.303   1.00 47.05  ? 120 ILE A O   1 
ATOM   757  C CB  . ILE A 1 96  ? 0.891   5.070   -0.912  1.00 45.24  ? 120 ILE A CB  1 
ATOM   758  C CG1 . ILE A 1 96  ? 0.292   5.310   -2.304  1.00 50.08  ? 120 ILE A CG1 1 
ATOM   759  C CG2 . ILE A 1 96  ? -0.198  4.977   0.131   1.00 39.65  ? 120 ILE A CG2 1 
ATOM   760  C CD1 . ILE A 1 96  ? -0.411  4.109   -2.909  1.00 42.69  ? 120 ILE A CD1 1 
ATOM   761  N N   . SER A 1 97  ? 1.545   8.234   -1.773  1.00 38.88  ? 121 SER A N   1 
ATOM   762  C CA  . SER A 1 97  ? 1.015   9.567   -1.995  1.00 42.87  ? 121 SER A CA  1 
ATOM   763  C C   . SER A 1 97  ? 0.409   9.619   -3.387  1.00 42.90  ? 121 SER A C   1 
ATOM   764  O O   . SER A 1 97  ? 0.904   8.957   -4.305  1.00 44.45  ? 121 SER A O   1 
ATOM   765  C CB  . SER A 1 97  ? 2.102   10.630  -1.836  1.00 43.35  ? 121 SER A CB  1 
ATOM   766  O OG  . SER A 1 97  ? 3.022   10.598  -2.910  1.00 44.30  ? 121 SER A OG  1 
ATOM   767  N N   . LEU A 1 98  ? -0.675  10.383  -3.539  1.00 44.67  ? 122 LEU A N   1 
ATOM   768  C CA  . LEU A 1 98  ? -1.374  10.508  -4.813  1.00 44.84  ? 122 LEU A CA  1 
ATOM   769  C C   . LEU A 1 98  ? -1.196  11.907  -5.379  1.00 48.05  ? 122 LEU A C   1 
ATOM   770  O O   . LEU A 1 98  ? -1.144  12.887  -4.629  1.00 50.97  ? 122 LEU A O   1 
ATOM   771  C CB  . LEU A 1 98  ? -2.853  10.194  -4.659  1.00 40.10  ? 122 LEU A CB  1 
ATOM   772  C CG  . LEU A 1 98  ? -3.138  8.780   -4.157  1.00 45.70  ? 122 LEU A CG  1 
ATOM   773  C CD1 . LEU A 1 98  ? -4.639  8.532   -4.110  1.00 43.92  ? 122 LEU A CD1 1 
ATOM   774  C CD2 . LEU A 1 98  ? -2.454  7.757   -5.037  1.00 44.69  ? 122 LEU A CD2 1 
ATOM   775  N N   . HIS A 1 99  ? -1.090  11.998  -6.707  1.00 47.97  ? 123 HIS A N   1 
ATOM   776  C CA  . HIS A 1 99  ? -0.764  13.255  -7.371  1.00 49.35  ? 123 HIS A CA  1 
ATOM   777  C C   . HIS A 1 99  ? -1.552  13.376  -8.666  1.00 52.36  ? 123 HIS A C   1 
ATOM   778  O O   . HIS A 1 99  ? -1.686  12.403  -9.416  1.00 50.64  ? 123 HIS A O   1 
ATOM   779  C CB  . HIS A 1 99  ? 0.740   13.356  -7.661  1.00 43.23  ? 123 HIS A CB  1 
ATOM   780  C CG  . HIS A 1 99  ? 1.599   13.158  -6.451  1.00 47.23  ? 123 HIS A CG  1 
ATOM   781  N ND1 . HIS A 1 99  ? 2.141   14.209  -5.740  1.00 46.31  ? 123 HIS A ND1 1 
ATOM   782  C CD2 . HIS A 1 99  ? 1.991   12.030  -5.811  1.00 42.11  ? 123 HIS A CD2 1 
ATOM   783  C CE1 . HIS A 1 99  ? 2.833   13.735  -4.719  1.00 44.29  ? 123 HIS A CE1 1 
ATOM   784  N NE2 . HIS A 1 99  ? 2.757   12.415  -4.738  1.00 42.60  ? 123 HIS A NE2 1 
ATOM   785  N N   . SER A 1 100 ? -2.069  14.572  -8.923  1.00 53.17  ? 124 SER A N   1 
ATOM   786  C CA  . SER A 1 100 ? -2.813  14.808  -10.150 1.00 55.25  ? 124 SER A CA  1 
ATOM   787  C C   . SER A 1 100 ? -1.866  14.748  -11.340 1.00 56.32  ? 124 SER A C   1 
ATOM   788  O O   . SER A 1 100 ? -0.762  15.299  -11.307 1.00 55.08  ? 124 SER A O   1 
ATOM   789  C CB  . SER A 1 100 ? -3.521  16.159  -10.112 1.00 55.33  ? 124 SER A CB  1 
ATOM   790  O OG  . SER A 1 100 ? -2.605  17.199  -10.415 1.00 68.90  ? 124 SER A OG  1 
ATOM   791  N N   . GLU A 1 101 ? -2.317  14.079  -12.396 1.00 58.74  ? 125 GLU A N   1 
ATOM   792  C CA  . GLU A 1 101 ? -1.461  13.702  -13.516 1.00 59.51  ? 125 GLU A CA  1 
ATOM   793  C C   . GLU A 1 101 ? -2.360  13.589  -14.737 1.00 60.18  ? 125 GLU A C   1 
ATOM   794  O O   . GLU A 1 101 ? -3.159  12.652  -14.818 1.00 57.64  ? 125 GLU A O   1 
ATOM   795  C CB  . GLU A 1 101 ? -0.745  12.376  -13.223 1.00 53.00  ? 125 GLU A CB  1 
ATOM   796  C CG  . GLU A 1 101 ? 0.146   11.853  -14.337 1.00 54.32  ? 125 GLU A CG  1 
ATOM   797  C CD  . GLU A 1 101 ? 1.459   12.606  -14.421 1.00 60.21  ? 125 GLU A CD  1 
ATOM   798  O OE1 . GLU A 1 101 ? 1.751   13.399  -13.484 1.00 60.53  ? 125 GLU A OE1 1 
ATOM   799  O OE2 . GLU A 1 101 ? 2.200   12.407  -15.420 1.00 62.69  ? 125 GLU A OE2 1 
ATOM   800  N N   . THR A 1 102 ? -2.254  14.540  -15.666 1.00 64.32  ? 126 THR A N   1 
ATOM   801  C CA  . THR A 1 102 ? -3.031  14.476  -16.900 1.00 60.91  ? 126 THR A CA  1 
ATOM   802  C C   . THR A 1 102 ? -2.529  13.333  -17.779 1.00 67.98  ? 126 THR A C   1 
ATOM   803  O O   . THR A 1 102 ? -1.343  13.282  -18.124 1.00 67.79  ? 126 THR A O   1 
ATOM   804  C CB  . THR A 1 102 ? -2.953  15.797  -17.659 1.00 65.54  ? 126 THR A CB  1 
ATOM   805  O OG1 . THR A 1 102 ? -3.492  16.858  -16.854 1.00 63.90  ? 126 THR A OG1 1 
ATOM   806  C CG2 . THR A 1 102 ? -3.740  15.691  -18.958 1.00 64.27  ? 126 THR A CG2 1 
ATOM   807  N N   . ILE A 1 103 ? -3.443  12.425  -18.140 1.00 74.45  ? 127 ILE A N   1 
ATOM   808  C CA  . ILE A 1 103 ? -3.180  11.252  -18.978 1.00 76.73  ? 127 ILE A CA  1 
ATOM   809  C C   . ILE A 1 103 ? -4.242  11.201  -20.071 1.00 80.47  ? 127 ILE A C   1 
ATOM   810  O O   . ILE A 1 103 ? -5.441  11.210  -19.767 1.00 83.80  ? 127 ILE A O   1 
ATOM   811  C CB  . ILE A 1 103 ? -3.221  9.931   -18.171 1.00 78.32  ? 127 ILE A CB  1 
ATOM   812  C CG1 . ILE A 1 103 ? -2.214  9.909   -17.007 1.00 68.11  ? 127 ILE A CG1 1 
ATOM   813  C CG2 . ILE A 1 103 ? -3.046  8.718   -19.100 1.00 73.28  ? 127 ILE A CG2 1 
ATOM   814  C CD1 . ILE A 1 103 ? -2.467  8.772   -15.996 1.00 54.70  ? 127 ILE A CD1 1 
ATOM   815  N N   . ASP A 1 104 ? -3.808  11.127  -21.335 1.00 83.20  ? 128 ASP A N   1 
ATOM   816  C CA  . ASP A 1 104 ? -4.713  10.968  -22.488 1.00 85.20  ? 128 ASP A CA  1 
ATOM   817  C C   . ASP A 1 104 ? -5.680  12.147  -22.627 1.00 81.16  ? 128 ASP A C   1 
ATOM   818  O O   . ASP A 1 104 ? -6.834  11.978  -23.038 1.00 79.06  ? 128 ASP A O   1 
ATOM   819  C CB  . ASP A 1 104 ? -5.497  9.647   -22.416 1.00 87.65  ? 128 ASP A CB  1 
ATOM   820  C CG  . ASP A 1 104 ? -4.668  8.431   -22.833 1.00 88.86  ? 128 ASP A CG  1 
ATOM   821  O OD1 . ASP A 1 104 ? -3.757  8.590   -23.675 1.00 89.15  ? 128 ASP A OD1 1 
ATOM   822  O OD2 . ASP A 1 104 ? -4.940  7.313   -22.324 1.00 83.24  ? 128 ASP A OD2 1 
ATOM   823  N N   . GLY A 1 105 ? -5.210  13.353  -22.284 1.00 78.29  ? 129 GLY A N   1 
ATOM   824  C CA  . GLY A 1 105 ? -6.035  14.547  -22.314 1.00 75.59  ? 129 GLY A CA  1 
ATOM   825  C C   . GLY A 1 105 ? -6.992  14.709  -21.150 1.00 77.89  ? 129 GLY A C   1 
ATOM   826  O O   . GLY A 1 105 ? -7.500  15.817  -20.930 1.00 73.86  ? 129 GLY A O   1 
ATOM   827  N N   . LYS A 1 106 ? -7.254  13.645  -20.397 1.00 79.98  ? 130 LYS A N   1 
ATOM   828  C CA  . LYS A 1 106 ? -8.113  13.666  -19.224 1.00 77.43  ? 130 LYS A CA  1 
ATOM   829  C C   . LYS A 1 106 ? -7.260  13.642  -17.959 1.00 74.52  ? 130 LYS A C   1 
ATOM   830  O O   . LYS A 1 106 ? -6.071  13.313  -17.992 1.00 72.25  ? 130 LYS A O   1 
ATOM   831  C CB  . LYS A 1 106 ? -9.065  12.471  -19.256 1.00 79.15  ? 130 LYS A CB  1 
ATOM   832  C CG  . LYS A 1 106 ? -9.533  12.114  -20.663 1.00 77.27  ? 130 LYS A CG  1 
ATOM   833  C CD  . LYS A 1 106 ? -10.539 10.984  -20.647 1.00 78.21  ? 130 LYS A CD  1 
ATOM   834  C CE  . LYS A 1 106 ? -10.929 10.595  -22.051 1.00 76.30  ? 130 LYS A CE  1 
ATOM   835  N NZ  . LYS A 1 106 ? -12.004 9.574   -22.062 1.00 76.53  ? 130 LYS A NZ  1 
ATOM   836  N N   . THR A 1 107 ? -7.866  14.018  -16.838 1.00 70.28  ? 131 THR A N   1 
ATOM   837  C CA  . THR A 1 107 ? -7.117  14.038  -15.591 1.00 70.67  ? 131 THR A CA  1 
ATOM   838  C C   . THR A 1 107 ? -7.028  12.633  -15.013 1.00 70.05  ? 131 THR A C   1 
ATOM   839  O O   . THR A 1 107 ? -8.004  11.877  -15.001 1.00 65.78  ? 131 THR A O   1 
ATOM   840  C CB  . THR A 1 107 ? -7.741  14.987  -14.566 1.00 65.68  ? 131 THR A CB  1 
ATOM   841  O OG1 . THR A 1 107 ? -8.981  14.446  -14.101 1.00 70.49  ? 131 THR A OG1 1 
ATOM   842  C CG2 . THR A 1 107 ? -7.962  16.369  -15.180 1.00 70.22  ? 131 THR A CG2 1 
ATOM   843  N N   . GLY A 1 108 ? -5.840  12.279  -14.549 1.00 63.02  ? 132 GLY A N   1 
ATOM   844  C CA  . GLY A 1 108 ? -5.652  10.986  -13.937 1.00 60.32  ? 132 GLY A CA  1 
ATOM   845  C C   . GLY A 1 108 ? -4.940  11.119  -12.613 1.00 51.69  ? 132 GLY A C   1 
ATOM   846  O O   . GLY A 1 108 ? -4.859  12.208  -12.045 1.00 48.63  ? 132 GLY A O   1 
ATOM   847  N N   . THR A 1 109 ? -4.400  10.017  -12.127 1.00 52.61  ? 133 THR A N   1 
ATOM   848  C CA  . THR A 1 109 ? -3.732  9.988   -10.841 1.00 51.36  ? 133 THR A CA  1 
ATOM   849  C C   . THR A 1 109 ? -2.403  9.270   -10.979 1.00 47.33  ? 133 THR A C   1 
ATOM   850  O O   . THR A 1 109 ? -2.303  8.252   -11.673 1.00 48.54  ? 133 THR A O   1 
ATOM   851  C CB  . THR A 1 109 ? -4.605  9.297   -9.808  1.00 50.76  ? 133 THR A CB  1 
ATOM   852  O OG1 . THR A 1 109 ? -5.853  9.991   -9.732  1.00 51.05  ? 133 THR A OG1 1 
ATOM   853  C CG2 . THR A 1 109 ? -3.932  9.297   -8.448  1.00 43.38  ? 133 THR A CG2 1 
ATOM   854  N N   . LEU A 1 110 ? -1.385  9.817   -10.338 1.00 44.31  ? 134 LEU A N   1 
ATOM   855  C CA  . LEU A 1 110 ? -0.077  9.181   -10.279 1.00 50.12  ? 134 LEU A CA  1 
ATOM   856  C C   . LEU A 1 110 ? 0.125   8.727   -8.843  1.00 46.42  ? 134 LEU A C   1 
ATOM   857  O O   . LEU A 1 110 ? 0.246   9.556   -7.938  1.00 50.72  ? 134 LEU A O   1 
ATOM   858  C CB  . LEU A 1 110 ? 1.046   10.117  -10.719 1.00 48.06  ? 134 LEU A CB  1 
ATOM   859  C CG  . LEU A 1 110 ? 2.424   9.496   -10.427 1.00 47.83  ? 134 LEU A CG  1 
ATOM   860  C CD1 . LEU A 1 110 ? 2.588   8.182   -11.185 1.00 44.25  ? 134 LEU A CD1 1 
ATOM   861  C CD2 . LEU A 1 110 ? 3.556   10.462  -10.744 1.00 45.39  ? 134 LEU A CD2 1 
ATOM   862  N N   . ALA A 1 111 ? 0.151   7.416   -8.641  1.00 47.86  ? 135 ALA A N   1 
ATOM   863  C CA  . ALA A 1 111 ? 0.363   6.832   -7.325  1.00 44.33  ? 135 ALA A CA  1 
ATOM   864  C C   . ALA A 1 111 ? 1.850   6.571   -7.124  1.00 44.60  ? 135 ALA A C   1 
ATOM   865  O O   . ALA A 1 111 ? 2.517   6.014   -8.006  1.00 48.52  ? 135 ALA A O   1 
ATOM   866  C CB  . ALA A 1 111 ? -0.445  5.541   -7.182  1.00 43.31  ? 135 ALA A CB  1 
ATOM   867  N N   . ILE A 1 112 ? 2.371   6.994   -5.976  1.00 45.52  ? 136 ILE A N   1 
ATOM   868  C CA  . ILE A 1 112 ? 3.794   6.878   -5.653  1.00 46.77  ? 136 ILE A CA  1 
ATOM   869  C C   . ILE A 1 112 ? 3.914   6.300   -4.249  1.00 42.64  ? 136 ILE A C   1 
ATOM   870  O O   . ILE A 1 112 ? 3.376   6.873   -3.298  1.00 43.76  ? 136 ILE A O   1 
ATOM   871  C CB  . ILE A 1 112 ? 4.511   8.232   -5.727  1.00 43.83  ? 136 ILE A CB  1 
ATOM   872  C CG1 . ILE A 1 112 ? 4.330   8.864   -7.108  1.00 46.15  ? 136 ILE A CG1 1 
ATOM   873  C CG2 . ILE A 1 112 ? 5.955   8.067   -5.348  1.00 43.76  ? 136 ILE A CG2 1 
ATOM   874  C CD1 . ILE A 1 112 ? 4.914   10.249  -7.236  1.00 41.44  ? 136 ILE A CD1 1 
ATOM   875  N N   . GLU A 1 113 ? 4.621   5.182   -4.115  1.00 42.97  ? 137 GLU A N   1 
ATOM   876  C CA  . GLU A 1 113 ? 4.793   4.505   -2.832  1.00 45.88  ? 137 GLU A CA  1 
ATOM   877  C C   . GLU A 1 113 ? 6.281   4.284   -2.598  1.00 41.50  ? 137 GLU A C   1 
ATOM   878  O O   . GLU A 1 113 ? 6.913   3.525   -3.333  1.00 43.70  ? 137 GLU A O   1 
ATOM   879  C CB  . GLU A 1 113 ? 4.034   3.173   -2.810  1.00 41.55  ? 137 GLU A CB  1 
ATOM   880  C CG  . GLU A 1 113 ? 4.226   2.383   -1.538  1.00 41.94  ? 137 GLU A CG  1 
ATOM   881  C CD  . GLU A 1 113 ? 3.164   1.314   -1.333  1.00 48.01  ? 137 GLU A CD  1 
ATOM   882  O OE1 . GLU A 1 113 ? 2.128   1.374   -2.024  1.00 51.85  ? 137 GLU A OE1 1 
ATOM   883  O OE2 . GLU A 1 113 ? 3.363   0.412   -0.483  1.00 49.31  ? 137 GLU A OE2 1 
ATOM   884  N N   . SER A 1 114 ? 6.840   4.935   -1.588  1.00 38.00  ? 138 SER A N   1 
ATOM   885  C CA  . SER A 1 114 ? 8.213   4.691   -1.172  1.00 41.41  ? 138 SER A CA  1 
ATOM   886  C C   . SER A 1 114 ? 8.234   3.891   0.126   1.00 44.96  ? 138 SER A C   1 
ATOM   887  O O   . SER A 1 114 ? 7.362   4.064   0.982   1.00 42.05  ? 138 SER A O   1 
ATOM   888  C CB  . SER A 1 114 ? 8.960   6.008   -0.996  1.00 45.93  ? 138 SER A CB  1 
ATOM   889  O OG  . SER A 1 114 ? 9.033   6.709   -2.235  1.00 53.89  ? 138 SER A OG  1 
ATOM   890  N N   . PHE A 1 115 ? 9.216   2.994   0.259   1.00 43.31  ? 139 PHE A N   1 
ATOM   891  C CA  . PHE A 1 115 ? 9.333   2.150   1.447   1.00 48.98  ? 139 PHE A CA  1 
ATOM   892  C C   . PHE A 1 115 ? 10.788  2.091   1.896   1.00 47.48  ? 139 PHE A C   1 
ATOM   893  O O   . PHE A 1 115 ? 11.708  2.302   1.109   1.00 46.47  ? 139 PHE A O   1 
ATOM   894  C CB  . PHE A 1 115 ? 8.815   0.713   1.202   1.00 43.42  ? 139 PHE A CB  1 
ATOM   895  C CG  . PHE A 1 115 ? 9.704   -0.098  0.298   1.00 47.85  ? 139 PHE A CG  1 
ATOM   896  C CD1 . PHE A 1 115 ? 9.615   0.030   -1.078  1.00 43.66  ? 139 PHE A CD1 1 
ATOM   897  C CD2 . PHE A 1 115 ? 10.646  -0.970  0.829   1.00 47.84  ? 139 PHE A CD2 1 
ATOM   898  C CE1 . PHE A 1 115 ? 10.446  -0.695  -1.915  1.00 49.15  ? 139 PHE A CE1 1 
ATOM   899  C CE2 . PHE A 1 115 ? 11.491  -1.686  0.007   1.00 45.73  ? 139 PHE A CE2 1 
ATOM   900  C CZ  . PHE A 1 115 ? 11.385  -1.556  -1.374  1.00 51.76  ? 139 PHE A CZ  1 
ATOM   901  N N   . VAL A 1 116 ? 10.984  1.800   3.182   1.00 47.53  ? 140 VAL A N   1 
ATOM   902  C CA  . VAL A 1 116 ? 12.303  1.529   3.743   1.00 48.53  ? 140 VAL A CA  1 
ATOM   903  C C   . VAL A 1 116 ? 12.158  0.306   4.649   1.00 49.60  ? 140 VAL A C   1 
ATOM   904  O O   . VAL A 1 116 ? 11.078  0.037   5.181   1.00 47.09  ? 140 VAL A O   1 
ATOM   905  C CB  . VAL A 1 116 ? 12.887  2.773   4.480   1.00 49.93  ? 140 VAL A CB  1 
ATOM   906  C CG1 . VAL A 1 116 ? 12.087  3.138   5.733   1.00 48.87  ? 140 VAL A CG1 1 
ATOM   907  C CG2 . VAL A 1 116 ? 14.365  2.567   4.825   1.00 57.37  ? 140 VAL A CG2 1 
ATOM   908  N N   . VAL A 1 117 ? 13.229  -0.482  4.769   1.00 50.52  ? 141 VAL A N   1 
ATOM   909  C CA  . VAL A 1 117 ? 13.154  -1.743  5.509   1.00 52.31  ? 141 VAL A CA  1 
ATOM   910  C C   . VAL A 1 117 ? 14.548  -2.303  5.802   1.00 53.33  ? 141 VAL A C   1 
ATOM   911  O O   . VAL A 1 117 ? 15.480  -2.134  5.010   1.00 54.56  ? 141 VAL A O   1 
ATOM   912  C CB  . VAL A 1 117 ? 12.294  -2.776  4.750   1.00 51.57  ? 141 VAL A CB  1 
ATOM   913  C CG1 . VAL A 1 117 ? 12.976  -3.208  3.464   1.00 52.74  ? 141 VAL A CG1 1 
ATOM   914  C CG2 . VAL A 1 117 ? 11.982  -3.993  5.638   1.00 52.31  ? 141 VAL A CG2 1 
ATOM   915  N N   . ASP A 1 118 ? 14.695  -2.955  6.958   1.00 58.12  ? 142 ASP A N   1 
ATOM   916  C CA  . ASP A 1 118 ? 15.942  -3.626  7.317   1.00 62.16  ? 142 ASP A CA  1 
ATOM   917  C C   . ASP A 1 118 ? 16.210  -4.799  6.382   1.00 60.34  ? 142 ASP A C   1 
ATOM   918  O O   . ASP A 1 118 ? 15.291  -5.525  5.997   1.00 56.08  ? 142 ASP A O   1 
ATOM   919  C CB  . ASP A 1 118 ? 15.881  -4.163  8.754   1.00 52.79  ? 142 ASP A CB  1 
ATOM   920  C CG  . ASP A 1 118 ? 16.074  -3.088  9.813   1.00 58.08  ? 142 ASP A CG  1 
ATOM   921  O OD1 . ASP A 1 118 ? 16.261  -1.902  9.471   1.00 58.38  ? 142 ASP A OD1 1 
ATOM   922  O OD2 . ASP A 1 118 ? 16.041  -3.450  11.014  1.00 61.91  ? 142 ASP A OD2 1 
ATOM   923  N N   . VAL A 1 119 ? 17.473  -5.001  6.036   1.00 63.20  ? 143 VAL A N   1 
ATOM   924  C CA  . VAL A 1 119 ? 17.871  -6.253  5.388   1.00 67.29  ? 143 VAL A CA  1 
ATOM   925  C C   . VAL A 1 119 ? 18.056  -7.316  6.465   1.00 67.28  ? 143 VAL A C   1 
ATOM   926  O O   . VAL A 1 119 ? 18.704  -7.037  7.489   1.00 64.83  ? 143 VAL A O   1 
ATOM   927  C CB  . VAL A 1 119 ? 19.154  -6.061  4.590   1.00 67.89  ? 143 VAL A CB  1 
ATOM   928  C CG1 . VAL A 1 119 ? 19.541  -7.361  3.912   1.00 70.58  ? 143 VAL A CG1 1 
ATOM   929  C CG2 . VAL A 1 119 ? 19.001  -4.935  3.584   1.00 67.89  ? 143 VAL A CG2 1 
ATOM   930  N N   . PRO A 1 120 ? 17.495  -8.516  6.302   1.00 74.21  ? 144 PRO A N   1 
ATOM   931  C CA  . PRO A 1 120 ? 17.811  -9.603  7.240   1.00 77.67  ? 144 PRO A CA  1 
ATOM   932  C C   . PRO A 1 120 ? 19.310  -9.868  7.279   1.00 83.64  ? 144 PRO A C   1 
ATOM   933  O O   . PRO A 1 120 ? 20.023  -9.637  6.297   1.00 83.11  ? 144 PRO A O   1 
ATOM   934  C CB  . PRO A 1 120 ? 17.041  -10.799 6.672   1.00 75.47  ? 144 PRO A CB  1 
ATOM   935  C CG  . PRO A 1 120 ? 15.890  -10.171 5.947   1.00 69.23  ? 144 PRO A CG  1 
ATOM   936  C CD  . PRO A 1 120 ? 16.440  -8.901  5.347   1.00 67.28  ? 144 PRO A CD  1 
ATOM   937  N N   . GLU A 1 121 ? 19.791  -10.323 8.445   1.00 92.04  ? 145 GLU A N   1 
ATOM   938  C CA  . GLU A 1 121 ? 21.207  -10.663 8.594   1.00 93.53  ? 145 GLU A CA  1 
ATOM   939  C C   . GLU A 1 121 ? 21.637  -11.610 7.487   1.00 91.50  ? 145 GLU A C   1 
ATOM   940  O O   . GLU A 1 121 ? 22.562  -11.321 6.719   1.00 90.30  ? 145 GLU A O   1 
ATOM   941  C CB  . GLU A 1 121 ? 21.474  -11.302 9.963   1.00 96.45  ? 145 GLU A CB  1 
ATOM   942  C CG  . GLU A 1 121 ? 21.434  -10.356 11.158  1.00 102.88 ? 145 GLU A CG  1 
ATOM   943  C CD  . GLU A 1 121 ? 21.411  -11.097 12.498  1.00 98.84  ? 145 GLU A CD  1 
ATOM   944  O OE1 . GLU A 1 121 ? 21.452  -12.348 12.503  1.00 90.38  ? 145 GLU A OE1 1 
ATOM   945  O OE2 . GLU A 1 121 ? 21.347  -10.423 13.549  1.00 101.06 ? 145 GLU A OE2 1 
ATOM   946  N N   . GLY A 1 122 ? 20.946  -12.742 7.382   1.00 92.83  ? 146 GLY A N   1 
ATOM   947  C CA  . GLY A 1 122 ? 21.158  -13.672 6.295   1.00 96.89  ? 146 GLY A CA  1 
ATOM   948  C C   . GLY A 1 122 ? 20.296  -13.375 5.083   1.00 94.47  ? 146 GLY A C   1 
ATOM   949  O O   . GLY A 1 122 ? 19.352  -14.120 4.786   1.00 91.97  ? 146 GLY A O   1 
ATOM   950  N N   . ASN A 1 123 ? 20.613  -12.279 4.392   1.00 90.00  ? 147 ASN A N   1 
ATOM   951  C CA  . ASN A 1 123 ? 20.012  -11.948 3.107   1.00 84.38  ? 147 ASN A CA  1 
ATOM   952  C C   . ASN A 1 123 ? 20.755  -10.762 2.512   1.00 81.53  ? 147 ASN A C   1 
ATOM   953  O O   . ASN A 1 123 ? 21.483  -10.048 3.209   1.00 80.69  ? 147 ASN A O   1 
ATOM   954  C CB  . ASN A 1 123 ? 18.519  -11.653 3.231   1.00 77.15  ? 147 ASN A CB  1 
ATOM   955  C CG  . ASN A 1 123 ? 17.676  -12.752 2.631   1.00 83.79  ? 147 ASN A CG  1 
ATOM   956  O OD1 . ASN A 1 123 ? 18.100  -13.413 1.682   1.00 91.63  ? 147 ASN A OD1 1 
ATOM   957  N ND2 . ASN A 1 123 ? 16.489  -12.965 3.178   1.00 81.47  ? 147 ASN A ND2 1 
ATOM   958  N N   . THR A 1 124 ? 20.569  -10.573 1.209   1.00 81.09  ? 148 THR A N   1 
ATOM   959  C CA  . THR A 1 124 ? 21.244  -9.519  0.461   1.00 80.94  ? 148 THR A CA  1 
ATOM   960  C C   . THR A 1 124 ? 20.397  -8.255  0.421   1.00 77.46  ? 148 THR A C   1 
ATOM   961  O O   . THR A 1 124 ? 19.166  -8.312  0.499   1.00 69.55  ? 148 THR A O   1 
ATOM   962  C CB  . THR A 1 124 ? 21.520  -9.969  -0.973  1.00 80.67  ? 148 THR A CB  1 
ATOM   963  O OG1 . THR A 1 124 ? 22.036  -11.309 -0.963  1.00 86.71  ? 148 THR A OG1 1 
ATOM   964  C CG2 . THR A 1 124 ? 22.501  -9.018  -1.666  1.00 77.77  ? 148 THR A CG2 1 
ATOM   965  N N   . LYS A 1 125 ? 21.073  -7.109  0.280   1.00 76.25  ? 149 LYS A N   1 
ATOM   966  C CA  . LYS A 1 125 ? 20.365  -5.862  0.011   1.00 72.35  ? 149 LYS A CA  1 
ATOM   967  C C   . LYS A 1 125 ? 19.601  -5.951  -1.300  1.00 73.22  ? 149 LYS A C   1 
ATOM   968  O O   . LYS A 1 125 ? 18.411  -5.625  -1.366  1.00 71.46  ? 149 LYS A O   1 
ATOM   969  C CB  . LYS A 1 125 ? 21.341  -4.689  -0.024  1.00 74.00  ? 149 LYS A CB  1 
ATOM   970  C CG  . LYS A 1 125 ? 20.688  -3.373  -0.425  1.00 72.59  ? 149 LYS A CG  1 
ATOM   971  C CD  . LYS A 1 125 ? 21.627  -2.195  -0.209  1.00 75.21  ? 149 LYS A CD  1 
ATOM   972  C CE  . LYS A 1 125 ? 22.052  -2.099  1.245   1.00 73.92  ? 149 LYS A CE  1 
ATOM   973  N NZ  . LYS A 1 125 ? 22.691  -0.794  1.553   1.00 71.04  ? 149 LYS A NZ  1 
ATOM   974  N N   . GLU A 1 126 ? 20.273  -6.395  -2.359  1.00 79.48  ? 150 GLU A N   1 
ATOM   975  C CA  . GLU A 1 126 ? 19.604  -6.499  -3.647  1.00 73.66  ? 150 GLU A CA  1 
ATOM   976  C C   . GLU A 1 126 ? 18.487  -7.526  -3.589  1.00 68.67  ? 150 GLU A C   1 
ATOM   977  O O   . GLU A 1 126 ? 17.412  -7.317  -4.159  1.00 65.77  ? 150 GLU A O   1 
ATOM   978  C CB  . GLU A 1 126 ? 20.623  -6.850  -4.732  1.00 77.65  ? 150 GLU A CB  1 
ATOM   979  C CG  . GLU A 1 126 ? 21.886  -5.999  -4.652  1.00 77.12  ? 150 GLU A CG  1 
ATOM   980  C CD  . GLU A 1 126 ? 22.479  -5.685  -6.015  1.00 84.58  ? 150 GLU A CD  1 
ATOM   981  O OE1 . GLU A 1 126 ? 21.962  -6.192  -7.035  1.00 83.10  ? 150 GLU A OE1 1 
ATOM   982  O OE2 . GLU A 1 126 ? 23.470  -4.922  -6.069  1.00 95.26  ? 150 GLU A OE2 1 
ATOM   983  N N   . GLU A 1 127 ? 18.708  -8.626  -2.869  1.00 73.23  ? 151 GLU A N   1 
ATOM   984  C CA  . GLU A 1 127 ? 17.709  -9.687  -2.809  1.00 71.93  ? 151 GLU A CA  1 
ATOM   985  C C   . GLU A 1 127 ? 16.484  -9.263  -2.013  1.00 68.53  ? 151 GLU A C   1 
ATOM   986  O O   . GLU A 1 127 ? 15.363  -9.675  -2.338  1.00 66.56  ? 151 GLU A O   1 
ATOM   987  C CB  . GLU A 1 127 ? 18.333  -10.946 -2.209  1.00 75.61  ? 151 GLU A CB  1 
ATOM   988  C CG  . GLU A 1 127 ? 17.506  -12.204 -2.356  1.00 79.36  ? 151 GLU A CG  1 
ATOM   989  C CD  . GLU A 1 127 ? 18.290  -13.441 -1.966  1.00 88.64  ? 151 GLU A CD  1 
ATOM   990  O OE1 . GLU A 1 127 ? 19.503  -13.302 -1.675  1.00 86.93  ? 151 GLU A OE1 1 
ATOM   991  O OE2 . GLU A 1 127 ? 17.696  -14.546 -1.955  1.00 95.04  ? 151 GLU A OE2 1 
ATOM   992  N N   . THR A 1 128 ? 16.687  -8.449  -0.975  1.00 71.73  ? 152 THR A N   1 
ATOM   993  C CA  . THR A 1 128 ? 15.588  -7.936  -0.159  1.00 68.03  ? 152 THR A CA  1 
ATOM   994  C C   . THR A 1 128 ? 14.773  -6.905  -0.929  1.00 66.53  ? 152 THR A C   1 
ATOM   995  O O   . THR A 1 128 ? 13.585  -7.113  -1.218  1.00 62.73  ? 152 THR A O   1 
ATOM   996  C CB  . THR A 1 128 ? 16.143  -7.306  1.129   1.00 71.38  ? 152 THR A CB  1 
ATOM   997  O OG1 . THR A 1 128 ? 16.693  -8.312  1.994   1.00 73.63  ? 152 THR A OG1 1 
ATOM   998  C CG2 . THR A 1 128 ? 15.053  -6.552  1.883   1.00 71.16  ? 152 THR A CG2 1 
ATOM   999  N N   . CYS A 1 129 ? 15.410  -5.774  -1.246  1.00 58.10  ? 153 CYS A N   1 
ATOM   1000 C CA  . CYS A 1 129 ? 14.877  -4.650  -2.007  1.00 58.69  ? 153 CYS A CA  1 
ATOM   1001 C C   . CYS A 1 129 ? 14.010  -5.086  -3.183  1.00 59.41  ? 153 CYS A C   1 
ATOM   1002 O O   . CYS A 1 129 ? 12.947  -4.507  -3.441  1.00 55.14  ? 153 CYS A O   1 
ATOM   1003 C CB  . CYS A 1 129 ? 16.059  -3.804  -2.499  1.00 69.53  ? 153 CYS A CB  1 
ATOM   1004 S SG  . CYS A 1 129 ? 15.754  -2.081  -2.955  1.00 90.73  ? 153 CYS A SG  1 
ATOM   1005 N N   . PHE A 1 130 ? 14.440  -6.124  -3.888  1.00 56.32  ? 154 PHE A N   1 
ATOM   1006 C CA  . PHE A 1 130 ? 13.769  -6.509  -5.119  1.00 56.78  ? 154 PHE A CA  1 
ATOM   1007 C C   . PHE A 1 130 ? 12.464  -7.251  -4.850  1.00 55.28  ? 154 PHE A C   1 
ATOM   1008 O O   . PHE A 1 130 ? 11.472  -7.054  -5.562  1.00 49.88  ? 154 PHE A O   1 
ATOM   1009 C CB  . PHE A 1 130 ? 14.708  -7.362  -5.969  1.00 60.84  ? 154 PHE A CB  1 
ATOM   1010 C CG  . PHE A 1 130 ? 14.045  -7.949  -7.155  1.00 62.51  ? 154 PHE A CG  1 
ATOM   1011 C CD1 . PHE A 1 130 ? 13.622  -7.131  -8.192  1.00 62.56  ? 154 PHE A CD1 1 
ATOM   1012 C CD2 . PHE A 1 130 ? 13.804  -9.313  -7.227  1.00 58.75  ? 154 PHE A CD2 1 
ATOM   1013 C CE1 . PHE A 1 130 ? 12.981  -7.666  -9.292  1.00 66.57  ? 154 PHE A CE1 1 
ATOM   1014 C CE2 . PHE A 1 130 ? 13.172  -9.859  -8.324  1.00 56.93  ? 154 PHE A CE2 1 
ATOM   1015 C CZ  . PHE A 1 130 ? 12.754  -9.042  -9.352  1.00 61.68  ? 154 PHE A CZ  1 
ATOM   1016 N N   . PHE A 1 131 ? 12.443  -8.095  -3.825  1.00 60.25  ? 155 PHE A N   1 
ATOM   1017 C CA  . PHE A 1 131 ? 11.232  -8.843  -3.516  1.00 56.72  ? 155 PHE A CA  1 
ATOM   1018 C C   . PHE A 1 131 ? 10.083  -7.911  -3.120  1.00 55.30  ? 155 PHE A C   1 
ATOM   1019 O O   . PHE A 1 131 ? 8.924   -8.158  -3.472  1.00 54.45  ? 155 PHE A O   1 
ATOM   1020 C CB  . PHE A 1 131 ? 11.537  -9.844  -2.401  1.00 61.56  ? 155 PHE A CB  1 
ATOM   1021 C CG  . PHE A 1 131 ? 10.406  -10.787 -2.105  1.00 67.48  ? 155 PHE A CG  1 
ATOM   1022 C CD1 . PHE A 1 131 ? 9.524   -11.176 -3.115  1.00 65.66  ? 155 PHE A CD1 1 
ATOM   1023 C CD2 . PHE A 1 131 ? 10.214  -11.275 -0.819  1.00 63.21  ? 155 PHE A CD2 1 
ATOM   1024 C CE1 . PHE A 1 131 ? 8.479   -12.043 -2.843  1.00 62.98  ? 155 PHE A CE1 1 
ATOM   1025 C CE2 . PHE A 1 131 ? 9.172   -12.140 -0.532  1.00 66.93  ? 155 PHE A CE2 1 
ATOM   1026 C CZ  . PHE A 1 131 ? 8.302   -12.525 -1.544  1.00 68.55  ? 155 PHE A CZ  1 
ATOM   1027 N N   . VAL A 1 132 ? 10.385  -6.824  -2.405  1.00 53.93  ? 156 VAL A N   1 
ATOM   1028 C CA  . VAL A 1 132 ? 9.338   -5.912  -1.944  1.00 49.65  ? 156 VAL A CA  1 
ATOM   1029 C C   . VAL A 1 132 ? 8.821   -5.053  -3.095  1.00 49.94  ? 156 VAL A C   1 
ATOM   1030 O O   . VAL A 1 132 ? 7.612   -4.811  -3.216  1.00 47.47  ? 156 VAL A O   1 
ATOM   1031 C CB  . VAL A 1 132 ? 9.862   -5.039  -0.785  1.00 48.63  ? 156 VAL A CB  1 
ATOM   1032 C CG1 . VAL A 1 132 ? 8.851   -3.965  -0.433  1.00 50.27  ? 156 VAL A CG1 1 
ATOM   1033 C CG2 . VAL A 1 132 ? 10.173  -5.899  0.426   1.00 48.70  ? 156 VAL A CG2 1 
ATOM   1034 N N   . GLU A 1 133 ? 9.728   -4.563  -3.945  1.00 48.69  ? 157 GLU A N   1 
ATOM   1035 C CA  . GLU A 1 133 ? 9.320   -3.828  -5.139  1.00 48.82  ? 157 GLU A CA  1 
ATOM   1036 C C   . GLU A 1 133 ? 8.279   -4.606  -5.930  1.00 48.49  ? 157 GLU A C   1 
ATOM   1037 O O   . GLU A 1 133 ? 7.200   -4.088  -6.234  1.00 47.65  ? 157 GLU A O   1 
ATOM   1038 C CB  . GLU A 1 133 ? 10.536  -3.518  -6.022  1.00 47.13  ? 157 GLU A CB  1 
ATOM   1039 C CG  . GLU A 1 133 ? 11.495  -2.460  -5.451  1.00 50.75  ? 157 GLU A CG  1 
ATOM   1040 C CD  . GLU A 1 133 ? 12.815  -2.366  -6.217  1.00 56.16  ? 157 GLU A CD  1 
ATOM   1041 O OE1 . GLU A 1 133 ? 12.814  -2.545  -7.458  1.00 53.69  ? 157 GLU A OE1 1 
ATOM   1042 O OE2 . GLU A 1 133 ? 13.855  -2.123  -5.571  1.00 59.77  ? 157 GLU A OE2 1 
ATOM   1043 N N   . ALA A 1 134 ? 8.577   -5.867  -6.257  1.00 49.10  ? 158 ALA A N   1 
ATOM   1044 C CA  . ALA A 1 134 ? 7.657   -6.648  -7.081  1.00 48.82  ? 158 ALA A CA  1 
ATOM   1045 C C   . ALA A 1 134 ? 6.285   -6.754  -6.433  1.00 47.88  ? 158 ALA A C   1 
ATOM   1046 O O   . ALA A 1 134 ? 5.260   -6.665  -7.117  1.00 55.03  ? 158 ALA A O   1 
ATOM   1047 C CB  . ALA A 1 134 ? 8.233   -8.038  -7.347  1.00 48.66  ? 158 ALA A CB  1 
ATOM   1048 N N   . LEU A 1 135 ? 6.245   -6.938  -5.114  1.00 43.76  ? 159 LEU A N   1 
ATOM   1049 C CA  . LEU A 1 135 ? 4.969   -7.013  -4.413  1.00 46.32  ? 159 LEU A CA  1 
ATOM   1050 C C   . LEU A 1 135 ? 4.221   -5.685  -4.476  1.00 45.83  ? 159 LEU A C   1 
ATOM   1051 O O   . LEU A 1 135 ? 2.994   -5.660  -4.640  1.00 48.91  ? 159 LEU A O   1 
ATOM   1052 C CB  . LEU A 1 135 ? 5.199   -7.434  -2.959  1.00 44.79  ? 159 LEU A CB  1 
ATOM   1053 C CG  . LEU A 1 135 ? 5.899   -8.773  -2.775  1.00 52.52  ? 159 LEU A CG  1 
ATOM   1054 C CD1 . LEU A 1 135 ? 5.789   -9.271  -1.336  1.00 52.83  ? 159 LEU A CD1 1 
ATOM   1055 C CD2 . LEU A 1 135 ? 5.301   -9.781  -3.757  1.00 53.75  ? 159 LEU A CD2 1 
ATOM   1056 N N   . ILE A 1 136 ? 4.939   -4.572  -4.335  1.00 44.19  ? 160 ILE A N   1 
ATOM   1057 C CA  . ILE A 1 136 ? 4.286   -3.269  -4.347  1.00 46.25  ? 160 ILE A CA  1 
ATOM   1058 C C   . ILE A 1 136 ? 3.753   -2.959  -5.738  1.00 45.05  ? 160 ILE A C   1 
ATOM   1059 O O   . ILE A 1 136 ? 2.615   -2.490  -5.894  1.00 46.55  ? 160 ILE A O   1 
ATOM   1060 C CB  . ILE A 1 136 ? 5.264   -2.193  -3.848  1.00 42.41  ? 160 ILE A CB  1 
ATOM   1061 C CG1 . ILE A 1 136 ? 5.502   -2.367  -2.348  1.00 46.00  ? 160 ILE A CG1 1 
ATOM   1062 C CG2 . ILE A 1 136 ? 4.734   -0.808  -4.131  1.00 42.88  ? 160 ILE A CG2 1 
ATOM   1063 C CD1 . ILE A 1 136 ? 6.396   -1.320  -1.752  1.00 44.07  ? 160 ILE A CD1 1 
ATOM   1064 N N   . GLN A 1 137 ? 4.545   -3.243  -6.769  1.00 43.60  ? 161 GLN A N   1 
ATOM   1065 C CA  . GLN A 1 137 ? 4.083   -3.012  -8.135  1.00 51.52  ? 161 GLN A CA  1 
ATOM   1066 C C   . GLN A 1 137 ? 2.828   -3.823  -8.427  1.00 47.27  ? 161 GLN A C   1 
ATOM   1067 O O   . GLN A 1 137 ? 1.893   -3.318  -9.052  1.00 51.98  ? 161 GLN A O   1 
ATOM   1068 C CB  . GLN A 1 137 ? 5.198   -3.341  -9.131  1.00 50.93  ? 161 GLN A CB  1 
ATOM   1069 C CG  . GLN A 1 137 ? 4.991   -2.788  -10.528 1.00 46.66  ? 161 GLN A CG  1 
ATOM   1070 C CD  . GLN A 1 137 ? 4.973   -1.266  -10.575 1.00 55.74  ? 161 GLN A CD  1 
ATOM   1071 O OE1 . GLN A 1 137 ? 5.986   -0.614  -10.320 1.00 60.41  ? 161 GLN A OE1 1 
ATOM   1072 N NE2 . GLN A 1 137 ? 3.817   -0.692  -10.898 1.00 53.39  ? 161 GLN A NE2 1 
ATOM   1073 N N   . CYS A 1 138 ? 2.780   -5.076  -7.962  1.00 48.37  ? 162 CYS A N   1 
ATOM   1074 C CA  . CYS A 1 138 ? 1.543   -5.846  -8.031  1.00 48.41  ? 162 CYS A CA  1 
ATOM   1075 C C   . CYS A 1 138 ? 0.412   -5.107  -7.338  1.00 48.64  ? 162 CYS A C   1 
ATOM   1076 O O   . CYS A 1 138 ? -0.690  -4.989  -7.887  1.00 49.61  ? 162 CYS A O   1 
ATOM   1077 C CB  . CYS A 1 138 ? 1.713   -7.230  -7.403  1.00 48.42  ? 162 CYS A CB  1 
ATOM   1078 S SG  . CYS A 1 138 ? 2.549   -8.477  -8.410  1.00 60.20  ? 162 CYS A SG  1 
ATOM   1079 N N   . ASN A 1 139 ? 0.664   -4.605  -6.121  1.00 46.50  ? 163 ASN A N   1 
ATOM   1080 C CA  . ASN A 1 139 ? -0.381  -3.877  -5.404  1.00 47.00  ? 163 ASN A CA  1 
ATOM   1081 C C   . ASN A 1 139 ? -0.834  -2.658  -6.188  1.00 46.76  ? 163 ASN A C   1 
ATOM   1082 O O   . ASN A 1 139 ? -2.025  -2.338  -6.201  1.00 49.54  ? 163 ASN A O   1 
ATOM   1083 C CB  . ASN A 1 139 ? 0.088   -3.472  -4.005  1.00 43.66  ? 163 ASN A CB  1 
ATOM   1084 C CG  . ASN A 1 139 ? 0.130   -4.648  -3.048  1.00 47.43  ? 163 ASN A CG  1 
ATOM   1085 O OD1 . ASN A 1 139 ? -0.570  -5.634  -3.242  1.00 46.61  ? 163 ASN A OD1 1 
ATOM   1086 N ND2 . ASN A 1 139 ? 0.959   -4.554  -2.019  1.00 46.73  ? 163 ASN A ND2 1 
ATOM   1087 N N   . LEU A 1 140 ? 0.091   -1.988  -6.890  1.00 48.53  ? 164 LEU A N   1 
ATOM   1088 C CA  . LEU A 1 140 ? -0.277  -0.768  -7.604  1.00 45.53  ? 164 LEU A CA  1 
ATOM   1089 C C   . LEU A 1 140 ? -0.884  -1.053  -8.968  1.00 47.70  ? 164 LEU A C   1 
ATOM   1090 O O   . LEU A 1 140 ? -1.692  -0.253  -9.448  1.00 45.55  ? 164 LEU A O   1 
ATOM   1091 C CB  . LEU A 1 140 ? 0.929   0.147   -7.777  1.00 43.73  ? 164 LEU A CB  1 
ATOM   1092 C CG  . LEU A 1 140 ? 1.536   0.728   -6.511  1.00 46.56  ? 164 LEU A CG  1 
ATOM   1093 C CD1 . LEU A 1 140 ? 2.920   1.291   -6.822  1.00 40.55  ? 164 LEU A CD1 1 
ATOM   1094 C CD2 . LEU A 1 140 ? 0.629   1.790   -5.920  1.00 40.49  ? 164 LEU A CD2 1 
ATOM   1095 N N   . ASN A 1 141 ? -0.486  -2.143  -9.631  1.00 47.23  ? 165 ASN A N   1 
ATOM   1096 C CA  . ASN A 1 141 ? -1.208  -2.549  -10.836 1.00 51.70  ? 165 ASN A CA  1 
ATOM   1097 C C   . ASN A 1 141 ? -2.668  -2.834  -10.496 1.00 48.02  ? 165 ASN A C   1 
ATOM   1098 O O   . ASN A 1 141 ? -3.587  -2.344  -11.159 1.00 51.74  ? 165 ASN A O   1 
ATOM   1099 C CB  . ASN A 1 141 ? -0.541  -3.781  -11.474 1.00 51.11  ? 165 ASN A CB  1 
ATOM   1100 C CG  . ASN A 1 141 ? 0.820   -3.470  -12.081 1.00 56.54  ? 165 ASN A CG  1 
ATOM   1101 O OD1 . ASN A 1 141 ? 1.027   -2.406  -12.677 1.00 60.05  ? 165 ASN A OD1 1 
ATOM   1102 N ND2 . ASN A 1 141 ? 1.756   -4.405  -11.940 1.00 58.54  ? 165 ASN A ND2 1 
ATOM   1103 N N   . SER A 1 142 ? -2.889  -3.591  -9.422  1.00 45.07  ? 166 SER A N   1 
ATOM   1104 C CA  . SER A 1 142 ? -4.231  -3.927  -8.967  1.00 47.56  ? 166 SER A CA  1 
ATOM   1105 C C   . SER A 1 142 ? -4.994  -2.694  -8.481  1.00 49.55  ? 166 SER A C   1 
ATOM   1106 O O   . SER A 1 142 ? -6.209  -2.594  -8.675  1.00 51.06  ? 166 SER A O   1 
ATOM   1107 C CB  . SER A 1 142 ? -4.125  -4.978  -7.863  1.00 45.90  ? 166 SER A CB  1 
ATOM   1108 O OG  . SER A 1 142 ? -5.393  -5.273  -7.308  1.00 58.59  ? 166 SER A OG  1 
ATOM   1109 N N   . LEU A 1 143 ? -4.313  -1.758  -7.820  1.00 49.49  ? 167 LEU A N   1 
ATOM   1110 C CA  . LEU A 1 143 ? -4.969  -0.503  -7.460  1.00 50.34  ? 167 LEU A CA  1 
ATOM   1111 C C   . LEU A 1 143 ? -5.479  0.214   -8.699  1.00 50.01  ? 167 LEU A C   1 
ATOM   1112 O O   . LEU A 1 143 ? -6.581  0.780   -8.691  1.00 49.65  ? 167 LEU A O   1 
ATOM   1113 C CB  . LEU A 1 143 ? -4.014  0.412   -6.693  1.00 43.24  ? 167 LEU A CB  1 
ATOM   1114 C CG  . LEU A 1 143 ? -4.626  1.768   -6.312  1.00 47.59  ? 167 LEU A CG  1 
ATOM   1115 C CD1 . LEU A 1 143 ? -5.663  1.613   -5.189  1.00 38.35  ? 167 LEU A CD1 1 
ATOM   1116 C CD2 . LEU A 1 143 ? -3.550  2.766   -5.908  1.00 40.41  ? 167 LEU A CD2 1 
ATOM   1117 N N   . ALA A 1 144 ? -4.697  0.183   -9.783  1.00 44.02  ? 168 ALA A N   1 
ATOM   1118 C CA  . ALA A 1 144 ? -5.117  0.841   -11.015 1.00 47.68  ? 168 ALA A CA  1 
ATOM   1119 C C   . ALA A 1 144 ? -6.317  0.134   -11.621 1.00 49.37  ? 168 ALA A C   1 
ATOM   1120 O O   . ALA A 1 144 ? -7.245  0.788   -12.113 1.00 49.09  ? 168 ALA A O   1 
ATOM   1121 C CB  . ALA A 1 144 ? -3.958  0.897   -12.016 1.00 44.77  ? 168 ALA A CB  1 
ATOM   1122 N N   . ASP A 1 145 ? -6.319  -1.199  -11.586 1.00 48.88  ? 169 ASP A N   1 
ATOM   1123 C CA  . ASP A 1 145 ? -7.453  -1.951  -12.107 1.00 52.58  ? 169 ASP A CA  1 
ATOM   1124 C C   . ASP A 1 145 ? -8.728  -1.594  -11.357 1.00 54.73  ? 169 ASP A C   1 
ATOM   1125 O O   . ASP A 1 145 ? -9.733  -1.196  -11.961 1.00 58.27  ? 169 ASP A O   1 
ATOM   1126 C CB  . ASP A 1 145 ? -7.177  -3.451  -12.009 1.00 52.11  ? 169 ASP A CB  1 
ATOM   1127 C CG  . ASP A 1 145 ? -6.175  -3.930  -13.038 1.00 59.89  ? 169 ASP A CG  1 
ATOM   1128 O OD1 . ASP A 1 145 ? -5.997  -3.235  -14.072 1.00 59.47  ? 169 ASP A OD1 1 
ATOM   1129 O OD2 . ASP A 1 145 ? -5.577  -5.008  -12.813 1.00 61.07  ? 169 ASP A OD2 1 
ATOM   1130 N N   . VAL A 1 146 ? -8.692  -1.710  -10.031 1.00 50.39  ? 170 VAL A N   1 
ATOM   1131 C CA  . VAL A 1 146 ? -9.890  -1.501  -9.227  1.00 49.96  ? 170 VAL A CA  1 
ATOM   1132 C C   . VAL A 1 146 ? -10.464 -0.108  -9.459  1.00 50.09  ? 170 VAL A C   1 
ATOM   1133 O O   . VAL A 1 146 ? -11.671 0.050   -9.666  1.00 57.87  ? 170 VAL A O   1 
ATOM   1134 C CB  . VAL A 1 146 ? -9.578  -1.744  -7.746  1.00 46.14  ? 170 VAL A CB  1 
ATOM   1135 C CG1 . VAL A 1 146 ? -10.769 -1.336  -6.885  1.00 52.41  ? 170 VAL A CG1 1 
ATOM   1136 C CG2 . VAL A 1 146 ? -9.217  -3.199  -7.536  1.00 47.72  ? 170 VAL A CG2 1 
ATOM   1137 N N   . THR A 1 147 ? -9.611  0.924   -9.445  1.00 48.77  ? 171 THR A N   1 
ATOM   1138 C CA  . THR A 1 147 ? -10.130 2.286   -9.584  1.00 54.48  ? 171 THR A CA  1 
ATOM   1139 C C   . THR A 1 147 ? -10.591 2.575   -11.008 1.00 53.89  ? 171 THR A C   1 
ATOM   1140 O O   . THR A 1 147 ? -11.585 3.283   -11.204 1.00 56.29  ? 171 THR A O   1 
ATOM   1141 C CB  . THR A 1 147 ? -9.095  3.326   -9.143  1.00 53.32  ? 171 THR A CB  1 
ATOM   1142 O OG1 . THR A 1 147 ? -7.824  3.061   -9.769  1.00 52.34  ? 171 THR A OG1 1 
ATOM   1143 C CG2 . THR A 1 147 ? -8.960  3.333   -7.624  1.00 43.12  ? 171 THR A CG2 1 
ATOM   1144 N N   . GLU A 1 148 ? -9.889  2.043   -12.017 1.00 53.12  ? 172 GLU A N   1 
ATOM   1145 C CA  . GLU A 1 148 ? -10.357 2.196   -13.395 1.00 59.17  ? 172 GLU A CA  1 
ATOM   1146 C C   . GLU A 1 148 ? -11.694 1.489   -13.608 1.00 58.20  ? 172 GLU A C   1 
ATOM   1147 O O   . GLU A 1 148 ? -12.588 2.023   -14.276 1.00 60.05  ? 172 GLU A O   1 
ATOM   1148 C CB  . GLU A 1 148 ? -9.292  1.687   -14.377 1.00 50.43  ? 172 GLU A CB  1 
ATOM   1149 C CG  . GLU A 1 148 ? -8.100  2.626   -14.435 1.00 47.42  ? 172 GLU A CG  1 
ATOM   1150 C CD  . GLU A 1 148 ? -6.908  2.080   -15.179 1.00 52.49  ? 172 GLU A CD  1 
ATOM   1151 O OE1 . GLU A 1 148 ? -5.880  2.790   -15.207 1.00 53.70  ? 172 GLU A OE1 1 
ATOM   1152 O OE2 . GLU A 1 148 ? -6.990  0.967   -15.752 1.00 52.79  ? 172 GLU A OE2 1 
ATOM   1153 N N   . ARG A 1 149 ? -11.852 0.295   -13.028 1.00 58.42  ? 173 ARG A N   1 
ATOM   1154 C CA  . ARG A 1 149 ? -13.133 -0.400  -13.082 1.00 59.59  ? 173 ARG A CA  1 
ATOM   1155 C C   . ARG A 1 149 ? -14.227 0.392   -12.361 1.00 61.99  ? 173 ARG A C   1 
ATOM   1156 O O   . ARG A 1 149 ? -15.372 0.446   -12.825 1.00 61.91  ? 173 ARG A O   1 
ATOM   1157 C CB  . ARG A 1 149 ? -12.978 -1.807  -12.493 1.00 59.43  ? 173 ARG A CB  1 
ATOM   1158 C CG  . ARG A 1 149 ? -14.220 -2.679  -12.570 1.00 63.57  ? 173 ARG A CG  1 
ATOM   1159 C CD  . ARG A 1 149 ? -13.931 -4.110  -12.093 1.00 75.87  ? 173 ARG A CD  1 
ATOM   1160 N NE  . ARG A 1 149 ? -13.665 -5.039  -13.199 1.00 92.06  ? 173 ARG A NE  1 
ATOM   1161 C CZ  . ARG A 1 149 ? -13.462 -6.352  -13.057 1.00 95.11  ? 173 ARG A CZ  1 
ATOM   1162 N NH1 . ARG A 1 149 ? -13.489 -6.910  -11.850 1.00 81.92  ? 173 ARG A NH1 1 
ATOM   1163 N NH2 . ARG A 1 149 ? -13.231 -7.116  -14.125 1.00 93.61  ? 173 ARG A NH2 1 
ATOM   1164 N N   . LEU A 1 150 ? -13.900 1.033   -11.235 1.00 58.46  ? 174 LEU A N   1 
ATOM   1165 C CA  . LEU A 1 150 ? -14.899 1.883   -10.587 1.00 59.61  ? 174 LEU A CA  1 
ATOM   1166 C C   . LEU A 1 150 ? -15.214 3.102   -11.444 1.00 60.74  ? 174 LEU A C   1 
ATOM   1167 O O   . LEU A 1 150 ? -16.381 3.459   -11.625 1.00 64.62  ? 174 LEU A O   1 
ATOM   1168 C CB  . LEU A 1 150 ? -14.430 2.331   -9.201  1.00 55.85  ? 174 LEU A CB  1 
ATOM   1169 C CG  . LEU A 1 150 ? -14.136 1.323   -8.089  1.00 60.81  ? 174 LEU A CG  1 
ATOM   1170 C CD1 . LEU A 1 150 ? -13.667 2.085   -6.845  1.00 57.99  ? 174 LEU A CD1 1 
ATOM   1171 C CD2 . LEU A 1 150 ? -15.338 0.446   -7.756  1.00 58.94  ? 174 LEU A CD2 1 
ATOM   1172 N N   . GLN A 1 151 ? -14.180 3.757   -11.983 1.00 62.22  ? 175 GLN A N   1 
ATOM   1173 C CA  . GLN A 1 151 ? -14.408 4.921   -12.830 1.00 63.95  ? 175 GLN A CA  1 
ATOM   1174 C C   . GLN A 1 151 ? -15.313 4.582   -14.005 1.00 65.39  ? 175 GLN A C   1 
ATOM   1175 O O   . GLN A 1 151 ? -16.239 5.337   -14.325 1.00 67.32  ? 175 GLN A O   1 
ATOM   1176 C CB  . GLN A 1 151 ? -13.080 5.487   -13.329 1.00 61.03  ? 175 GLN A CB  1 
ATOM   1177 C CG  . GLN A 1 151 ? -13.227 6.646   -14.318 1.00 59.12  ? 175 GLN A CG  1 
ATOM   1178 C CD  . GLN A 1 151 ? -13.985 7.829   -13.740 1.00 62.72  ? 175 GLN A CD  1 
ATOM   1179 O OE1 . GLN A 1 151 ? -14.226 7.900   -12.535 1.00 61.90  ? 175 GLN A OE1 1 
ATOM   1180 N NE2 . GLN A 1 151 ? -14.367 8.769   -14.604 1.00 62.80  ? 175 GLN A NE2 1 
ATOM   1181 N N   . ALA A 1 152 ? -15.061 3.440   -14.653 1.00 64.87  ? 176 ALA A N   1 
ATOM   1182 C CA  . ALA A 1 152 ? -15.906 3.002   -15.764 1.00 65.87  ? 176 ALA A CA  1 
ATOM   1183 C C   . ALA A 1 152 ? -17.367 2.921   -15.338 1.00 73.80  ? 176 ALA A C   1 
ATOM   1184 O O   . ALA A 1 152 ? -18.253 3.492   -15.988 1.00 76.19  ? 176 ALA A O   1 
ATOM   1185 C CB  . ALA A 1 152 ? -15.427 1.646   -16.292 1.00 58.82  ? 176 ALA A CB  1 
ATOM   1186 N N   . GLU A 1 153 ? -17.633 2.240   -14.220 1.00 68.30  ? 177 GLU A N   1 
ATOM   1187 C CA  . GLU A 1 153 ? -19.001 2.053   -13.757 1.00 71.22  ? 177 GLU A CA  1 
ATOM   1188 C C   . GLU A 1 153 ? -19.679 3.354   -13.345 1.00 71.98  ? 177 GLU A C   1 
ATOM   1189 O O   . GLU A 1 153 ? -20.874 3.326   -13.044 1.00 78.20  ? 177 GLU A O   1 
ATOM   1190 C CB  . GLU A 1 153 ? -19.024 1.053   -12.598 1.00 62.23  ? 177 GLU A CB  1 
ATOM   1191 C CG  . GLU A 1 153 ? -18.521 -0.337  -12.993 1.00 65.72  ? 177 GLU A CG  1 
ATOM   1192 C CD  . GLU A 1 153 ? -18.304 -1.253  -11.793 1.00 71.39  ? 177 GLU A CD  1 
ATOM   1193 O OE1 . GLU A 1 153 ? -18.402 -0.765  -10.647 1.00 67.21  ? 177 GLU A OE1 1 
ATOM   1194 O OE2 . GLU A 1 153 ? -18.035 -2.461  -11.996 1.00 75.29  ? 177 GLU A OE2 1 
ATOM   1195 N N   . SER A 1 154 ? -18.966 4.486   -13.339 1.00 77.51  ? 178 SER A N   1 
ATOM   1196 C CA  . SER A 1 154 ? -19.572 5.802   -13.125 1.00 75.79  ? 178 SER A CA  1 
ATOM   1197 C C   . SER A 1 154 ? -20.210 6.345   -14.404 1.00 85.41  ? 178 SER A C   1 
ATOM   1198 O O   . SER A 1 154 ? -20.329 7.566   -14.572 1.00 85.32  ? 178 SER A O   1 
ATOM   1199 C CB  . SER A 1 154 ? -18.530 6.805   -12.616 1.00 72.97  ? 178 SER A CB  1 
ATOM   1200 O OG  . SER A 1 154 ? -18.146 6.508   -11.295 1.00 69.31  ? 178 SER A OG  1 
ATOM   1201 N N   . MET A 1 155 ? -20.602 5.451   -15.315 1.00 85.25  ? 179 MET A N   1 
ATOM   1202 C CA  . MET A 1 155 ? -21.199 5.832   -16.594 1.00 79.28  ? 179 MET A CA  1 
ATOM   1203 C C   . MET A 1 155 ? -22.203 4.768   -17.018 1.00 76.40  ? 179 MET A C   1 
ATOM   1204 O O   . MET A 1 155 ? -22.810 4.106   -16.171 1.00 78.64  ? 179 MET A O   1 
ATOM   1205 C CB  . MET A 1 155 ? -20.116 6.012   -17.662 1.00 81.75  ? 179 MET A CB  1 
ATOM   1206 C CG  . MET A 1 155 ? -19.137 7.141   -17.366 1.00 82.22  ? 179 MET A CG  1 
ATOM   1207 S SD  . MET A 1 155 ? -17.421 6.783   -17.782 1.00 82.72  ? 179 MET A SD  1 
ATOM   1208 C CE  . MET A 1 155 ? -16.602 8.275   -17.197 1.00 71.12  ? 179 MET A CE  1 
HETATM 1209 C CAA . L6P B 2 .   ? 3.711   -9.957  3.471   1.00 57.26  ? 201 L6P A CAA 1 
HETATM 1210 C CAB . L6P B 2 .   ? 4.193   -10.833 2.504   1.00 58.85  ? 201 L6P A CAB 1 
HETATM 1211 C CAC . L6P B 2 .   ? 3.629   -10.841 1.233   1.00 56.96  ? 201 L6P A CAC 1 
HETATM 1212 C CAD . L6P B 2 .   ? 2.573   -9.981  0.930   1.00 55.40  ? 201 L6P A CAD 1 
HETATM 1213 C CAE . L6P B 2 .   ? 2.084   -9.098  1.889   1.00 56.46  ? 201 L6P A CAE 1 
HETATM 1214 C CAF . L6P B 2 .   ? 2.652   -9.102  3.166   1.00 57.21  ? 201 L6P A CAF 1 
HETATM 1215 C CAG . L6P B 2 .   ? 5.282   -11.717 2.841   1.00 63.40  ? 201 L6P A CAG 1 
HETATM 1216 C CAI . L6P B 2 .   ? 4.281   -9.976  4.751   1.00 59.30  ? 201 L6P A CAI 1 
HETATM 1217 C CAJ . L6P B 2 .   ? 3.749   -8.949  5.743   1.00 53.48  ? 201 L6P A CAJ 1 
HETATM 1218 C CAK . L6P B 2 .   ? 5.149   -8.792  5.153   1.00 59.38  ? 201 L6P A CAK 1 
HETATM 1219 C CAL . L6P B 2 .   ? 1.019   -8.235  1.584   1.00 53.12  ? 201 L6P A CAL 1 
HETATM 1220 C CAM . L6P B 2 .   ? 1.489   -6.846  1.086   1.00 53.52  ? 201 L6P A CAM 1 
HETATM 1221 C CAO . L6P B 2 .   ? 2.941   -4.859  1.589   1.00 55.01  ? 201 L6P A CAO 1 
HETATM 1222 C CAQ . L6P B 2 .   ? 5.822   -5.294  1.602   1.00 55.49  ? 201 L6P A CAQ 1 
HETATM 1223 C CAR . L6P B 2 .   ? 4.956   -5.716  0.418   1.00 53.40  ? 201 L6P A CAR 1 
HETATM 1224 C CAS . L6P B 2 .   ? 3.763   -4.798  0.288   1.00 50.60  ? 201 L6P A CAS 1 
HETATM 1225 C CAT . L6P B 2 .   ? 3.826   -4.425  2.767   1.00 51.34  ? 201 L6P A CAT 1 
HETATM 1226 C CAU . L6P B 2 .   ? 5.009   -5.366  2.886   1.00 51.57  ? 201 L6P A CAU 1 
HETATM 1227 C CAV . L6P B 2 .   ? 1.745   -3.891  1.522   1.00 54.15  ? 201 L6P A CAV 1 
HETATM 1228 N NAH . L6P B 2 .   ? 6.160   -12.417 3.136   1.00 65.70  ? 201 L6P A NAH 1 
HETATM 1229 N NAN . L6P B 2 .   ? 2.418   -6.223  1.845   1.00 56.82  ? 201 L6P A NAN 1 
HETATM 1230 O OAP . L6P B 2 .   ? 1.018   -6.369  0.053   1.00 54.30  ? 201 L6P A OAP 1 
HETATM 1231 O OAW . L6P B 2 .   ? 0.773   -4.141  2.274   1.00 57.10  ? 201 L6P A OAW 1 
HETATM 1232 O OAX . L6P B 2 .   ? 1.819   -2.929  0.723   1.00 57.41  ? 201 L6P A OAX 1 
HETATM 1233 O O   . HOH C 3 .   ? 0.678   14.255  -1.971  1.00 46.17  ? 301 HOH A O   1 
HETATM 1234 O O   . HOH C 3 .   ? -0.242  17.086  -2.772  1.00 47.05  ? 302 HOH A O   1 
HETATM 1235 O O   . HOH C 3 .   ? 5.361   5.298   7.542   1.00 48.30  ? 303 HOH A O   1 
HETATM 1236 O O   . HOH C 3 .   ? -1.109  -7.571  -1.575  1.00 50.04  ? 304 HOH A O   1 
HETATM 1237 O O   . HOH C 3 .   ? 11.865  4.924   0.426   1.00 50.09  ? 305 HOH A O   1 
HETATM 1238 O O   . HOH C 3 .   ? -4.691  -9.502  18.929  1.00 51.88  ? 306 HOH A O   1 
HETATM 1239 O O   . HOH C 3 .   ? 4.991   8.876   -2.044  1.00 45.85  ? 307 HOH A O   1 
HETATM 1240 O O   . HOH C 3 .   ? 1.059   -6.455  4.623   1.00 52.50  ? 308 HOH A O   1 
HETATM 1241 O O   . HOH C 3 .   ? -10.493 12.181  1.912   1.00 52.31  ? 309 HOH A O   1 
HETATM 1242 O O   . HOH C 3 .   ? -3.251  2.149   -15.906 1.00 50.14  ? 310 HOH A O   1 
HETATM 1243 O O   . HOH C 3 .   ? -1.726  0.374   2.938   1.00 51.84  ? 311 HOH A O   1 
HETATM 1244 O O   . HOH C 3 .   ? 6.217   10.141  4.615   1.00 48.10  ? 312 HOH A O   1 
HETATM 1245 O O   . HOH C 3 .   ? -11.515 11.286  -1.771  1.00 50.38  ? 313 HOH A O   1 
HETATM 1246 O O   . HOH C 3 .   ? 7.623   1.752   -10.628 1.00 49.86  ? 314 HOH A O   1 
HETATM 1247 O O   . HOH C 3 .   ? -3.331  -15.821 9.237   1.00 60.27  ? 315 HOH A O   1 
HETATM 1248 O O   . HOH C 3 .   ? -4.717  1.151   1.630   1.00 56.61  ? 316 HOH A O   1 
HETATM 1249 O O   . HOH C 3 .   ? -2.839  -10.443 12.023  1.00 57.74  ? 317 HOH A O   1 
HETATM 1250 O O   . HOH C 3 .   ? -12.281 7.033   12.923  1.00 65.08  ? 318 HOH A O   1 
HETATM 1251 O O   . HOH C 3 .   ? -2.202  21.011  -2.744  1.00 52.86  ? 319 HOH A O   1 
HETATM 1252 O O   . HOH C 3 .   ? -14.422 5.230   13.292  1.00 57.29  ? 320 HOH A O   1 
HETATM 1253 O O   . HOH C 3 .   ? 10.799  4.589   -10.122 1.00 45.34  ? 321 HOH A O   1 
HETATM 1254 O O   . HOH C 3 .   ? 0.457   1.193   2.113   1.00 58.28  ? 322 HOH A O   1 
HETATM 1255 O O   . HOH C 3 .   ? 3.367   13.806  -1.374  1.00 45.31  ? 323 HOH A O   1 
HETATM 1256 O O   . HOH C 3 .   ? -8.436  -15.011 6.936   1.00 60.84  ? 324 HOH A O   1 
# 
loop_
_pdbx_poly_seq_scheme.asym_id 
_pdbx_poly_seq_scheme.entity_id 
_pdbx_poly_seq_scheme.seq_id 
_pdbx_poly_seq_scheme.mon_id 
_pdbx_poly_seq_scheme.ndb_seq_num 
_pdbx_poly_seq_scheme.pdb_seq_num 
_pdbx_poly_seq_scheme.auth_seq_num 
_pdbx_poly_seq_scheme.pdb_mon_id 
_pdbx_poly_seq_scheme.auth_mon_id 
_pdbx_poly_seq_scheme.pdb_strand_id 
_pdbx_poly_seq_scheme.pdb_ins_code 
_pdbx_poly_seq_scheme.hetero 
A 1 1   SER 1   25  25  SER SER A . n 
A 1 2   GLN 2   26  26  GLN GLN A . n 
A 1 3   CYS 3   27  27  CYS CYS A . n 
A 1 4   SER 4   28  28  SER SER A . n 
A 1 5   SER 5   29  29  SER SER A . n 
A 1 6   THR 6   30  30  THR THR A . n 
A 1 7   LEU 7   31  31  LEU LEU A . n 
A 1 8   VAL 8   32  32  VAL VAL A . n 
A 1 9   LYS 9   33  33  LYS LYS A . n 
A 1 10  HIS 10  34  34  HIS HIS A . n 
A 1 11  ILE 11  35  35  ILE ILE A . n 
A 1 12  LYS 12  36  36  LYS LYS A . n 
A 1 13  ALA 13  37  37  ALA ALA A . n 
A 1 14  PRO 14  38  38  PRO PRO A . n 
A 1 15  LEU 15  39  39  LEU LEU A . n 
A 1 16  HIS 16  40  40  HIS HIS A . n 
A 1 17  LEU 17  41  41  LEU LEU A . n 
A 1 18  VAL 18  42  42  VAL VAL A . n 
A 1 19  TRP 19  43  43  TRP TRP A . n 
A 1 20  SER 20  44  44  SER SER A . n 
A 1 21  ILE 21  45  45  ILE ILE A . n 
A 1 22  VAL 22  46  46  VAL VAL A . n 
A 1 23  ARG 23  47  47  ARG ARG A . n 
A 1 24  ARG 24  48  48  ARG ARG A . n 
A 1 25  PHE 25  49  49  PHE PHE A . n 
A 1 26  ASP 26  50  50  ASP ASP A . n 
A 1 27  GLU 27  51  51  GLU GLU A . n 
A 1 28  PRO 28  52  52  PRO PRO A . n 
A 1 29  GLN 29  53  53  GLN GLN A . n 
A 1 30  LYS 30  54  54  LYS LYS A . n 
A 1 31  TYR 31  55  55  TYR TYR A . n 
A 1 32  LYS 32  56  56  LYS LYS A . n 
A 1 33  PRO 33  57  57  PRO PRO A . n 
A 1 34  PHE 34  58  58  PHE PHE A . n 
A 1 35  ILE 35  59  59  ILE ILE A . n 
A 1 36  SER 36  60  60  SER SER A . n 
A 1 37  ARG 37  61  61  ARG ARG A . n 
A 1 38  CYS 38  62  62  CYS CYS A . n 
A 1 39  VAL 39  63  63  VAL VAL A . n 
A 1 40  VAL 40  64  64  VAL VAL A . n 
A 1 41  GLN 41  65  65  GLN GLN A . n 
A 1 42  GLY 42  66  66  GLY GLY A . n 
A 1 43  LYS 43  67  67  LYS LYS A . n 
A 1 44  LYS 44  68  68  LYS LYS A . n 
A 1 45  LEU 45  69  69  LEU LEU A . n 
A 1 46  GLU 46  70  70  GLU GLU A . n 
A 1 47  VAL 47  71  71  VAL VAL A . n 
A 1 48  GLY 48  72  72  GLY GLY A . n 
A 1 49  SER 49  73  73  SER SER A . n 
A 1 50  VAL 50  74  74  VAL VAL A . n 
A 1 51  ARG 51  75  75  ARG ARG A . n 
A 1 52  GLU 52  76  76  GLU GLU A . n 
A 1 53  VAL 53  77  77  VAL VAL A . n 
A 1 54  ASP 54  78  78  ASP ASP A . n 
A 1 55  LEU 55  79  79  LEU LEU A . n 
A 1 56  LYS 56  80  80  LYS LYS A . n 
A 1 57  SER 57  81  81  SER SER A . n 
A 1 58  GLY 58  82  82  GLY GLY A . n 
A 1 59  LEU 59  83  83  LEU LEU A . n 
A 1 60  PRO 60  84  84  PRO PRO A . n 
A 1 61  ALA 61  85  85  ALA ALA A . n 
A 1 62  THR 62  86  86  THR THR A . n 
A 1 63  LYS 63  87  87  LYS LYS A . n 
A 1 64  SER 64  88  88  SER SER A . n 
A 1 65  THR 65  89  89  THR THR A . n 
A 1 66  GLU 66  90  90  GLU GLU A . n 
A 1 67  VAL 67  91  91  VAL VAL A . n 
A 1 68  LEU 68  92  92  LEU LEU A . n 
A 1 69  GLU 69  93  93  GLU GLU A . n 
A 1 70  ILE 70  94  94  ILE ILE A . n 
A 1 71  LEU 71  95  95  LEU LEU A . n 
A 1 72  ASP 72  96  96  ASP ASP A . n 
A 1 73  ASP 73  97  97  ASP ASP A . n 
A 1 74  ASN 74  98  98  ASN ASN A . n 
A 1 75  GLU 75  99  99  GLU GLU A . n 
A 1 76  HIS 76  100 100 HIS HIS A . n 
A 1 77  ILE 77  101 101 ILE ILE A . n 
A 1 78  LEU 78  102 102 LEU LEU A . n 
A 1 79  GLY 79  103 103 GLY GLY A . n 
A 1 80  ILE 80  104 104 ILE ILE A . n 
A 1 81  ARG 81  105 105 ARG ARG A . n 
A 1 82  ILE 82  106 106 ILE ILE A . n 
A 1 83  VAL 83  107 107 VAL VAL A . n 
A 1 84  GLY 84  108 108 GLY GLY A . n 
A 1 85  GLY 85  109 109 GLY GLY A . n 
A 1 86  ASP 86  110 110 ASP ASP A . n 
A 1 87  HIS 87  111 111 HIS HIS A . n 
A 1 88  ARG 88  112 112 ARG ARG A . n 
A 1 89  LEU 89  113 113 LEU LEU A . n 
A 1 90  LYS 90  114 114 LYS LYS A . n 
A 1 91  ASN 91  115 115 ASN ASN A . n 
A 1 92  TYR 92  116 116 TYR TYR A . n 
A 1 93  SER 93  117 117 SER SER A . n 
A 1 94  SER 94  118 118 SER SER A . n 
A 1 95  THR 95  119 119 THR THR A . n 
A 1 96  ILE 96  120 120 ILE ILE A . n 
A 1 97  SER 97  121 121 SER SER A . n 
A 1 98  LEU 98  122 122 LEU LEU A . n 
A 1 99  HIS 99  123 123 HIS HIS A . n 
A 1 100 SER 100 124 124 SER SER A . n 
A 1 101 GLU 101 125 125 GLU GLU A . n 
A 1 102 THR 102 126 126 THR THR A . n 
A 1 103 ILE 103 127 127 ILE ILE A . n 
A 1 104 ASP 104 128 128 ASP ASP A . n 
A 1 105 GLY 105 129 129 GLY GLY A . n 
A 1 106 LYS 106 130 130 LYS LYS A . n 
A 1 107 THR 107 131 131 THR THR A . n 
A 1 108 GLY 108 132 132 GLY GLY A . n 
A 1 109 THR 109 133 133 THR THR A . n 
A 1 110 LEU 110 134 134 LEU LEU A . n 
A 1 111 ALA 111 135 135 ALA ALA A . n 
A 1 112 ILE 112 136 136 ILE ILE A . n 
A 1 113 GLU 113 137 137 GLU GLU A . n 
A 1 114 SER 114 138 138 SER SER A . n 
A 1 115 PHE 115 139 139 PHE PHE A . n 
A 1 116 VAL 116 140 140 VAL VAL A . n 
A 1 117 VAL 117 141 141 VAL VAL A . n 
A 1 118 ASP 118 142 142 ASP ASP A . n 
A 1 119 VAL 119 143 143 VAL VAL A . n 
A 1 120 PRO 120 144 144 PRO PRO A . n 
A 1 121 GLU 121 145 145 GLU GLU A . n 
A 1 122 GLY 122 146 146 GLY GLY A . n 
A 1 123 ASN 123 147 147 ASN ASN A . n 
A 1 124 THR 124 148 148 THR THR A . n 
A 1 125 LYS 125 149 149 LYS LYS A . n 
A 1 126 GLU 126 150 150 GLU GLU A . n 
A 1 127 GLU 127 151 151 GLU GLU A . n 
A 1 128 THR 128 152 152 THR THR A . n 
A 1 129 CYS 129 153 153 CYS CYS A . n 
A 1 130 PHE 130 154 154 PHE PHE A . n 
A 1 131 PHE 131 155 155 PHE PHE A . n 
A 1 132 VAL 132 156 156 VAL VAL A . n 
A 1 133 GLU 133 157 157 GLU GLU A . n 
A 1 134 ALA 134 158 158 ALA ALA A . n 
A 1 135 LEU 135 159 159 LEU LEU A . n 
A 1 136 ILE 136 160 160 ILE ILE A . n 
A 1 137 GLN 137 161 161 GLN GLN A . n 
A 1 138 CYS 138 162 162 CYS CYS A . n 
A 1 139 ASN 139 163 163 ASN ASN A . n 
A 1 140 LEU 140 164 164 LEU LEU A . n 
A 1 141 ASN 141 165 165 ASN ASN A . n 
A 1 142 SER 142 166 166 SER SER A . n 
A 1 143 LEU 143 167 167 LEU LEU A . n 
A 1 144 ALA 144 168 168 ALA ALA A . n 
A 1 145 ASP 145 169 169 ASP ASP A . n 
A 1 146 VAL 146 170 170 VAL VAL A . n 
A 1 147 THR 147 171 171 THR THR A . n 
A 1 148 GLU 148 172 172 GLU GLU A . n 
A 1 149 ARG 149 173 173 ARG ARG A . n 
A 1 150 LEU 150 174 174 LEU LEU A . n 
A 1 151 GLN 151 175 175 GLN GLN A . n 
A 1 152 ALA 152 176 176 ALA ALA A . n 
A 1 153 GLU 153 177 177 GLU GLU A . n 
A 1 154 SER 154 178 178 SER SER A . n 
A 1 155 MET 155 179 179 MET MET A . n 
# 
loop_
_pdbx_nonpoly_scheme.asym_id 
_pdbx_nonpoly_scheme.entity_id 
_pdbx_nonpoly_scheme.mon_id 
_pdbx_nonpoly_scheme.ndb_seq_num 
_pdbx_nonpoly_scheme.pdb_seq_num 
_pdbx_nonpoly_scheme.auth_seq_num 
_pdbx_nonpoly_scheme.pdb_mon_id 
_pdbx_nonpoly_scheme.auth_mon_id 
_pdbx_nonpoly_scheme.pdb_strand_id 
_pdbx_nonpoly_scheme.pdb_ins_code 
B 2 L6P 1  201 1  L6P DRG A . 
C 3 HOH 1  301 14 HOH HOH A . 
C 3 HOH 2  302 5  HOH HOH A . 
C 3 HOH 3  303 2  HOH HOH A . 
C 3 HOH 4  304 15 HOH HOH A . 
C 3 HOH 5  305 12 HOH HOH A . 
C 3 HOH 6  306 8  HOH HOH A . 
C 3 HOH 7  307 4  HOH HOH A . 
C 3 HOH 8  308 3  HOH HOH A . 
C 3 HOH 9  309 10 HOH HOH A . 
C 3 HOH 10 310 1  HOH HOH A . 
C 3 HOH 11 311 19 HOH HOH A . 
C 3 HOH 12 312 7  HOH HOH A . 
C 3 HOH 13 313 11 HOH HOH A . 
C 3 HOH 14 314 6  HOH HOH A . 
C 3 HOH 15 315 17 HOH HOH A . 
C 3 HOH 16 316 9  HOH HOH A . 
C 3 HOH 17 317 16 HOH HOH A . 
C 3 HOH 18 318 20 HOH HOH A . 
C 3 HOH 19 319 13 HOH HOH A . 
C 3 HOH 20 320 24 HOH HOH A . 
C 3 HOH 21 321 18 HOH HOH A . 
C 3 HOH 22 322 23 HOH HOH A . 
C 3 HOH 23 323 22 HOH HOH A . 
C 3 HOH 24 324 21 HOH HOH A . 
# 
_pdbx_struct_assembly.id                   1 
_pdbx_struct_assembly.details              author_defined_assembly 
_pdbx_struct_assembly.method_details       ? 
_pdbx_struct_assembly.oligomeric_details   monomeric 
_pdbx_struct_assembly.oligomeric_count     1 
# 
_pdbx_struct_assembly_gen.assembly_id       1 
_pdbx_struct_assembly_gen.oper_expression   1 
_pdbx_struct_assembly_gen.asym_id_list      A,B,C 
# 
_pdbx_struct_oper_list.id                   1 
_pdbx_struct_oper_list.type                 'identity operation' 
_pdbx_struct_oper_list.name                 1_555 
_pdbx_struct_oper_list.symmetry_operation   x,y,z 
_pdbx_struct_oper_list.matrix[1][1]         1.0000000000 
_pdbx_struct_oper_list.matrix[1][2]         0.0000000000 
_pdbx_struct_oper_list.matrix[1][3]         0.0000000000 
_pdbx_struct_oper_list.vector[1]            0.0000000000 
_pdbx_struct_oper_list.matrix[2][1]         0.0000000000 
_pdbx_struct_oper_list.matrix[2][2]         1.0000000000 
_pdbx_struct_oper_list.matrix[2][3]         0.0000000000 
_pdbx_struct_oper_list.vector[2]            0.0000000000 
_pdbx_struct_oper_list.matrix[3][1]         0.0000000000 
_pdbx_struct_oper_list.matrix[3][2]         0.0000000000 
_pdbx_struct_oper_list.matrix[3][3]         1.0000000000 
_pdbx_struct_oper_list.vector[3]            0.0000000000 
# 
loop_
_pdbx_audit_revision_history.ordinal 
_pdbx_audit_revision_history.data_content_type 
_pdbx_audit_revision_history.major_revision 
_pdbx_audit_revision_history.minor_revision 
_pdbx_audit_revision_history.revision_date 
1 'Structure model' 1 0 2019-11-06 
2 'Structure model' 1 1 2019-11-27 
3 'Structure model' 1 2 2023-10-11 
# 
_pdbx_audit_revision_details.ordinal             1 
_pdbx_audit_revision_details.revision_ordinal    1 
_pdbx_audit_revision_details.data_content_type   'Structure model' 
_pdbx_audit_revision_details.provider            repository 
_pdbx_audit_revision_details.type                'Initial release' 
_pdbx_audit_revision_details.description         ? 
_pdbx_audit_revision_details.details             ? 
# 
loop_
_pdbx_audit_revision_group.ordinal 
_pdbx_audit_revision_group.revision_ordinal 
_pdbx_audit_revision_group.data_content_type 
_pdbx_audit_revision_group.group 
1 2 'Structure model' 'Author supporting evidence' 
2 3 'Structure model' 'Data collection'            
3 3 'Structure model' 'Database references'        
4 3 'Structure model' 'Refinement description'     
# 
loop_
_pdbx_audit_revision_category.ordinal 
_pdbx_audit_revision_category.revision_ordinal 
_pdbx_audit_revision_category.data_content_type 
_pdbx_audit_revision_category.category 
1 2 'Structure model' pdbx_audit_support            
2 3 'Structure model' chem_comp_atom                
3 3 'Structure model' chem_comp_bond                
4 3 'Structure model' database_2                    
5 3 'Structure model' pdbx_initial_refinement_model 
# 
loop_
_pdbx_audit_revision_item.ordinal 
_pdbx_audit_revision_item.revision_ordinal 
_pdbx_audit_revision_item.data_content_type 
_pdbx_audit_revision_item.item 
1 2 'Structure model' '_pdbx_audit_support.funding_organization' 
2 3 'Structure model' '_database_2.pdbx_DOI'                     
3 3 'Structure model' '_database_2.pdbx_database_accession'      
# 
_pdbx_phasing_MR.entry_id                     6NWC 
_pdbx_phasing_MR.method_rotation              ? 
_pdbx_phasing_MR.method_translation           ? 
_pdbx_phasing_MR.model_details                ? 
_pdbx_phasing_MR.R_factor                     ? 
_pdbx_phasing_MR.R_rigid_body                 ? 
_pdbx_phasing_MR.correlation_coeff_Fo_to_Fc   ? 
_pdbx_phasing_MR.correlation_coeff_Io_to_Ic   ? 
_pdbx_phasing_MR.d_res_high_rotation          5.050 
_pdbx_phasing_MR.d_res_low_rotation           43.140 
_pdbx_phasing_MR.d_res_high_translation       5.050 
_pdbx_phasing_MR.d_res_low_translation        43.140 
_pdbx_phasing_MR.packing                      ? 
_pdbx_phasing_MR.reflns_percent_rotation      ? 
_pdbx_phasing_MR.reflns_percent_translation   ? 
_pdbx_phasing_MR.sigma_F_rotation             ? 
_pdbx_phasing_MR.sigma_F_translation          ? 
_pdbx_phasing_MR.sigma_I_rotation             ? 
_pdbx_phasing_MR.sigma_I_translation          ? 
# 
_phasing.method   MR 
# 
loop_
_software.citation_id 
_software.classification 
_software.compiler_name 
_software.compiler_version 
_software.contact_author 
_software.contact_author_email 
_software.date 
_software.description 
_software.dependencies 
_software.hardware 
_software.language 
_software.location 
_software.mods 
_software.name 
_software.os 
_software.os_version 
_software.type 
_software.version 
_software.pdbx_ordinal 
? 'data reduction'  ? ? 'Zbyszek Otwinowski' hkl@hkl-xray.com            ? ? ? ? ?   http://www.hkl-xray.com/                    ? 
HKL-2000    ? ? package .         1 
? 'data scaling'    ? ? 'Zbyszek Otwinowski' hkl@hkl-xray.com            ? ? ? ? ?   http://www.hkl-xray.com/                    ? 
HKL-2000    ? ? package .         2 
? phasing           ? ? 'Randy J. Read'      cimr-phaser@lists.cam.ac.uk 
'Fri Jul  7 22:41:19 2017 (svn 8200) (git 7250, 5e21953... )' ? ? ? ?   http://www-structmed.cimr.cam.ac.uk/phaser/ ? PHASER      
? ? program 2.8.0     3 
? refinement        ? ? 'Paul D. Adams'      PDAdams@lbl.gov             ? ? ? ? C++ http://www.phenix-online.org/               ? 
PHENIX      ? ? package 1.12_2829 4 
? 'data extraction' ? ? PDB                  deposit@deposit.rcsb.org    'Sep. 1, 2017' ? ? ? C++ 
http://sw-tools.pdb.org/apps/PDB_EXTRACT/   ? PDB_EXTRACT ? ? package 3.24      5 
# 
loop_
_pdbx_validate_torsion.id 
_pdbx_validate_torsion.PDB_model_num 
_pdbx_validate_torsion.auth_comp_id 
_pdbx_validate_torsion.auth_asym_id 
_pdbx_validate_torsion.auth_seq_id 
_pdbx_validate_torsion.PDB_ins_code 
_pdbx_validate_torsion.label_alt_id 
_pdbx_validate_torsion.phi 
_pdbx_validate_torsion.psi 
1 1 TYR A 55 ? ? -153.87 -9.79 
2 1 LEU A 69 ? ? -113.19 58.80 
# 
loop_
_chem_comp_atom.comp_id 
_chem_comp_atom.atom_id 
_chem_comp_atom.type_symbol 
_chem_comp_atom.pdbx_aromatic_flag 
_chem_comp_atom.pdbx_stereo_config 
_chem_comp_atom.pdbx_ordinal 
ALA N    N N N 1   
ALA CA   C N S 2   
ALA C    C N N 3   
ALA O    O N N 4   
ALA CB   C N N 5   
ALA OXT  O N N 6   
ALA H    H N N 7   
ALA H2   H N N 8   
ALA HA   H N N 9   
ALA HB1  H N N 10  
ALA HB2  H N N 11  
ALA HB3  H N N 12  
ALA HXT  H N N 13  
ARG N    N N N 14  
ARG CA   C N S 15  
ARG C    C N N 16  
ARG O    O N N 17  
ARG CB   C N N 18  
ARG CG   C N N 19  
ARG CD   C N N 20  
ARG NE   N N N 21  
ARG CZ   C N N 22  
ARG NH1  N N N 23  
ARG NH2  N N N 24  
ARG OXT  O N N 25  
ARG H    H N N 26  
ARG H2   H N N 27  
ARG HA   H N N 28  
ARG HB2  H N N 29  
ARG HB3  H N N 30  
ARG HG2  H N N 31  
ARG HG3  H N N 32  
ARG HD2  H N N 33  
ARG HD3  H N N 34  
ARG HE   H N N 35  
ARG HH11 H N N 36  
ARG HH12 H N N 37  
ARG HH21 H N N 38  
ARG HH22 H N N 39  
ARG HXT  H N N 40  
ASN N    N N N 41  
ASN CA   C N S 42  
ASN C    C N N 43  
ASN O    O N N 44  
ASN CB   C N N 45  
ASN CG   C N N 46  
ASN OD1  O N N 47  
ASN ND2  N N N 48  
ASN OXT  O N N 49  
ASN H    H N N 50  
ASN H2   H N N 51  
ASN HA   H N N 52  
ASN HB2  H N N 53  
ASN HB3  H N N 54  
ASN HD21 H N N 55  
ASN HD22 H N N 56  
ASN HXT  H N N 57  
ASP N    N N N 58  
ASP CA   C N S 59  
ASP C    C N N 60  
ASP O    O N N 61  
ASP CB   C N N 62  
ASP CG   C N N 63  
ASP OD1  O N N 64  
ASP OD2  O N N 65  
ASP OXT  O N N 66  
ASP H    H N N 67  
ASP H2   H N N 68  
ASP HA   H N N 69  
ASP HB2  H N N 70  
ASP HB3  H N N 71  
ASP HD2  H N N 72  
ASP HXT  H N N 73  
CYS N    N N N 74  
CYS CA   C N R 75  
CYS C    C N N 76  
CYS O    O N N 77  
CYS CB   C N N 78  
CYS SG   S N N 79  
CYS OXT  O N N 80  
CYS H    H N N 81  
CYS H2   H N N 82  
CYS HA   H N N 83  
CYS HB2  H N N 84  
CYS HB3  H N N 85  
CYS HG   H N N 86  
CYS HXT  H N N 87  
GLN N    N N N 88  
GLN CA   C N S 89  
GLN C    C N N 90  
GLN O    O N N 91  
GLN CB   C N N 92  
GLN CG   C N N 93  
GLN CD   C N N 94  
GLN OE1  O N N 95  
GLN NE2  N N N 96  
GLN OXT  O N N 97  
GLN H    H N N 98  
GLN H2   H N N 99  
GLN HA   H N N 100 
GLN HB2  H N N 101 
GLN HB3  H N N 102 
GLN HG2  H N N 103 
GLN HG3  H N N 104 
GLN HE21 H N N 105 
GLN HE22 H N N 106 
GLN HXT  H N N 107 
GLU N    N N N 108 
GLU CA   C N S 109 
GLU C    C N N 110 
GLU O    O N N 111 
GLU CB   C N N 112 
GLU CG   C N N 113 
GLU CD   C N N 114 
GLU OE1  O N N 115 
GLU OE2  O N N 116 
GLU OXT  O N N 117 
GLU H    H N N 118 
GLU H2   H N N 119 
GLU HA   H N N 120 
GLU HB2  H N N 121 
GLU HB3  H N N 122 
GLU HG2  H N N 123 
GLU HG3  H N N 124 
GLU HE2  H N N 125 
GLU HXT  H N N 126 
GLY N    N N N 127 
GLY CA   C N N 128 
GLY C    C N N 129 
GLY O    O N N 130 
GLY OXT  O N N 131 
GLY H    H N N 132 
GLY H2   H N N 133 
GLY HA2  H N N 134 
GLY HA3  H N N 135 
GLY HXT  H N N 136 
HIS N    N N N 137 
HIS CA   C N S 138 
HIS C    C N N 139 
HIS O    O N N 140 
HIS CB   C N N 141 
HIS CG   C Y N 142 
HIS ND1  N Y N 143 
HIS CD2  C Y N 144 
HIS CE1  C Y N 145 
HIS NE2  N Y N 146 
HIS OXT  O N N 147 
HIS H    H N N 148 
HIS H2   H N N 149 
HIS HA   H N N 150 
HIS HB2  H N N 151 
HIS HB3  H N N 152 
HIS HD1  H N N 153 
HIS HD2  H N N 154 
HIS HE1  H N N 155 
HIS HE2  H N N 156 
HIS HXT  H N N 157 
HOH O    O N N 158 
HOH H1   H N N 159 
HOH H2   H N N 160 
ILE N    N N N 161 
ILE CA   C N S 162 
ILE C    C N N 163 
ILE O    O N N 164 
ILE CB   C N S 165 
ILE CG1  C N N 166 
ILE CG2  C N N 167 
ILE CD1  C N N 168 
ILE OXT  O N N 169 
ILE H    H N N 170 
ILE H2   H N N 171 
ILE HA   H N N 172 
ILE HB   H N N 173 
ILE HG12 H N N 174 
ILE HG13 H N N 175 
ILE HG21 H N N 176 
ILE HG22 H N N 177 
ILE HG23 H N N 178 
ILE HD11 H N N 179 
ILE HD12 H N N 180 
ILE HD13 H N N 181 
ILE HXT  H N N 182 
L6P CAA  C Y N 183 
L6P CAB  C Y N 184 
L6P CAC  C Y N 185 
L6P CAD  C Y N 186 
L6P CAE  C Y N 187 
L6P CAF  C Y N 188 
L6P CAG  C N N 189 
L6P CAI  C N N 190 
L6P CAJ  C N N 191 
L6P CAK  C N N 192 
L6P CAL  C N N 193 
L6P CAM  C N N 194 
L6P CAO  C N N 195 
L6P CAQ  C N N 196 
L6P CAR  C N N 197 
L6P CAS  C N N 198 
L6P CAT  C N N 199 
L6P CAU  C N N 200 
L6P CAV  C N N 201 
L6P NAH  N N N 202 
L6P NAN  N N N 203 
L6P OAP  O N N 204 
L6P OAW  O N N 205 
L6P OAX  O N N 206 
L6P H1   H N N 207 
L6P H2   H N N 208 
L6P H3   H N N 209 
L6P H4   H N N 210 
L6P H5   H N N 211 
L6P H6   H N N 212 
L6P H7   H N N 213 
L6P H8   H N N 214 
L6P H9   H N N 215 
L6P H10  H N N 216 
L6P H11  H N N 217 
L6P H12  H N N 218 
L6P H13  H N N 219 
L6P H14  H N N 220 
L6P H15  H N N 221 
L6P H16  H N N 222 
L6P H17  H N N 223 
L6P H18  H N N 224 
L6P H19  H N N 225 
L6P H20  H N N 226 
L6P H21  H N N 227 
L6P H22  H N N 228 
LEU N    N N N 229 
LEU CA   C N S 230 
LEU C    C N N 231 
LEU O    O N N 232 
LEU CB   C N N 233 
LEU CG   C N N 234 
LEU CD1  C N N 235 
LEU CD2  C N N 236 
LEU OXT  O N N 237 
LEU H    H N N 238 
LEU H2   H N N 239 
LEU HA   H N N 240 
LEU HB2  H N N 241 
LEU HB3  H N N 242 
LEU HG   H N N 243 
LEU HD11 H N N 244 
LEU HD12 H N N 245 
LEU HD13 H N N 246 
LEU HD21 H N N 247 
LEU HD22 H N N 248 
LEU HD23 H N N 249 
LEU HXT  H N N 250 
LYS N    N N N 251 
LYS CA   C N S 252 
LYS C    C N N 253 
LYS O    O N N 254 
LYS CB   C N N 255 
LYS CG   C N N 256 
LYS CD   C N N 257 
LYS CE   C N N 258 
LYS NZ   N N N 259 
LYS OXT  O N N 260 
LYS H    H N N 261 
LYS H2   H N N 262 
LYS HA   H N N 263 
LYS HB2  H N N 264 
LYS HB3  H N N 265 
LYS HG2  H N N 266 
LYS HG3  H N N 267 
LYS HD2  H N N 268 
LYS HD3  H N N 269 
LYS HE2  H N N 270 
LYS HE3  H N N 271 
LYS HZ1  H N N 272 
LYS HZ2  H N N 273 
LYS HZ3  H N N 274 
LYS HXT  H N N 275 
MET N    N N N 276 
MET CA   C N S 277 
MET C    C N N 278 
MET O    O N N 279 
MET CB   C N N 280 
MET CG   C N N 281 
MET SD   S N N 282 
MET CE   C N N 283 
MET OXT  O N N 284 
MET H    H N N 285 
MET H2   H N N 286 
MET HA   H N N 287 
MET HB2  H N N 288 
MET HB3  H N N 289 
MET HG2  H N N 290 
MET HG3  H N N 291 
MET HE1  H N N 292 
MET HE2  H N N 293 
MET HE3  H N N 294 
MET HXT  H N N 295 
PHE N    N N N 296 
PHE CA   C N S 297 
PHE C    C N N 298 
PHE O    O N N 299 
PHE CB   C N N 300 
PHE CG   C Y N 301 
PHE CD1  C Y N 302 
PHE CD2  C Y N 303 
PHE CE1  C Y N 304 
PHE CE2  C Y N 305 
PHE CZ   C Y N 306 
PHE OXT  O N N 307 
PHE H    H N N 308 
PHE H2   H N N 309 
PHE HA   H N N 310 
PHE HB2  H N N 311 
PHE HB3  H N N 312 
PHE HD1  H N N 313 
PHE HD2  H N N 314 
PHE HE1  H N N 315 
PHE HE2  H N N 316 
PHE HZ   H N N 317 
PHE HXT  H N N 318 
PRO N    N N N 319 
PRO CA   C N S 320 
PRO C    C N N 321 
PRO O    O N N 322 
PRO CB   C N N 323 
PRO CG   C N N 324 
PRO CD   C N N 325 
PRO OXT  O N N 326 
PRO H    H N N 327 
PRO HA   H N N 328 
PRO HB2  H N N 329 
PRO HB3  H N N 330 
PRO HG2  H N N 331 
PRO HG3  H N N 332 
PRO HD2  H N N 333 
PRO HD3  H N N 334 
PRO HXT  H N N 335 
SER N    N N N 336 
SER CA   C N S 337 
SER C    C N N 338 
SER O    O N N 339 
SER CB   C N N 340 
SER OG   O N N 341 
SER OXT  O N N 342 
SER H    H N N 343 
SER H2   H N N 344 
SER HA   H N N 345 
SER HB2  H N N 346 
SER HB3  H N N 347 
SER HG   H N N 348 
SER HXT  H N N 349 
THR N    N N N 350 
THR CA   C N S 351 
THR C    C N N 352 
THR O    O N N 353 
THR CB   C N R 354 
THR OG1  O N N 355 
THR CG2  C N N 356 
THR OXT  O N N 357 
THR H    H N N 358 
THR H2   H N N 359 
THR HA   H N N 360 
THR HB   H N N 361 
THR HG1  H N N 362 
THR HG21 H N N 363 
THR HG22 H N N 364 
THR HG23 H N N 365 
THR HXT  H N N 366 
TRP N    N N N 367 
TRP CA   C N S 368 
TRP C    C N N 369 
TRP O    O N N 370 
TRP CB   C N N 371 
TRP CG   C Y N 372 
TRP CD1  C Y N 373 
TRP CD2  C Y N 374 
TRP NE1  N Y N 375 
TRP CE2  C Y N 376 
TRP CE3  C Y N 377 
TRP CZ2  C Y N 378 
TRP CZ3  C Y N 379 
TRP CH2  C Y N 380 
TRP OXT  O N N 381 
TRP H    H N N 382 
TRP H2   H N N 383 
TRP HA   H N N 384 
TRP HB2  H N N 385 
TRP HB3  H N N 386 
TRP HD1  H N N 387 
TRP HE1  H N N 388 
TRP HE3  H N N 389 
TRP HZ2  H N N 390 
TRP HZ3  H N N 391 
TRP HH2  H N N 392 
TRP HXT  H N N 393 
TYR N    N N N 394 
TYR CA   C N S 395 
TYR C    C N N 396 
TYR O    O N N 397 
TYR CB   C N N 398 
TYR CG   C Y N 399 
TYR CD1  C Y N 400 
TYR CD2  C Y N 401 
TYR CE1  C Y N 402 
TYR CE2  C Y N 403 
TYR CZ   C Y N 404 
TYR OH   O N N 405 
TYR OXT  O N N 406 
TYR H    H N N 407 
TYR H2   H N N 408 
TYR HA   H N N 409 
TYR HB2  H N N 410 
TYR HB3  H N N 411 
TYR HD1  H N N 412 
TYR HD2  H N N 413 
TYR HE1  H N N 414 
TYR HE2  H N N 415 
TYR HH   H N N 416 
TYR HXT  H N N 417 
VAL N    N N N 418 
VAL CA   C N S 419 
VAL C    C N N 420 
VAL O    O N N 421 
VAL CB   C N N 422 
VAL CG1  C N N 423 
VAL CG2  C N N 424 
VAL OXT  O N N 425 
VAL H    H N N 426 
VAL H2   H N N 427 
VAL HA   H N N 428 
VAL HB   H N N 429 
VAL HG11 H N N 430 
VAL HG12 H N N 431 
VAL HG13 H N N 432 
VAL HG21 H N N 433 
VAL HG22 H N N 434 
VAL HG23 H N N 435 
VAL HXT  H N N 436 
# 
loop_
_chem_comp_bond.comp_id 
_chem_comp_bond.atom_id_1 
_chem_comp_bond.atom_id_2 
_chem_comp_bond.value_order 
_chem_comp_bond.pdbx_aromatic_flag 
_chem_comp_bond.pdbx_stereo_config 
_chem_comp_bond.pdbx_ordinal 
ALA N   CA   sing N N 1   
ALA N   H    sing N N 2   
ALA N   H2   sing N N 3   
ALA CA  C    sing N N 4   
ALA CA  CB   sing N N 5   
ALA CA  HA   sing N N 6   
ALA C   O    doub N N 7   
ALA C   OXT  sing N N 8   
ALA CB  HB1  sing N N 9   
ALA CB  HB2  sing N N 10  
ALA CB  HB3  sing N N 11  
ALA OXT HXT  sing N N 12  
ARG N   CA   sing N N 13  
ARG N   H    sing N N 14  
ARG N   H2   sing N N 15  
ARG CA  C    sing N N 16  
ARG CA  CB   sing N N 17  
ARG CA  HA   sing N N 18  
ARG C   O    doub N N 19  
ARG C   OXT  sing N N 20  
ARG CB  CG   sing N N 21  
ARG CB  HB2  sing N N 22  
ARG CB  HB3  sing N N 23  
ARG CG  CD   sing N N 24  
ARG CG  HG2  sing N N 25  
ARG CG  HG3  sing N N 26  
ARG CD  NE   sing N N 27  
ARG CD  HD2  sing N N 28  
ARG CD  HD3  sing N N 29  
ARG NE  CZ   sing N N 30  
ARG NE  HE   sing N N 31  
ARG CZ  NH1  sing N N 32  
ARG CZ  NH2  doub N N 33  
ARG NH1 HH11 sing N N 34  
ARG NH1 HH12 sing N N 35  
ARG NH2 HH21 sing N N 36  
ARG NH2 HH22 sing N N 37  
ARG OXT HXT  sing N N 38  
ASN N   CA   sing N N 39  
ASN N   H    sing N N 40  
ASN N   H2   sing N N 41  
ASN CA  C    sing N N 42  
ASN CA  CB   sing N N 43  
ASN CA  HA   sing N N 44  
ASN C   O    doub N N 45  
ASN C   OXT  sing N N 46  
ASN CB  CG   sing N N 47  
ASN CB  HB2  sing N N 48  
ASN CB  HB3  sing N N 49  
ASN CG  OD1  doub N N 50  
ASN CG  ND2  sing N N 51  
ASN ND2 HD21 sing N N 52  
ASN ND2 HD22 sing N N 53  
ASN OXT HXT  sing N N 54  
ASP N   CA   sing N N 55  
ASP N   H    sing N N 56  
ASP N   H2   sing N N 57  
ASP CA  C    sing N N 58  
ASP CA  CB   sing N N 59  
ASP CA  HA   sing N N 60  
ASP C   O    doub N N 61  
ASP C   OXT  sing N N 62  
ASP CB  CG   sing N N 63  
ASP CB  HB2  sing N N 64  
ASP CB  HB3  sing N N 65  
ASP CG  OD1  doub N N 66  
ASP CG  OD2  sing N N 67  
ASP OD2 HD2  sing N N 68  
ASP OXT HXT  sing N N 69  
CYS N   CA   sing N N 70  
CYS N   H    sing N N 71  
CYS N   H2   sing N N 72  
CYS CA  C    sing N N 73  
CYS CA  CB   sing N N 74  
CYS CA  HA   sing N N 75  
CYS C   O    doub N N 76  
CYS C   OXT  sing N N 77  
CYS CB  SG   sing N N 78  
CYS CB  HB2  sing N N 79  
CYS CB  HB3  sing N N 80  
CYS SG  HG   sing N N 81  
CYS OXT HXT  sing N N 82  
GLN N   CA   sing N N 83  
GLN N   H    sing N N 84  
GLN N   H2   sing N N 85  
GLN CA  C    sing N N 86  
GLN CA  CB   sing N N 87  
GLN CA  HA   sing N N 88  
GLN C   O    doub N N 89  
GLN C   OXT  sing N N 90  
GLN CB  CG   sing N N 91  
GLN CB  HB2  sing N N 92  
GLN CB  HB3  sing N N 93  
GLN CG  CD   sing N N 94  
GLN CG  HG2  sing N N 95  
GLN CG  HG3  sing N N 96  
GLN CD  OE1  doub N N 97  
GLN CD  NE2  sing N N 98  
GLN NE2 HE21 sing N N 99  
GLN NE2 HE22 sing N N 100 
GLN OXT HXT  sing N N 101 
GLU N   CA   sing N N 102 
GLU N   H    sing N N 103 
GLU N   H2   sing N N 104 
GLU CA  C    sing N N 105 
GLU CA  CB   sing N N 106 
GLU CA  HA   sing N N 107 
GLU C   O    doub N N 108 
GLU C   OXT  sing N N 109 
GLU CB  CG   sing N N 110 
GLU CB  HB2  sing N N 111 
GLU CB  HB3  sing N N 112 
GLU CG  CD   sing N N 113 
GLU CG  HG2  sing N N 114 
GLU CG  HG3  sing N N 115 
GLU CD  OE1  doub N N 116 
GLU CD  OE2  sing N N 117 
GLU OE2 HE2  sing N N 118 
GLU OXT HXT  sing N N 119 
GLY N   CA   sing N N 120 
GLY N   H    sing N N 121 
GLY N   H2   sing N N 122 
GLY CA  C    sing N N 123 
GLY CA  HA2  sing N N 124 
GLY CA  HA3  sing N N 125 
GLY C   O    doub N N 126 
GLY C   OXT  sing N N 127 
GLY OXT HXT  sing N N 128 
HIS N   CA   sing N N 129 
HIS N   H    sing N N 130 
HIS N   H2   sing N N 131 
HIS CA  C    sing N N 132 
HIS CA  CB   sing N N 133 
HIS CA  HA   sing N N 134 
HIS C   O    doub N N 135 
HIS C   OXT  sing N N 136 
HIS CB  CG   sing N N 137 
HIS CB  HB2  sing N N 138 
HIS CB  HB3  sing N N 139 
HIS CG  ND1  sing Y N 140 
HIS CG  CD2  doub Y N 141 
HIS ND1 CE1  doub Y N 142 
HIS ND1 HD1  sing N N 143 
HIS CD2 NE2  sing Y N 144 
HIS CD2 HD2  sing N N 145 
HIS CE1 NE2  sing Y N 146 
HIS CE1 HE1  sing N N 147 
HIS NE2 HE2  sing N N 148 
HIS OXT HXT  sing N N 149 
HOH O   H1   sing N N 150 
HOH O   H2   sing N N 151 
ILE N   CA   sing N N 152 
ILE N   H    sing N N 153 
ILE N   H2   sing N N 154 
ILE CA  C    sing N N 155 
ILE CA  CB   sing N N 156 
ILE CA  HA   sing N N 157 
ILE C   O    doub N N 158 
ILE C   OXT  sing N N 159 
ILE CB  CG1  sing N N 160 
ILE CB  CG2  sing N N 161 
ILE CB  HB   sing N N 162 
ILE CG1 CD1  sing N N 163 
ILE CG1 HG12 sing N N 164 
ILE CG1 HG13 sing N N 165 
ILE CG2 HG21 sing N N 166 
ILE CG2 HG22 sing N N 167 
ILE CG2 HG23 sing N N 168 
ILE CD1 HD11 sing N N 169 
ILE CD1 HD12 sing N N 170 
ILE CD1 HD13 sing N N 171 
ILE OXT HXT  sing N N 172 
L6P CAJ CAI  sing N N 173 
L6P CAJ CAK  sing N N 174 
L6P OAW CAV  doub N N 175 
L6P CAI CAK  sing N N 176 
L6P CAI CAA  sing N N 177 
L6P CAF CAA  doub Y N 178 
L6P CAF CAE  sing Y N 179 
L6P CAL CAE  sing N N 180 
L6P CAL CAM  sing N N 181 
L6P CAA CAB  sing Y N 182 
L6P CAV OAX  sing N N 183 
L6P CAV CAO  sing N N 184 
L6P CAE CAD  doub Y N 185 
L6P CAM NAN  sing N N 186 
L6P CAM OAP  doub N N 187 
L6P NAN CAO  sing N N 188 
L6P CAT CAO  sing N N 189 
L6P CAT CAU  sing N N 190 
L6P CAO CAS  sing N N 191 
L6P CAB CAG  sing N N 192 
L6P CAB CAC  doub Y N 193 
L6P CAD CAC  sing Y N 194 
L6P CAU CAQ  sing N N 195 
L6P CAG NAH  trip N N 196 
L6P CAS CAR  sing N N 197 
L6P CAQ CAR  sing N N 198 
L6P CAC H1   sing N N 199 
L6P CAD H2   sing N N 200 
L6P CAF H3   sing N N 201 
L6P CAI H4   sing N N 202 
L6P CAJ H5   sing N N 203 
L6P CAJ H6   sing N N 204 
L6P CAK H7   sing N N 205 
L6P CAK H8   sing N N 206 
L6P CAL H9   sing N N 207 
L6P CAL H10  sing N N 208 
L6P CAQ H11  sing N N 209 
L6P CAQ H12  sing N N 210 
L6P CAR H13  sing N N 211 
L6P CAR H14  sing N N 212 
L6P CAS H15  sing N N 213 
L6P CAS H16  sing N N 214 
L6P CAT H17  sing N N 215 
L6P CAT H18  sing N N 216 
L6P CAU H19  sing N N 217 
L6P CAU H20  sing N N 218 
L6P NAN H21  sing N N 219 
L6P OAX H22  sing N N 220 
LEU N   CA   sing N N 221 
LEU N   H    sing N N 222 
LEU N   H2   sing N N 223 
LEU CA  C    sing N N 224 
LEU CA  CB   sing N N 225 
LEU CA  HA   sing N N 226 
LEU C   O    doub N N 227 
LEU C   OXT  sing N N 228 
LEU CB  CG   sing N N 229 
LEU CB  HB2  sing N N 230 
LEU CB  HB3  sing N N 231 
LEU CG  CD1  sing N N 232 
LEU CG  CD2  sing N N 233 
LEU CG  HG   sing N N 234 
LEU CD1 HD11 sing N N 235 
LEU CD1 HD12 sing N N 236 
LEU CD1 HD13 sing N N 237 
LEU CD2 HD21 sing N N 238 
LEU CD2 HD22 sing N N 239 
LEU CD2 HD23 sing N N 240 
LEU OXT HXT  sing N N 241 
LYS N   CA   sing N N 242 
LYS N   H    sing N N 243 
LYS N   H2   sing N N 244 
LYS CA  C    sing N N 245 
LYS CA  CB   sing N N 246 
LYS CA  HA   sing N N 247 
LYS C   O    doub N N 248 
LYS C   OXT  sing N N 249 
LYS CB  CG   sing N N 250 
LYS CB  HB2  sing N N 251 
LYS CB  HB3  sing N N 252 
LYS CG  CD   sing N N 253 
LYS CG  HG2  sing N N 254 
LYS CG  HG3  sing N N 255 
LYS CD  CE   sing N N 256 
LYS CD  HD2  sing N N 257 
LYS CD  HD3  sing N N 258 
LYS CE  NZ   sing N N 259 
LYS CE  HE2  sing N N 260 
LYS CE  HE3  sing N N 261 
LYS NZ  HZ1  sing N N 262 
LYS NZ  HZ2  sing N N 263 
LYS NZ  HZ3  sing N N 264 
LYS OXT HXT  sing N N 265 
MET N   CA   sing N N 266 
MET N   H    sing N N 267 
MET N   H2   sing N N 268 
MET CA  C    sing N N 269 
MET CA  CB   sing N N 270 
MET CA  HA   sing N N 271 
MET C   O    doub N N 272 
MET C   OXT  sing N N 273 
MET CB  CG   sing N N 274 
MET CB  HB2  sing N N 275 
MET CB  HB3  sing N N 276 
MET CG  SD   sing N N 277 
MET CG  HG2  sing N N 278 
MET CG  HG3  sing N N 279 
MET SD  CE   sing N N 280 
MET CE  HE1  sing N N 281 
MET CE  HE2  sing N N 282 
MET CE  HE3  sing N N 283 
MET OXT HXT  sing N N 284 
PHE N   CA   sing N N 285 
PHE N   H    sing N N 286 
PHE N   H2   sing N N 287 
PHE CA  C    sing N N 288 
PHE CA  CB   sing N N 289 
PHE CA  HA   sing N N 290 
PHE C   O    doub N N 291 
PHE C   OXT  sing N N 292 
PHE CB  CG   sing N N 293 
PHE CB  HB2  sing N N 294 
PHE CB  HB3  sing N N 295 
PHE CG  CD1  doub Y N 296 
PHE CG  CD2  sing Y N 297 
PHE CD1 CE1  sing Y N 298 
PHE CD1 HD1  sing N N 299 
PHE CD2 CE2  doub Y N 300 
PHE CD2 HD2  sing N N 301 
PHE CE1 CZ   doub Y N 302 
PHE CE1 HE1  sing N N 303 
PHE CE2 CZ   sing Y N 304 
PHE CE2 HE2  sing N N 305 
PHE CZ  HZ   sing N N 306 
PHE OXT HXT  sing N N 307 
PRO N   CA   sing N N 308 
PRO N   CD   sing N N 309 
PRO N   H    sing N N 310 
PRO CA  C    sing N N 311 
PRO CA  CB   sing N N 312 
PRO CA  HA   sing N N 313 
PRO C   O    doub N N 314 
PRO C   OXT  sing N N 315 
PRO CB  CG   sing N N 316 
PRO CB  HB2  sing N N 317 
PRO CB  HB3  sing N N 318 
PRO CG  CD   sing N N 319 
PRO CG  HG2  sing N N 320 
PRO CG  HG3  sing N N 321 
PRO CD  HD2  sing N N 322 
PRO CD  HD3  sing N N 323 
PRO OXT HXT  sing N N 324 
SER N   CA   sing N N 325 
SER N   H    sing N N 326 
SER N   H2   sing N N 327 
SER CA  C    sing N N 328 
SER CA  CB   sing N N 329 
SER CA  HA   sing N N 330 
SER C   O    doub N N 331 
SER C   OXT  sing N N 332 
SER CB  OG   sing N N 333 
SER CB  HB2  sing N N 334 
SER CB  HB3  sing N N 335 
SER OG  HG   sing N N 336 
SER OXT HXT  sing N N 337 
THR N   CA   sing N N 338 
THR N   H    sing N N 339 
THR N   H2   sing N N 340 
THR CA  C    sing N N 341 
THR CA  CB   sing N N 342 
THR CA  HA   sing N N 343 
THR C   O    doub N N 344 
THR C   OXT  sing N N 345 
THR CB  OG1  sing N N 346 
THR CB  CG2  sing N N 347 
THR CB  HB   sing N N 348 
THR OG1 HG1  sing N N 349 
THR CG2 HG21 sing N N 350 
THR CG2 HG22 sing N N 351 
THR CG2 HG23 sing N N 352 
THR OXT HXT  sing N N 353 
TRP N   CA   sing N N 354 
TRP N   H    sing N N 355 
TRP N   H2   sing N N 356 
TRP CA  C    sing N N 357 
TRP CA  CB   sing N N 358 
TRP CA  HA   sing N N 359 
TRP C   O    doub N N 360 
TRP C   OXT  sing N N 361 
TRP CB  CG   sing N N 362 
TRP CB  HB2  sing N N 363 
TRP CB  HB3  sing N N 364 
TRP CG  CD1  doub Y N 365 
TRP CG  CD2  sing Y N 366 
TRP CD1 NE1  sing Y N 367 
TRP CD1 HD1  sing N N 368 
TRP CD2 CE2  doub Y N 369 
TRP CD2 CE3  sing Y N 370 
TRP NE1 CE2  sing Y N 371 
TRP NE1 HE1  sing N N 372 
TRP CE2 CZ2  sing Y N 373 
TRP CE3 CZ3  doub Y N 374 
TRP CE3 HE3  sing N N 375 
TRP CZ2 CH2  doub Y N 376 
TRP CZ2 HZ2  sing N N 377 
TRP CZ3 CH2  sing Y N 378 
TRP CZ3 HZ3  sing N N 379 
TRP CH2 HH2  sing N N 380 
TRP OXT HXT  sing N N 381 
TYR N   CA   sing N N 382 
TYR N   H    sing N N 383 
TYR N   H2   sing N N 384 
TYR CA  C    sing N N 385 
TYR CA  CB   sing N N 386 
TYR CA  HA   sing N N 387 
TYR C   O    doub N N 388 
TYR C   OXT  sing N N 389 
TYR CB  CG   sing N N 390 
TYR CB  HB2  sing N N 391 
TYR CB  HB3  sing N N 392 
TYR CG  CD1  doub Y N 393 
TYR CG  CD2  sing Y N 394 
TYR CD1 CE1  sing Y N 395 
TYR CD1 HD1  sing N N 396 
TYR CD2 CE2  doub Y N 397 
TYR CD2 HD2  sing N N 398 
TYR CE1 CZ   doub Y N 399 
TYR CE1 HE1  sing N N 400 
TYR CE2 CZ   sing Y N 401 
TYR CE2 HE2  sing N N 402 
TYR CZ  OH   sing N N 403 
TYR OH  HH   sing N N 404 
TYR OXT HXT  sing N N 405 
VAL N   CA   sing N N 406 
VAL N   H    sing N N 407 
VAL N   H2   sing N N 408 
VAL CA  C    sing N N 409 
VAL CA  CB   sing N N 410 
VAL CA  HA   sing N N 411 
VAL C   O    doub N N 412 
VAL C   OXT  sing N N 413 
VAL CB  CG1  sing N N 414 
VAL CB  CG2  sing N N 415 
VAL CB  HB   sing N N 416 
VAL CG1 HG11 sing N N 417 
VAL CG1 HG12 sing N N 418 
VAL CG1 HG13 sing N N 419 
VAL CG2 HG21 sing N N 420 
VAL CG2 HG22 sing N N 421 
VAL CG2 HG23 sing N N 422 
VAL OXT HXT  sing N N 423 
# 
loop_
_pdbx_audit_support.funding_organization 
_pdbx_audit_support.country 
_pdbx_audit_support.grant_number 
_pdbx_audit_support.ordinal 
'National Science Foundation (NSF, United States)' 'United States' 12581750 1 
'National Science Foundation (NSF, United States)' 'United States' 165689   2 
# 
loop_
_pdbx_entity_nonpoly.entity_id 
_pdbx_entity_nonpoly.name 
_pdbx_entity_nonpoly.comp_id 
2 '1-{[(4-cyano-3-cyclopropylphenyl)acetyl]amino}cyclohexane-1-carboxylic acid' L6P 
3 water                                                                         HOH 
# 
_pdbx_initial_refinement_model.id               1 
_pdbx_initial_refinement_model.entity_id_list   ? 
_pdbx_initial_refinement_model.type             'experimental model' 
_pdbx_initial_refinement_model.source_name      PDB 
_pdbx_initial_refinement_model.accession_code   6NWB 
_pdbx_initial_refinement_model.details          ? 
# 
_pdbx_struct_assembly_auth_evidence.id                     1 
_pdbx_struct_assembly_auth_evidence.assembly_id            1 
_pdbx_struct_assembly_auth_evidence.experimental_support   'gel filtration' 
_pdbx_struct_assembly_auth_evidence.details                ? 
# 
